data_1SQV
#
_entry.id   1SQV
#
_cell.length_a   153.672
_cell.length_b   153.672
_cell.length_c   589.219
_cell.angle_alpha   90.00
_cell.angle_beta   90.00
_cell.angle_gamma   90.00
#
_symmetry.space_group_name_H-M   'I 41 2 2'
#
loop_
_entity.id
_entity.type
_entity.pdbx_description
1 polymer 'Ubiquinol-cytochrome c reductase complex core protein I, mitochondrial'
2 polymer 'Ubiquinol-cytochrome c reductase complex core protein 2, mitochondrial'
3 polymer 'Cytochrome b'
4 polymer 'Cytochrome c1, heme protein, mitochondrial'
5 polymer 'Ubiquinol-cytochrome c reductase iron-sulfur subunit'
6 polymer 'Ubiquinol-cytochrome C reductase complex 14 kDa protein'
7 polymer 'Ubiquinol-cytochrome C reductase complex ubiquinone-binding protein QP-C'
8 polymer 'Ubiquinol-cytochrome C reductase complex 11 kDa protein'
9 polymer 'Ubiquinol-cytochrome C reductase complex 8 kDa protein'
10 polymer 'Ubiquinol-cytochrome C reductase complex 7.2 kDa protein'
11 polymer 'Ubiquinol-cytochrome C reductase complex 6.4 kDa protein'
12 non-polymer 'HEME C'
13 non-polymer 6-HYDROXY-5-UNDECYL-1,3-BENZOTHIAZOLE-4,7-DIONE
14 non-polymer UBIQUINONE-2
15 non-polymer 'FE2/S2 (INORGANIC) CLUSTER'
16 water water
#
loop_
_entity_poly.entity_id
_entity_poly.type
_entity_poly.pdbx_seq_one_letter_code
_entity_poly.pdbx_strand_id
1 'polypeptide(L)'
;TATYAQALQSVPETQVSQLDNGLRVASEQSSQPTCTVGVWIDAGSRYESEKNNGAGYFVEHLAFKGTKNRPGNALEKEVE
SMGAHLNAYSTREHTAYYIKALSKDLPKAVELLADIVQNCSLEDSQIEKERDVILQELQENDTSMRDVVFNYLHATAFQG
TPLAQSVEGPSENVRKLSRADLTEYLSRHYKAPRMVLAAAGGLEHRQLLDLAQKHFSGLSGTYDEDAVPTLSPCRFTGSQ
ICHREDGLPLAHVAIAVEGPGWAHPDNVALQVANAIIGHYDCTYGGGAHLSSPLASIAATNKLCQSFQTFNICYADTGLL
GAHFVCDHMSIDDMMFVLQGQWMRLCTSATESEVLRGKNLLRNALVSHLDGTTPVCEDIGRSLLTYGRRIPLAEWESRIA
EVDARVVREVCSKYFYDQCPAVAGFGPIEQLPDYNRIRSGMFWLRF
;
A
2 'polypeptide(L)'
;SLKVAPKVKATEAPAGVPPHPQDLEFTRLPNGLVIASLENYAPASRIGLFIKAGSRYENSNNLGTSHLLRLASSLTTKGA
SSFKITRGIEAVGGKLSVTSTRENMAYTVECLRDDVDILMEFLLNVTTAPEFRRWEVAALQPQLRIDKAVALQNPQAHVI
ENLHAAAYRNALANSLYCPDYRIGKVTPVELHDYVQNHFTSARMALIGLGVSHPVLKQVAEQFLNIRGGLGLSGAKAKYH
GGEIREQNGDSLVHAALVAESAAIGSAEANAFSVLQHVLGAGPHVKRGSNATSSLYQAVAKGVHQPFDVSAFNASYSDSG
LFGFYTISQAASAGDVIKAAYNQVKTIAQGNLSNPDVQAAKNKLKAGYLMSVESSEGFLDEVGSQALAAGSYTPPSTVLQ
QIDAVADADVINAAKKFVSGRKSMAASGNLGHTPFIDEL
;
B
3 'polypeptide(L)'
;MTNIRKSHPLMKIVNNAFIDLPAPSNISSWWNFGSLLGICLILQILTGLFLAMHYTSDTTTAFSSVTHICRDVNYGWIIR
YMHANGASMFFICLYMHVGRGLYYGSYTFLETWNIGVILLLTVMATAFMGYVLPWGQMSFWGATVITNLLSAIPYIGTNL
VEWIWGGFSVDKATLTRFFAFHFILPFIIMAIAMVHLLFLHETGSNNPTGISSDVDKIPFHPYYTIKDILGALLLILALM
LLVLFAPDLLGDPDNYTPANPLNTPPHIKPEWYFLFAYAILRSIPNKLGGVLALAFSILILALIPLLHTSKQRSMMFRPL
SQCLFWALVADLLTLTWIGGQPVEHPYITIGQLASVLYFLLILVLMPTAGTIENKLLKW
;
C
4 'polypeptide(L)'
;SDLELHPPSYPWSHRGLLSSLDHTSIRRGFQVYKQVCSSCHSMDYVAYRHLVGVCYTEDEAKALAEEVEVQDGPNEDGEM
FMRPGKLSDYFPKPYPNPEAARAANNGALPPDLSYIVRARHGGEDYVFSLLTGYCEPPTGVSLREGLYFNPYFPGQAIGM
APPIYNEVLEFDDGTPATMSQVAKDVCTFLRWAAEPEHDHRKRMGLKMLLMMGLLLPLVYAMKRHKWSVLKSRKLAYRPP
K
;
D
5 'polypeptide(L)'
;SHTDIKVPDFSDYRRPEVLDSTKSSKESSEARKGFSYLVTATTTVGVAYAAKNVVSQFVSSMSASADVLAMSKIEIKLSD
IPEGKNMAFKWRGKPLFVRHRTKKEIDQEAAVEVSQLRDPQHDLERVKKPEWVILIGVCTHLGCVPIANAGDFGGYYCPC
HGSHYDASGRIRKGPAPLNLEVPSYEFTSDDMVIVG
;
E
6 'polypeptide(L)'
;AGRPAVSASSRWLEGIRKWYYNAAGFNKLGLMRDDTIHENDDVKEAIRRLPENLYDDRVFRIKRALDLSMRQQILPKEQW
TKYEEDKSYLEPYLKEVIRERKEREEWAKK
;
F
7 'polypeptide(L)'
;GRQFGHLTRVRHVITYSLSPFEQRAFPHYFSKGIPNVLRRTRACILRVAPPFVAFYLVYTWGTQEFEKSKRKNPAAYEND
R
;
G
8 'polypeptide(L)' GDPKEEEEEEEELVDPLTTVREQCEQLEKCVKARERLELCDERVSSRSQTEEDCTEELLDFLHARDHCVAHKLFNSLK H
9 'polypeptide(L)' MLSVAARSGPFAPVLSATSRGVAGALRPLVQAAVPATSESPVLDLKRSVLCRESLRGQAAGRPLVASVSLNVPASVRY I
10 'polypeptide(L)' VAPTLTARLYSLLFRRTSTFALTIVVGALFFERAFDQGADAIYEHINEGKLWKHIKHKYENK J
11 'polypeptide(L)' MLTRFLGPRYRQLARNWVPTASLWGAVGAVGLVWATDWRLILDWVPYINGKFKKDD K
#
# COMPACT_ATOMS: atom_id res chain seq x y z
N THR A 1 47.58 32.02 -8.40
CA THR A 1 47.77 30.55 -8.65
C THR A 1 46.77 30.01 -9.68
N ALA A 2 46.97 28.75 -10.07
CA ALA A 2 46.10 28.03 -11.00
C ALA A 2 44.68 27.94 -10.47
N THR A 3 43.74 28.39 -11.31
CA THR A 3 42.31 28.07 -11.18
C THR A 3 42.14 26.57 -11.39
N TYR A 4 41.03 26.03 -10.89
CA TYR A 4 40.62 24.65 -11.16
C TYR A 4 40.37 24.37 -12.64
N ALA A 5 39.77 25.35 -13.34
CA ALA A 5 39.58 25.27 -14.77
C ALA A 5 40.91 25.02 -15.47
N GLN A 6 41.84 25.96 -15.34
CA GLN A 6 43.24 25.78 -15.76
C GLN A 6 43.78 24.39 -15.41
N ALA A 7 43.45 23.92 -14.21
CA ALA A 7 44.07 22.74 -13.63
C ALA A 7 43.63 21.44 -14.32
N LEU A 8 42.41 21.45 -14.85
CA LEU A 8 41.90 20.39 -15.72
C LEU A 8 42.56 20.29 -17.09
N GLN A 9 42.92 21.43 -17.69
CA GLN A 9 43.57 21.46 -18.99
C GLN A 9 44.96 20.84 -18.91
N SER A 10 45.62 21.03 -17.76
CA SER A 10 46.98 20.58 -17.51
C SER A 10 47.16 19.05 -17.58
N VAL A 11 46.09 18.32 -17.25
CA VAL A 11 46.09 16.85 -17.24
C VAL A 11 46.23 16.34 -18.67
N PRO A 12 47.22 15.49 -18.94
CA PRO A 12 47.63 15.15 -20.31
C PRO A 12 46.62 14.36 -21.18
N GLU A 13 46.77 14.49 -22.50
CA GLU A 13 46.22 13.59 -23.51
C GLU A 13 46.54 12.14 -23.17
N THR A 14 45.50 11.37 -22.87
CA THR A 14 45.51 9.92 -23.02
C THR A 14 45.79 9.57 -24.48
N GLN A 15 46.98 9.02 -24.70
CA GLN A 15 47.42 8.61 -26.04
C GLN A 15 46.90 7.21 -26.37
N VAL A 16 46.19 7.11 -27.49
CA VAL A 16 45.64 5.84 -28.01
C VAL A 16 46.33 5.46 -29.32
N SER A 17 46.71 4.19 -29.40
CA SER A 17 47.09 3.50 -30.64
C SER A 17 46.38 2.15 -30.80
N GLN A 18 46.18 1.74 -32.06
CA GLN A 18 45.64 0.44 -32.46
C GLN A 18 46.73 -0.45 -33.07
N LEU A 19 46.78 -1.71 -32.62
CA LEU A 19 47.67 -2.72 -33.18
C LEU A 19 47.08 -3.34 -34.45
N ASP A 20 47.90 -4.08 -35.20
CA ASP A 20 47.45 -4.78 -36.40
C ASP A 20 46.79 -6.11 -35.99
N ASN A 21 45.57 -6.03 -35.47
CA ASN A 21 45.10 -6.95 -34.42
C ASN A 21 43.63 -6.72 -34.09
N GLY A 22 43.30 -5.48 -33.77
CA GLY A 22 42.18 -5.16 -32.91
C GLY A 22 42.59 -4.57 -31.57
N LEU A 23 43.72 -5.03 -31.02
CA LEU A 23 44.20 -4.61 -29.70
C LEU A 23 44.53 -3.12 -29.69
N ARG A 24 43.79 -2.39 -28.87
CA ARG A 24 44.09 -0.99 -28.62
C ARG A 24 45.10 -0.91 -27.49
N VAL A 25 46.02 0.04 -27.62
CA VAL A 25 47.11 0.17 -26.66
C VAL A 25 47.26 1.61 -26.21
N ALA A 26 46.88 1.87 -24.96
CA ALA A 26 46.68 3.24 -24.47
C ALA A 26 47.35 3.59 -23.15
N SER A 27 47.71 4.88 -23.02
CA SER A 27 48.68 5.37 -22.05
C SER A 27 48.44 6.84 -21.67
N GLU A 28 48.62 7.12 -20.39
CA GLU A 28 48.77 8.49 -19.88
C GLU A 28 50.15 8.56 -19.23
N GLN A 29 51.03 9.34 -19.85
CA GLN A 29 52.34 9.65 -19.28
C GLN A 29 52.13 10.56 -18.07
N SER A 30 52.81 10.21 -16.97
CA SER A 30 53.04 11.15 -15.88
C SER A 30 54.46 10.99 -15.39
N SER A 31 54.87 11.86 -14.48
CA SER A 31 56.26 11.91 -14.01
C SER A 31 56.53 10.97 -12.81
N GLN A 32 55.56 10.09 -12.54
CA GLN A 32 55.67 9.00 -11.57
C GLN A 32 56.91 8.12 -11.76
N PRO A 33 57.39 7.45 -10.71
CA PRO A 33 58.50 6.50 -10.84
C PRO A 33 58.04 5.05 -10.78
N THR A 34 56.86 4.78 -11.34
CA THR A 34 55.98 3.69 -10.92
C THR A 34 54.77 3.68 -11.89
N CYS A 35 54.24 2.50 -12.21
CA CYS A 35 53.14 2.41 -13.16
C CYS A 35 52.11 1.33 -12.83
N THR A 36 50.92 1.45 -13.43
CA THR A 36 49.98 0.33 -13.57
C THR A 36 49.75 -0.01 -15.05
N VAL A 37 50.12 -1.22 -15.43
CA VAL A 37 49.81 -1.79 -16.75
C VAL A 37 48.84 -2.94 -16.59
N GLY A 38 48.02 -3.15 -17.62
CA GLY A 38 47.17 -4.31 -17.68
C GLY A 38 46.20 -4.38 -18.85
N VAL A 39 45.38 -5.43 -18.82
CA VAL A 39 44.56 -5.79 -19.96
C VAL A 39 43.10 -5.78 -19.53
N TRP A 40 42.35 -4.89 -20.17
CA TRP A 40 40.91 -4.89 -20.06
C TRP A 40 40.30 -5.66 -21.24
N ILE A 41 39.84 -6.88 -20.95
CA ILE A 41 39.03 -7.68 -21.87
C ILE A 41 37.55 -7.31 -21.77
N ASP A 42 36.92 -7.23 -22.93
CA ASP A 42 35.47 -7.18 -23.09
C ASP A 42 34.77 -8.55 -22.94
N ALA A 43 35.35 -9.43 -22.13
CA ALA A 43 34.66 -10.59 -21.56
C ALA A 43 33.99 -10.19 -20.26
N GLY A 44 32.88 -10.86 -19.95
CA GLY A 44 32.19 -10.73 -18.68
C GLY A 44 31.34 -11.97 -18.41
N SER A 45 30.07 -11.77 -18.07
CA SER A 45 29.14 -12.85 -17.74
C SER A 45 27.72 -12.67 -18.28
N ARG A 46 27.38 -11.42 -18.61
CA ARG A 46 26.47 -11.12 -19.72
C ARG A 46 26.83 -11.91 -20.99
N TYR A 47 28.13 -12.09 -21.22
CA TYR A 47 28.65 -12.83 -22.36
C TYR A 47 28.49 -14.35 -22.30
N GLU A 48 28.44 -14.92 -21.09
CA GLU A 48 28.22 -16.36 -20.92
C GLU A 48 26.75 -16.82 -21.03
N SER A 49 26.54 -18.13 -20.94
CA SER A 49 25.22 -18.74 -21.02
C SER A 49 25.00 -19.55 -19.76
N GLU A 50 23.82 -20.14 -19.62
CA GLU A 50 23.47 -20.89 -18.41
C GLU A 50 24.40 -22.07 -18.14
N LYS A 51 24.86 -22.73 -19.20
CA LYS A 51 25.79 -23.87 -19.07
C LYS A 51 27.21 -23.39 -18.86
N ASN A 52 27.60 -22.34 -19.59
CA ASN A 52 28.90 -21.68 -19.49
C ASN A 52 29.23 -21.16 -18.10
N ASN A 53 28.20 -20.63 -17.41
CA ASN A 53 28.29 -19.56 -16.42
C ASN A 53 29.29 -19.83 -15.29
N GLY A 54 30.02 -18.79 -14.91
CA GLY A 54 31.08 -18.89 -13.92
C GLY A 54 32.39 -19.40 -14.49
N ALA A 55 32.50 -19.40 -15.82
CA ALA A 55 33.74 -19.74 -16.52
C ALA A 55 34.84 -18.70 -16.30
N GLY A 56 34.54 -17.44 -16.61
CA GLY A 56 35.50 -16.34 -16.54
C GLY A 56 36.16 -16.23 -15.17
N TYR A 57 35.34 -16.40 -14.16
CA TYR A 57 35.74 -16.52 -12.76
C TYR A 57 36.69 -17.71 -12.49
N PHE A 58 36.36 -18.86 -13.08
CA PHE A 58 37.21 -20.05 -13.04
C PHE A 58 38.50 -19.79 -13.81
N VAL A 59 38.41 -19.02 -14.89
CA VAL A 59 39.61 -18.53 -15.60
C VAL A 59 40.46 -17.59 -14.74
N GLU A 60 39.84 -16.56 -14.16
CA GLU A 60 40.52 -15.65 -13.22
C GLU A 60 41.27 -16.41 -12.15
N HIS A 61 40.62 -17.46 -11.64
CA HIS A 61 41.21 -18.35 -10.66
C HIS A 61 42.39 -19.14 -11.20
N LEU A 62 42.38 -19.38 -12.51
CA LEU A 62 43.44 -20.15 -13.19
C LEU A 62 44.56 -19.30 -13.75
N ALA A 63 44.26 -18.00 -13.90
CA ALA A 63 44.99 -17.07 -14.76
C ALA A 63 46.43 -16.85 -14.32
N PHE A 64 46.66 -16.92 -13.01
CA PHE A 64 47.98 -16.69 -12.43
C PHE A 64 48.71 -17.96 -11.97
N LYS A 65 48.15 -19.12 -12.33
CA LYS A 65 48.62 -20.40 -11.81
C LYS A 65 49.45 -21.19 -12.85
N GLY A 66 49.90 -20.49 -13.88
CA GLY A 66 51.04 -20.93 -14.65
C GLY A 66 50.76 -21.14 -16.11
N THR A 67 51.67 -20.64 -16.94
CA THR A 67 51.50 -20.59 -18.38
C THR A 67 52.27 -21.71 -19.05
N LYS A 68 52.14 -21.79 -20.36
CA LYS A 68 52.97 -22.67 -21.18
C LYS A 68 54.46 -22.33 -21.03
N ASN A 69 54.78 -21.04 -20.97
CA ASN A 69 56.17 -20.59 -20.89
C ASN A 69 56.72 -20.51 -19.47
N ARG A 70 55.84 -20.26 -18.52
CA ARG A 70 56.20 -20.19 -17.12
C ARG A 70 55.27 -21.08 -16.31
N PRO A 71 55.74 -22.27 -15.93
CA PRO A 71 54.86 -23.32 -15.38
C PRO A 71 54.38 -22.98 -13.97
N GLY A 72 53.22 -23.53 -13.60
CA GLY A 72 52.56 -23.32 -12.33
C GLY A 72 53.04 -22.17 -11.44
N ASN A 73 53.98 -22.52 -10.57
CA ASN A 73 54.38 -21.70 -9.44
C ASN A 73 55.09 -20.40 -9.81
N ALA A 74 55.70 -20.36 -10.99
CA ALA A 74 56.85 -19.50 -11.27
C ALA A 74 56.55 -18.07 -11.70
N LEU A 75 55.34 -17.83 -12.20
CA LEU A 75 54.92 -16.48 -12.54
C LEU A 75 54.93 -15.58 -11.30
N GLU A 76 54.24 -16.07 -10.26
CA GLU A 76 54.28 -15.59 -8.88
C GLU A 76 55.69 -15.22 -8.48
N LYS A 77 56.58 -16.21 -8.55
CA LYS A 77 57.99 -16.04 -8.25
C LYS A 77 58.60 -14.80 -8.93
N GLU A 78 58.26 -14.58 -10.20
CA GLU A 78 58.84 -13.48 -10.98
C GLU A 78 58.27 -12.13 -10.58
N VAL A 79 56.96 -12.08 -10.39
CA VAL A 79 56.24 -10.86 -10.00
C VAL A 79 56.64 -10.39 -8.60
N GLU A 80 56.40 -11.24 -7.61
CA GLU A 80 56.89 -11.07 -6.25
C GLU A 80 58.36 -10.68 -6.18
N SER A 81 59.23 -11.44 -6.83
CA SER A 81 60.66 -11.17 -6.70
C SER A 81 61.18 -9.86 -7.30
N MET A 82 60.31 -9.20 -8.07
CA MET A 82 60.58 -7.86 -8.57
C MET A 82 59.74 -6.78 -7.90
N GLY A 83 59.12 -7.15 -6.77
CA GLY A 83 58.35 -6.24 -5.95
C GLY A 83 57.09 -5.68 -6.59
N ALA A 84 56.61 -6.33 -7.65
CA ALA A 84 55.39 -5.91 -8.35
C ALA A 84 54.12 -6.55 -7.76
N HIS A 85 52.97 -5.96 -8.05
CA HIS A 85 51.70 -6.48 -7.57
C HIS A 85 50.82 -6.96 -8.71
N LEU A 86 50.57 -8.26 -8.75
CA LEU A 86 49.69 -8.84 -9.75
C LEU A 86 48.26 -8.93 -9.22
N ASN A 87 47.28 -8.61 -10.05
CA ASN A 87 45.88 -8.54 -9.59
C ASN A 87 44.87 -8.72 -10.71
N ALA A 88 43.65 -9.13 -10.34
CA ALA A 88 42.55 -9.33 -11.28
C ALA A 88 41.15 -9.10 -10.70
N TYR A 89 40.23 -8.68 -11.57
CA TYR A 89 38.79 -8.78 -11.31
C TYR A 89 38.00 -9.05 -12.58
N SER A 90 36.84 -9.66 -12.39
CA SER A 90 35.82 -9.79 -13.43
C SER A 90 34.53 -9.19 -12.90
N THR A 91 33.79 -8.58 -13.82
CA THR A 91 32.45 -8.11 -13.57
C THR A 91 31.49 -8.80 -14.54
N ARG A 92 30.21 -8.45 -14.48
CA ARG A 92 29.23 -8.94 -15.45
C ARG A 92 29.55 -8.54 -16.90
N GLU A 93 30.59 -7.74 -17.13
CA GLU A 93 30.89 -7.19 -18.45
C GLU A 93 32.39 -7.07 -18.75
N HIS A 94 33.20 -7.10 -17.70
CA HIS A 94 34.60 -6.71 -17.82
C HIS A 94 35.48 -7.68 -17.06
N THR A 95 36.58 -8.07 -17.70
CA THR A 95 37.67 -8.76 -17.04
C THR A 95 38.97 -7.96 -17.16
N ALA A 96 39.72 -7.90 -16.05
CA ALA A 96 40.93 -7.11 -15.99
C ALA A 96 41.98 -7.82 -15.18
N TYR A 97 43.11 -8.04 -15.83
CA TYR A 97 44.37 -8.39 -15.18
C TYR A 97 45.31 -7.19 -15.26
N TYR A 98 45.87 -6.77 -14.12
CA TYR A 98 46.82 -5.64 -14.09
C TYR A 98 47.98 -5.84 -13.12
N ILE A 99 49.13 -5.25 -13.46
CA ILE A 99 50.28 -5.22 -12.56
C ILE A 99 50.61 -3.81 -12.10
N LYS A 100 50.70 -3.63 -10.79
CA LYS A 100 51.44 -2.51 -10.23
C LYS A 100 52.91 -2.89 -10.20
N ALA A 101 53.74 -2.10 -10.87
CA ALA A 101 55.19 -2.30 -10.84
C ALA A 101 55.95 -0.97 -10.81
N LEU A 102 57.25 -1.07 -10.50
CA LEU A 102 58.27 -0.13 -10.95
C LEU A 102 58.17 0.14 -12.45
N SER A 103 58.32 1.41 -12.81
CA SER A 103 58.27 1.89 -14.19
C SER A 103 59.34 1.27 -15.11
N LYS A 104 60.57 1.14 -14.59
CA LYS A 104 61.67 0.44 -15.25
C LYS A 104 61.39 -1.04 -15.52
N ASP A 105 60.30 -1.52 -14.95
CA ASP A 105 59.88 -2.91 -15.13
C ASP A 105 58.68 -3.10 -16.08
N LEU A 106 58.34 -2.04 -16.81
CA LEU A 106 57.23 -2.08 -17.77
C LEU A 106 57.44 -3.04 -18.96
N PRO A 107 58.67 -3.20 -19.46
CA PRO A 107 59.05 -4.37 -20.26
C PRO A 107 58.52 -5.74 -19.80
N LYS A 108 59.09 -6.31 -18.72
CA LYS A 108 58.70 -7.61 -18.19
C LYS A 108 57.28 -7.60 -17.62
N ALA A 109 56.77 -6.43 -17.26
CA ALA A 109 55.38 -6.27 -16.88
C ALA A 109 54.47 -6.64 -18.05
N VAL A 110 54.79 -6.08 -19.21
CA VAL A 110 54.01 -6.34 -20.41
C VAL A 110 54.22 -7.79 -20.84
N GLU A 111 55.50 -8.19 -20.98
CA GLU A 111 55.89 -9.59 -21.25
C GLU A 111 55.05 -10.61 -20.46
N LEU A 112 54.87 -10.35 -19.18
CA LEU A 112 54.08 -11.21 -18.32
C LEU A 112 52.60 -11.19 -18.66
N LEU A 113 52.02 -9.99 -18.76
CA LEU A 113 50.60 -9.84 -19.04
C LEU A 113 50.17 -10.53 -20.34
N ALA A 114 51.08 -10.50 -21.30
CA ALA A 114 50.95 -11.16 -22.61
C ALA A 114 50.86 -12.67 -22.48
N ASP A 115 51.86 -13.22 -21.79
CA ASP A 115 51.96 -14.63 -21.45
C ASP A 115 50.73 -15.12 -20.70
N ILE A 116 50.19 -14.26 -19.82
CA ILE A 116 49.03 -14.59 -19.00
C ILE A 116 47.79 -14.70 -19.88
N VAL A 117 47.58 -13.67 -20.70
CA VAL A 117 46.35 -13.46 -21.46
C VAL A 117 46.23 -14.33 -22.72
N GLN A 118 47.33 -14.93 -23.14
CA GLN A 118 47.30 -15.92 -24.22
C GLN A 118 47.56 -17.33 -23.67
N ASN A 119 48.77 -17.53 -23.14
CA ASN A 119 49.37 -18.84 -22.92
C ASN A 119 49.03 -19.49 -21.57
N CYS A 120 47.78 -19.36 -21.13
CA CYS A 120 47.36 -19.92 -19.87
C CYS A 120 47.35 -21.45 -19.89
N SER A 121 48.36 -22.06 -19.25
CA SER A 121 48.47 -23.52 -19.17
C SER A 121 47.51 -24.09 -18.12
N LEU A 122 46.30 -24.45 -18.55
CA LEU A 122 45.19 -24.66 -17.63
C LEU A 122 45.24 -26.07 -17.04
N GLU A 123 46.32 -26.37 -16.30
CA GLU A 123 46.68 -27.75 -15.96
C GLU A 123 45.60 -28.45 -15.15
N ASP A 124 45.33 -29.70 -15.51
CA ASP A 124 44.13 -30.43 -15.07
C ASP A 124 44.04 -30.54 -13.54
N SER A 125 45.11 -31.07 -12.94
CA SER A 125 45.58 -30.77 -11.59
C SER A 125 45.03 -29.49 -10.94
N GLN A 126 45.23 -28.36 -11.61
CA GLN A 126 44.82 -27.06 -11.09
C GLN A 126 43.33 -26.80 -11.22
N ILE A 127 42.72 -27.10 -12.37
CA ILE A 127 41.28 -26.83 -12.53
C ILE A 127 40.48 -27.59 -11.47
N GLU A 128 41.06 -28.71 -11.05
CA GLU A 128 40.52 -29.53 -9.99
C GLU A 128 40.69 -28.89 -8.63
N LYS A 129 41.92 -28.46 -8.35
CA LYS A 129 42.26 -27.72 -7.13
C LYS A 129 41.32 -26.52 -6.95
N GLU A 130 41.23 -25.73 -8.02
CA GLU A 130 40.46 -24.50 -8.09
C GLU A 130 38.97 -24.66 -7.79
N ARG A 131 38.40 -25.80 -8.16
CA ARG A 131 36.98 -26.01 -7.92
C ARG A 131 36.56 -26.02 -6.45
N ASP A 132 37.41 -26.58 -5.59
CA ASP A 132 37.18 -26.52 -4.14
C ASP A 132 37.29 -25.11 -3.55
N VAL A 133 38.29 -24.35 -4.03
CA VAL A 133 38.56 -22.96 -3.66
C VAL A 133 37.38 -22.06 -4.03
N ILE A 134 36.92 -22.22 -5.28
CA ILE A 134 35.81 -21.44 -5.82
C ILE A 134 34.52 -21.79 -5.11
N LEU A 135 34.38 -23.03 -4.65
CA LEU A 135 33.20 -23.38 -3.85
C LEU A 135 33.21 -22.75 -2.48
N GLN A 136 34.41 -22.67 -1.87
CA GLN A 136 34.57 -22.09 -0.54
C GLN A 136 34.19 -20.63 -0.60
N GLU A 137 34.63 -19.96 -1.67
CA GLU A 137 34.32 -18.56 -1.92
C GLU A 137 32.82 -18.33 -1.96
N LEU A 138 32.11 -19.26 -2.59
CA LEU A 138 30.66 -19.24 -2.62
C LEU A 138 30.00 -19.33 -1.25
N GLN A 139 30.62 -20.12 -0.37
CA GLN A 139 30.14 -20.33 1.00
C GLN A 139 30.35 -19.11 1.87
N GLU A 140 31.50 -18.46 1.70
CA GLU A 140 31.80 -17.23 2.43
C GLU A 140 31.12 -16.00 1.85
N ASN A 141 30.92 -15.98 0.54
CA ASN A 141 30.18 -14.91 -0.12
C ASN A 141 28.72 -14.88 0.33
N ASP A 142 28.15 -16.05 0.66
CA ASP A 142 26.82 -16.18 1.26
C ASP A 142 26.63 -15.40 2.58
N THR A 143 27.73 -15.10 3.25
CA THR A 143 27.66 -14.29 4.46
C THR A 143 27.68 -12.79 4.27
N SER A 144 28.12 -12.30 3.12
CA SER A 144 28.05 -10.87 2.90
C SER A 144 26.65 -10.56 2.43
N MET A 145 25.82 -10.09 3.36
CA MET A 145 24.45 -9.68 3.05
C MET A 145 24.38 -8.68 1.91
N ARG A 146 25.38 -7.80 1.79
CA ARG A 146 25.38 -6.79 0.75
C ARG A 146 25.65 -7.41 -0.61
N ASP A 147 26.63 -8.32 -0.62
CA ASP A 147 27.00 -9.07 -1.82
C ASP A 147 25.82 -9.90 -2.33
N VAL A 148 25.12 -10.53 -1.38
CA VAL A 148 23.90 -11.25 -1.68
C VAL A 148 22.87 -10.35 -2.35
N VAL A 149 22.49 -9.22 -1.74
CA VAL A 149 21.29 -8.48 -2.14
C VAL A 149 21.46 -7.90 -3.54
N PHE A 150 22.68 -7.47 -3.84
CA PHE A 150 22.99 -7.02 -5.18
C PHE A 150 22.96 -8.13 -6.24
N ASN A 151 23.31 -9.35 -5.84
CA ASN A 151 23.09 -10.51 -6.69
C ASN A 151 21.62 -10.83 -6.90
N TYR A 152 20.82 -10.70 -5.85
CA TYR A 152 19.36 -10.83 -5.94
C TYR A 152 18.70 -9.73 -6.79
N LEU A 153 19.11 -8.49 -6.61
CA LEU A 153 18.53 -7.38 -7.35
C LEU A 153 18.81 -7.53 -8.85
N HIS A 154 20.03 -7.96 -9.16
CA HIS A 154 20.40 -8.39 -10.51
C HIS A 154 19.56 -9.56 -10.97
N ALA A 155 19.35 -10.53 -10.08
CA ALA A 155 18.61 -11.75 -10.41
C ALA A 155 17.14 -11.50 -10.70
N THR A 156 16.57 -10.44 -10.12
CA THR A 156 15.16 -10.17 -10.31
C THR A 156 14.88 -9.12 -11.38
N ALA A 157 15.72 -8.08 -11.43
CA ALA A 157 15.51 -6.98 -12.36
C ALA A 157 15.73 -7.49 -13.77
N PHE A 158 16.70 -8.37 -13.93
CA PHE A 158 17.13 -8.79 -15.25
C PHE A 158 16.66 -10.22 -15.56
N GLN A 159 16.10 -10.90 -14.57
CA GLN A 159 15.00 -11.87 -14.71
C GLN A 159 14.75 -12.25 -16.17
N GLY A 160 15.39 -13.34 -16.57
CA GLY A 160 15.33 -13.83 -17.94
C GLY A 160 16.63 -13.73 -18.71
N THR A 161 17.42 -12.70 -18.42
CA THR A 161 18.48 -12.27 -19.31
C THR A 161 19.83 -12.78 -18.76
N PRO A 162 20.90 -12.74 -19.57
CA PRO A 162 22.20 -13.16 -19.05
C PRO A 162 22.70 -12.26 -17.93
N LEU A 163 22.21 -11.01 -17.89
CA LEU A 163 22.59 -10.04 -16.87
C LEU A 163 22.10 -10.42 -15.50
N ALA A 164 21.01 -11.18 -15.43
CA ALA A 164 20.50 -11.74 -14.17
C ALA A 164 21.46 -12.68 -13.46
N GLN A 165 22.44 -13.21 -14.21
CA GLN A 165 23.43 -14.15 -13.68
C GLN A 165 24.46 -13.49 -12.76
N SER A 166 24.89 -14.26 -11.76
CA SER A 166 26.09 -14.00 -10.97
C SER A 166 27.39 -14.23 -11.74
N VAL A 167 28.48 -13.64 -11.27
CA VAL A 167 29.78 -13.63 -11.93
C VAL A 167 30.47 -14.97 -11.67
N GLU A 168 30.16 -15.55 -10.52
CA GLU A 168 30.69 -16.84 -10.08
C GLU A 168 29.88 -18.05 -10.61
N GLY A 169 28.63 -17.81 -10.98
CA GLY A 169 27.74 -18.87 -11.41
C GLY A 169 27.17 -19.70 -10.27
N PRO A 170 26.37 -20.73 -10.58
CA PRO A 170 25.74 -21.55 -9.54
C PRO A 170 26.71 -22.60 -9.04
N SER A 171 26.41 -23.23 -7.90
CA SER A 171 27.25 -24.27 -7.34
C SER A 171 27.55 -25.33 -8.39
N GLU A 172 26.50 -25.76 -9.11
CA GLU A 172 26.54 -26.96 -9.94
C GLU A 172 27.50 -26.83 -11.13
N ASN A 173 27.52 -25.65 -11.75
CA ASN A 173 28.41 -25.33 -12.86
C ASN A 173 29.88 -25.48 -12.47
N VAL A 174 30.24 -24.91 -11.33
CA VAL A 174 31.59 -24.94 -10.74
C VAL A 174 32.07 -26.38 -10.61
N ARG A 175 31.16 -27.27 -10.19
CA ARG A 175 31.54 -28.67 -10.03
C ARG A 175 31.60 -29.47 -11.31
N LYS A 176 30.85 -29.04 -12.34
CA LYS A 176 30.76 -29.78 -13.61
C LYS A 176 31.64 -29.25 -14.74
N LEU A 177 31.83 -27.93 -14.75
CA LEU A 177 32.67 -27.21 -15.73
C LEU A 177 34.02 -27.86 -16.02
N SER A 178 34.25 -28.25 -17.28
CA SER A 178 35.49 -28.92 -17.71
C SER A 178 36.55 -28.03 -18.38
N ARG A 179 37.75 -28.57 -18.59
CA ARG A 179 38.81 -27.85 -19.33
C ARG A 179 38.38 -27.43 -20.74
N ALA A 180 37.64 -28.30 -21.41
CA ALA A 180 37.07 -28.01 -22.73
C ALA A 180 36.22 -26.74 -22.70
N ASP A 181 35.23 -26.73 -21.79
CA ASP A 181 34.40 -25.56 -21.51
C ASP A 181 35.20 -24.27 -21.38
N LEU A 182 36.32 -24.36 -20.68
CA LEU A 182 37.15 -23.22 -20.30
C LEU A 182 37.93 -22.66 -21.48
N THR A 183 38.65 -23.52 -22.18
CA THR A 183 39.36 -23.17 -23.42
C THR A 183 38.46 -22.64 -24.54
N GLU A 184 37.29 -23.26 -24.70
CA GLU A 184 36.19 -22.72 -25.52
C GLU A 184 35.80 -21.28 -25.19
N TYR A 185 35.55 -20.98 -23.91
CA TYR A 185 35.33 -19.60 -23.45
C TYR A 185 36.54 -18.71 -23.74
N LEU A 186 37.72 -19.26 -23.49
CA LEU A 186 38.98 -18.55 -23.66
C LEU A 186 39.19 -18.16 -25.11
N SER A 187 38.93 -19.09 -26.02
CA SER A 187 39.19 -18.90 -27.44
C SER A 187 38.10 -18.09 -28.14
N ARG A 188 36.88 -18.13 -27.59
CA ARG A 188 35.80 -17.26 -28.04
C ARG A 188 36.10 -15.81 -27.70
N HIS A 189 36.51 -15.56 -26.45
CA HIS A 189 36.35 -14.25 -25.82
C HIS A 189 37.61 -13.42 -25.66
N TYR A 190 38.77 -14.08 -25.66
CA TYR A 190 40.05 -13.39 -25.45
C TYR A 190 40.69 -13.08 -26.78
N LYS A 191 39.97 -12.30 -27.59
CA LYS A 191 40.41 -11.86 -28.90
C LYS A 191 40.67 -10.36 -28.86
N ALA A 192 41.70 -9.95 -29.62
CA ALA A 192 42.28 -8.61 -29.60
C ALA A 192 41.35 -7.40 -29.76
N PRO A 193 40.37 -7.45 -30.68
CA PRO A 193 39.34 -6.40 -30.73
C PRO A 193 38.55 -6.21 -29.44
N ARG A 194 38.50 -7.24 -28.63
CA ARG A 194 37.77 -7.18 -27.38
C ARG A 194 38.71 -7.04 -26.16
N MET A 195 39.90 -6.47 -26.39
CA MET A 195 40.85 -6.15 -25.32
C MET A 195 41.82 -4.99 -25.52
N VAL A 196 42.04 -4.27 -24.43
CA VAL A 196 42.86 -3.05 -24.38
C VAL A 196 44.04 -3.22 -23.43
N LEU A 197 45.24 -3.04 -23.96
CA LEU A 197 46.41 -2.77 -23.13
C LEU A 197 46.38 -1.33 -22.64
N ALA A 198 46.26 -1.21 -21.32
CA ALA A 198 46.13 0.07 -20.65
C ALA A 198 47.29 0.25 -19.67
N ALA A 199 47.80 1.47 -19.62
CA ALA A 199 48.92 1.81 -18.76
C ALA A 199 48.79 3.24 -18.27
N ALA A 200 49.24 3.48 -17.04
CA ALA A 200 49.33 4.80 -16.45
C ALA A 200 50.57 4.85 -15.59
N GLY A 201 51.39 5.88 -15.84
CA GLY A 201 52.40 6.32 -14.89
C GLY A 201 53.64 6.89 -15.57
N GLY A 202 54.79 6.33 -15.24
CA GLY A 202 56.07 6.86 -15.67
C GLY A 202 56.60 6.22 -16.93
N LEU A 203 55.91 6.41 -18.05
CA LEU A 203 56.29 5.81 -19.33
C LEU A 203 55.92 6.67 -20.52
N GLU A 204 56.74 6.60 -21.56
CA GLU A 204 56.37 7.02 -22.91
C GLU A 204 55.43 6.00 -23.55
N HIS A 205 54.44 6.52 -24.29
CA HIS A 205 53.57 5.72 -25.16
C HIS A 205 54.30 4.85 -26.20
N ARG A 206 55.38 5.38 -26.76
CA ARG A 206 56.22 4.69 -27.75
C ARG A 206 56.70 3.32 -27.29
N GLN A 207 57.18 3.24 -26.04
CA GLN A 207 57.61 1.99 -25.43
C GLN A 207 56.45 1.01 -25.27
N LEU A 208 55.29 1.54 -24.88
CA LEU A 208 54.07 0.76 -24.68
C LEU A 208 53.61 0.08 -25.96
N LEU A 209 53.73 0.78 -27.09
CA LEU A 209 53.46 0.22 -28.41
C LEU A 209 54.46 -0.85 -28.82
N ASP A 210 55.74 -0.51 -28.72
CA ASP A 210 56.86 -1.43 -29.00
C ASP A 210 56.64 -2.77 -28.31
N LEU A 211 56.21 -2.69 -27.06
CA LEU A 211 55.92 -3.87 -26.23
C LEU A 211 54.59 -4.54 -26.56
N ALA A 212 53.61 -3.76 -27.02
CA ALA A 212 52.34 -4.30 -27.50
C ALA A 212 52.59 -5.18 -28.71
N GLN A 213 53.30 -4.63 -29.70
CA GLN A 213 53.66 -5.35 -30.93
C GLN A 213 54.52 -6.58 -30.66
N LYS A 214 55.42 -6.47 -29.68
CA LYS A 214 56.39 -7.52 -29.39
C LYS A 214 55.71 -8.77 -28.83
N HIS A 215 54.82 -8.56 -27.87
CA HIS A 215 54.34 -9.65 -27.00
C HIS A 215 52.86 -9.96 -27.19
N PHE A 216 52.16 -9.06 -27.87
CA PHE A 216 50.79 -9.32 -28.32
C PHE A 216 50.73 -9.51 -29.84
N SER A 217 51.89 -9.81 -30.42
CA SER A 217 52.03 -10.24 -31.81
C SER A 217 51.12 -11.45 -32.10
N GLY A 218 50.19 -11.24 -33.04
CA GLY A 218 49.30 -12.28 -33.53
C GLY A 218 48.41 -12.92 -32.48
N LEU A 219 47.45 -12.15 -31.98
CA LEU A 219 46.38 -12.70 -31.16
C LEU A 219 45.16 -13.04 -32.00
N SER A 220 44.50 -12.01 -32.54
CA SER A 220 43.51 -12.15 -33.60
C SER A 220 44.11 -11.96 -35.01
N GLY A 221 45.36 -12.40 -35.18
CA GLY A 221 46.18 -12.14 -36.37
C GLY A 221 45.64 -12.82 -37.61
N THR A 222 45.55 -14.15 -37.56
CA THR A 222 44.61 -14.90 -38.38
C THR A 222 43.64 -15.63 -37.43
N TYR A 223 42.46 -15.03 -37.25
CA TYR A 223 41.48 -15.47 -36.24
C TYR A 223 40.05 -15.03 -36.59
N ASP A 224 39.37 -14.41 -35.61
CA ASP A 224 38.20 -13.54 -35.79
C ASP A 224 36.93 -14.02 -36.51
N GLU A 225 37.11 -14.48 -37.76
CA GLU A 225 36.05 -14.59 -38.79
C GLU A 225 34.74 -15.24 -38.37
N ASP A 226 34.82 -16.30 -37.56
CA ASP A 226 33.68 -17.18 -37.28
C ASP A 226 33.09 -16.97 -35.88
N ALA A 227 31.76 -16.85 -35.85
CA ALA A 227 30.92 -16.86 -34.64
C ALA A 227 31.40 -16.02 -33.45
N VAL A 228 31.77 -14.78 -33.75
CA VAL A 228 31.71 -13.66 -32.78
C VAL A 228 30.30 -13.03 -32.85
N PRO A 229 29.52 -13.12 -31.76
CA PRO A 229 28.29 -12.35 -31.63
C PRO A 229 28.36 -11.13 -30.68
N THR A 230 27.56 -10.13 -31.05
CA THR A 230 27.22 -8.98 -30.21
C THR A 230 26.27 -9.41 -29.09
N LEU A 231 26.32 -8.65 -27.99
CA LEU A 231 25.39 -8.78 -26.87
C LEU A 231 23.94 -8.50 -27.26
N SER A 232 23.05 -9.37 -26.77
CA SER A 232 21.62 -9.11 -26.73
C SER A 232 21.26 -8.02 -25.72
N PRO A 233 20.23 -7.22 -26.03
CA PRO A 233 19.63 -6.34 -25.03
C PRO A 233 18.95 -7.11 -23.91
N CYS A 234 18.99 -6.56 -22.70
CA CYS A 234 18.47 -7.23 -21.53
C CYS A 234 17.21 -6.57 -21.01
N ARG A 235 16.14 -7.35 -21.02
CA ARG A 235 14.85 -6.98 -20.44
C ARG A 235 14.95 -6.74 -18.93
N PHE A 236 14.55 -5.54 -18.52
CA PHE A 236 14.27 -5.21 -17.12
C PHE A 236 12.87 -5.66 -16.74
N THR A 237 12.75 -6.39 -15.62
CA THR A 237 11.43 -6.67 -15.06
C THR A 237 10.85 -5.61 -14.14
N GLY A 238 11.32 -5.51 -12.89
CA GLY A 238 10.61 -4.67 -11.94
C GLY A 238 9.47 -5.51 -11.43
N SER A 239 9.56 -5.87 -10.14
CA SER A 239 9.48 -7.24 -9.65
C SER A 239 10.10 -7.14 -8.28
N GLN A 240 9.98 -8.19 -7.49
CA GLN A 240 10.47 -8.18 -6.12
C GLN A 240 11.03 -9.54 -5.75
N ILE A 241 12.16 -9.54 -5.05
CA ILE A 241 12.65 -10.74 -4.42
C ILE A 241 12.89 -10.54 -2.94
N CYS A 242 12.14 -11.29 -2.13
CA CYS A 242 12.21 -11.19 -0.68
C CYS A 242 12.63 -12.51 -0.08
N HIS A 243 13.86 -12.55 0.42
CA HIS A 243 14.41 -13.73 1.08
C HIS A 243 14.45 -13.48 2.58
N ARG A 244 13.45 -13.98 3.29
CA ARG A 244 13.23 -13.57 4.67
C ARG A 244 13.96 -14.48 5.65
N GLU A 245 14.80 -13.89 6.49
CA GLU A 245 15.60 -14.65 7.43
C GLU A 245 15.79 -13.86 8.71
N ASP A 246 14.86 -14.03 9.66
CA ASP A 246 14.92 -13.41 10.99
C ASP A 246 16.05 -13.84 11.92
N GLY A 247 16.83 -14.83 11.49
CA GLY A 247 18.02 -15.20 12.21
C GLY A 247 19.10 -14.18 12.00
N LEU A 248 19.00 -13.35 10.96
CA LEU A 248 19.98 -12.29 10.70
C LEU A 248 19.57 -11.01 11.43
N PRO A 249 20.54 -10.28 11.99
CA PRO A 249 20.25 -9.20 12.94
C PRO A 249 19.82 -7.90 12.25
N LEU A 250 20.26 -7.64 11.01
CA LEU A 250 19.76 -6.48 10.25
C LEU A 250 19.29 -6.75 8.82
N ALA A 251 18.35 -5.94 8.34
CA ALA A 251 17.79 -6.05 6.99
C ALA A 251 18.62 -5.30 5.98
N HIS A 252 18.86 -5.94 4.84
CA HIS A 252 19.35 -5.25 3.65
C HIS A 252 18.25 -5.14 2.58
N VAL A 253 17.95 -3.92 2.17
CA VAL A 253 17.09 -3.72 1.01
C VAL A 253 17.94 -3.06 -0.07
N ALA A 254 17.70 -3.42 -1.33
CA ALA A 254 18.28 -2.67 -2.45
C ALA A 254 17.20 -2.48 -3.49
N ILE A 255 16.82 -1.22 -3.70
CA ILE A 255 15.79 -0.81 -4.68
C ILE A 255 16.39 -0.10 -5.92
N ALA A 256 15.84 -0.38 -7.08
CA ALA A 256 16.33 0.19 -8.33
C ALA A 256 15.27 0.37 -9.40
N VAL A 257 15.32 1.48 -10.13
CA VAL A 257 14.69 1.59 -11.45
C VAL A 257 15.71 1.39 -12.60
N GLU A 258 15.22 1.30 -13.83
CA GLU A 258 16.12 0.92 -14.91
C GLU A 258 16.98 2.07 -15.41
N GLY A 259 18.26 1.80 -15.53
CA GLY A 259 19.24 2.79 -15.95
C GLY A 259 19.36 2.79 -17.45
N PRO A 260 19.92 3.85 -18.03
CA PRO A 260 20.20 3.90 -19.47
C PRO A 260 21.50 3.22 -19.90
N GLY A 261 22.46 3.12 -18.98
CA GLY A 261 23.73 2.47 -19.26
C GLY A 261 24.82 3.33 -19.88
N TRP A 262 25.98 2.71 -20.03
CA TRP A 262 27.28 3.37 -20.20
C TRP A 262 27.25 4.65 -21.02
N ALA A 263 26.73 4.54 -22.25
CA ALA A 263 26.90 5.57 -23.27
C ALA A 263 26.22 6.91 -22.96
N HIS A 264 25.12 6.85 -22.20
CA HIS A 264 24.06 7.85 -22.22
C HIS A 264 24.39 9.14 -21.48
N PRO A 265 24.20 10.32 -22.09
CA PRO A 265 24.47 11.61 -21.42
C PRO A 265 23.77 11.83 -20.06
N ASP A 266 22.64 11.13 -19.89
CA ASP A 266 21.82 11.15 -18.68
C ASP A 266 22.49 10.65 -17.40
N ASN A 267 23.60 9.93 -17.58
CA ASN A 267 24.39 9.39 -16.48
C ASN A 267 24.95 10.47 -15.57
N VAL A 268 25.55 11.48 -16.20
CA VAL A 268 26.03 12.68 -15.53
C VAL A 268 24.96 13.29 -14.60
N ALA A 269 23.75 13.49 -15.14
CA ALA A 269 22.69 14.22 -14.44
C ALA A 269 22.12 13.39 -13.31
N LEU A 270 22.06 12.09 -13.54
CA LEU A 270 21.53 11.14 -12.57
C LEU A 270 22.51 11.05 -11.42
N GLN A 271 23.80 11.05 -11.75
CA GLN A 271 24.89 10.97 -10.79
C GLN A 271 24.90 12.16 -9.83
N VAL A 272 24.65 13.36 -10.37
CA VAL A 272 24.35 14.56 -9.58
C VAL A 272 23.21 14.34 -8.57
N ALA A 273 22.08 13.85 -9.07
CA ALA A 273 20.89 13.70 -8.25
C ALA A 273 21.15 12.69 -7.15
N ASN A 274 21.82 11.63 -7.55
CA ASN A 274 22.38 10.64 -6.62
C ASN A 274 23.26 11.24 -5.54
N ALA A 275 24.21 12.07 -5.96
CA ALA A 275 25.16 12.76 -5.09
C ALA A 275 24.45 13.58 -3.99
N ILE A 276 23.36 14.24 -4.38
CA ILE A 276 22.48 15.03 -3.51
C ILE A 276 21.86 14.15 -2.43
N ILE A 277 21.45 12.94 -2.79
CA ILE A 277 20.91 11.99 -1.81
C ILE A 277 22.08 11.40 -1.01
N GLY A 278 23.12 11.01 -1.73
CA GLY A 278 24.42 10.68 -1.18
C GLY A 278 24.47 9.31 -0.53
N HIS A 279 25.07 9.25 0.64
CA HIS A 279 25.25 8.01 1.39
C HIS A 279 25.34 8.32 2.88
N TYR A 280 25.16 7.33 3.72
CA TYR A 280 25.29 7.49 5.16
C TYR A 280 25.90 6.22 5.71
N ASP A 281 26.39 6.36 6.94
CA ASP A 281 27.02 5.29 7.67
C ASP A 281 27.02 5.81 9.10
N CYS A 282 26.83 4.91 10.06
CA CYS A 282 26.65 5.31 11.44
C CYS A 282 27.95 5.82 12.04
N THR A 283 29.07 5.61 11.34
CA THR A 283 30.34 6.20 11.76
C THR A 283 30.62 7.60 11.17
N TYR A 284 29.70 8.10 10.35
CA TYR A 284 29.80 9.46 9.82
C TYR A 284 29.85 10.46 10.93
N GLY A 285 30.83 11.34 10.80
CA GLY A 285 30.96 12.51 11.65
C GLY A 285 29.79 13.41 11.44
N GLY A 286 29.18 13.79 12.56
CA GLY A 286 28.20 14.87 12.60
C GLY A 286 27.00 14.62 11.71
N GLY A 287 25.84 14.42 12.34
CA GLY A 287 24.76 13.62 11.80
C GLY A 287 23.59 14.50 11.45
N ALA A 288 22.98 15.10 12.48
CA ALA A 288 21.85 16.02 12.31
C ALA A 288 22.07 17.11 11.24
N HIS A 289 23.30 17.59 11.11
CA HIS A 289 23.58 18.73 10.26
C HIS A 289 24.02 18.39 8.85
N LEU A 290 23.90 17.13 8.46
CA LEU A 290 24.23 16.74 7.09
C LEU A 290 23.31 17.38 6.06
N SER A 291 23.87 17.68 4.90
CA SER A 291 23.17 18.44 3.86
C SER A 291 21.98 17.65 3.39
N SER A 292 22.22 16.35 3.16
CA SER A 292 21.26 15.44 2.53
C SER A 292 20.10 15.18 3.49
N PRO A 293 18.88 15.44 3.02
CA PRO A 293 17.68 15.32 3.85
C PRO A 293 17.39 13.87 4.27
N LEU A 294 17.68 12.92 3.38
CA LEU A 294 17.73 11.50 3.75
C LEU A 294 18.65 11.28 4.93
N ALA A 295 19.92 11.68 4.74
CA ALA A 295 21.00 11.32 5.64
C ALA A 295 20.84 12.00 6.98
N SER A 296 20.28 13.20 6.95
CA SER A 296 19.93 13.95 8.14
C SER A 296 18.90 13.19 8.96
N ILE A 297 17.81 12.76 8.33
CA ILE A 297 16.65 12.20 9.04
C ILE A 297 17.04 10.80 9.51
N ALA A 298 17.72 10.08 8.62
CA ALA A 298 18.38 8.83 8.96
C ALA A 298 19.18 8.92 10.25
N ALA A 299 20.03 9.93 10.37
CA ALA A 299 20.89 10.06 11.55
C ALA A 299 20.14 10.49 12.81
N THR A 300 19.21 11.43 12.68
CA THR A 300 18.46 11.97 13.81
C THR A 300 17.53 10.94 14.40
N ASN A 301 16.80 10.26 13.51
CA ASN A 301 15.82 9.28 13.90
C ASN A 301 16.35 7.84 13.91
N LYS A 302 17.67 7.70 13.87
CA LYS A 302 18.35 6.40 13.93
C LYS A 302 17.65 5.35 13.06
N LEU A 303 17.49 5.69 11.78
CA LEU A 303 16.58 4.99 10.88
C LEU A 303 17.25 3.86 10.10
N CYS A 304 18.57 3.73 10.32
CA CYS A 304 19.42 2.74 9.65
C CYS A 304 20.84 2.75 10.21
N GLN A 305 21.72 2.00 9.57
CA GLN A 305 23.14 1.91 9.92
C GLN A 305 23.95 2.39 8.71
N SER A 306 23.40 2.17 7.53
CA SER A 306 24.07 2.53 6.29
C SER A 306 23.03 2.78 5.21
N PHE A 307 23.30 3.75 4.33
CA PHE A 307 22.80 3.69 2.96
C PHE A 307 23.82 4.11 1.92
N GLN A 308 23.49 3.88 0.65
CA GLN A 308 24.29 4.32 -0.47
C GLN A 308 23.38 4.40 -1.67
N THR A 309 23.37 5.54 -2.34
CA THR A 309 22.87 5.64 -3.73
C THR A 309 23.81 4.90 -4.68
N PHE A 310 23.29 4.51 -5.85
CA PHE A 310 24.11 3.97 -6.92
C PHE A 310 23.53 4.16 -8.31
N ASN A 311 24.40 4.07 -9.31
CA ASN A 311 24.01 3.89 -10.69
C ASN A 311 25.01 2.94 -11.35
N ILE A 312 24.66 1.66 -11.40
CA ILE A 312 25.48 0.68 -12.09
C ILE A 312 25.09 0.75 -13.56
N CYS A 313 26.10 0.80 -14.43
CA CYS A 313 25.90 0.76 -15.87
C CYS A 313 26.27 -0.56 -16.49
N TYR A 314 25.39 -1.02 -17.38
CA TYR A 314 25.79 -1.97 -18.42
C TYR A 314 25.54 -1.36 -19.79
N ALA A 315 26.02 -2.00 -20.84
CA ALA A 315 25.57 -1.69 -22.19
C ALA A 315 24.04 -1.55 -22.23
N ASP A 316 23.60 -0.36 -22.60
CA ASP A 316 22.20 -0.10 -23.00
C ASP A 316 21.16 -0.24 -21.86
N THR A 317 21.65 -0.38 -20.62
CA THR A 317 20.84 -0.65 -19.43
C THR A 317 21.67 -0.49 -18.16
N GLY A 318 20.98 -0.50 -17.03
CA GLY A 318 21.65 -0.42 -15.75
C GLY A 318 20.68 -0.29 -14.60
N LEU A 319 21.25 -0.35 -13.40
CA LEU A 319 20.45 -0.30 -12.19
C LEU A 319 20.75 1.02 -11.50
N LEU A 320 19.69 1.79 -11.33
CA LEU A 320 19.78 3.07 -10.67
C LEU A 320 18.87 3.04 -9.47
N GLY A 321 19.48 3.11 -8.28
CA GLY A 321 18.76 3.39 -7.06
C GLY A 321 19.63 3.55 -5.83
N ALA A 322 19.22 2.91 -4.74
CA ALA A 322 19.91 3.00 -3.47
C ALA A 322 19.77 1.65 -2.80
N HIS A 323 20.66 1.37 -1.84
CA HIS A 323 20.59 0.19 -1.00
C HIS A 323 20.77 0.71 0.41
N PHE A 324 20.11 0.11 1.38
CA PHE A 324 20.36 0.41 2.78
C PHE A 324 20.39 -0.84 3.68
N VAL A 325 20.59 -0.59 4.97
CA VAL A 325 20.72 -1.59 6.01
C VAL A 325 20.14 -1.00 7.31
N CYS A 326 19.29 -1.75 8.00
CA CYS A 326 18.65 -1.24 9.21
C CYS A 326 18.00 -2.36 10.01
N ASP A 327 17.71 -2.05 11.29
CA ASP A 327 16.69 -2.67 12.12
C ASP A 327 15.40 -3.04 11.40
N HIS A 328 14.82 -4.15 11.86
CA HIS A 328 13.50 -4.62 11.48
C HIS A 328 12.31 -3.68 11.61
N MET A 329 12.37 -2.68 12.51
CA MET A 329 11.30 -1.66 12.54
C MET A 329 11.66 -0.33 11.86
N SER A 330 12.67 -0.35 11.01
CA SER A 330 13.07 0.83 10.28
C SER A 330 12.79 0.74 8.80
N ILE A 331 12.40 -0.46 8.34
CA ILE A 331 12.49 -0.78 6.91
C ILE A 331 11.51 0.08 6.11
N ASP A 332 10.38 0.35 6.78
CA ASP A 332 9.27 1.15 6.26
C ASP A 332 9.66 2.63 6.20
N ASP A 333 10.10 3.18 7.34
CA ASP A 333 10.40 4.62 7.46
C ASP A 333 11.56 4.98 6.54
N MET A 334 12.56 4.12 6.51
CA MET A 334 13.68 4.26 5.60
C MET A 334 13.22 4.24 4.13
N MET A 335 12.24 3.37 3.85
CA MET A 335 11.68 3.29 2.50
C MET A 335 10.94 4.54 2.09
N PHE A 336 10.15 5.06 3.03
CA PHE A 336 9.34 6.28 2.87
C PHE A 336 10.20 7.47 2.47
N VAL A 337 11.29 7.64 3.21
CA VAL A 337 12.13 8.82 3.14
C VAL A 337 12.96 8.78 1.85
N LEU A 338 13.43 7.58 1.49
CA LEU A 338 14.23 7.42 0.29
C LEU A 338 13.34 7.73 -0.92
N GLN A 339 12.09 7.28 -0.86
CA GLN A 339 11.20 7.34 -1.99
C GLN A 339 10.72 8.76 -2.19
N GLY A 340 10.34 9.39 -1.08
CA GLY A 340 9.95 10.78 -1.03
C GLY A 340 11.06 11.71 -1.44
N GLN A 341 12.31 11.28 -1.26
CA GLN A 341 13.46 12.01 -1.78
C GLN A 341 13.51 12.02 -3.30
N TRP A 342 13.60 10.82 -3.88
CA TRP A 342 13.47 10.63 -5.31
C TRP A 342 12.40 11.52 -5.94
N MET A 343 11.26 11.63 -5.27
CA MET A 343 10.08 12.32 -5.81
C MET A 343 10.20 13.83 -5.71
N ARG A 344 10.68 14.31 -4.56
CA ARG A 344 11.08 15.70 -4.38
C ARG A 344 12.02 16.16 -5.49
N LEU A 345 13.01 15.33 -5.78
CA LEU A 345 13.99 15.63 -6.83
C LEU A 345 13.39 15.55 -8.23
N CYS A 346 12.38 14.68 -8.40
CA CYS A 346 11.64 14.58 -9.65
C CYS A 346 10.82 15.83 -9.96
N THR A 347 10.27 16.42 -8.91
CA THR A 347 9.23 17.43 -9.02
C THR A 347 9.68 18.86 -8.70
N SER A 348 10.54 18.98 -7.68
CA SER A 348 10.83 20.23 -7.03
C SER A 348 12.28 20.34 -6.52
N ALA A 349 13.23 19.80 -7.29
CA ALA A 349 14.66 20.10 -7.11
C ALA A 349 14.92 21.60 -7.22
N THR A 350 15.34 22.20 -6.09
CA THR A 350 15.78 23.60 -5.99
C THR A 350 17.14 23.78 -6.68
N GLU A 351 17.52 25.02 -6.98
CA GLU A 351 18.77 25.34 -7.68
C GLU A 351 20.08 25.04 -6.94
N SER A 352 20.02 25.19 -5.62
CA SER A 352 21.16 25.27 -4.72
C SER A 352 21.82 23.90 -4.50
N GLU A 353 20.99 22.93 -4.12
CA GLU A 353 21.42 21.56 -3.84
C GLU A 353 22.06 20.92 -5.07
N VAL A 354 21.68 21.40 -6.25
CA VAL A 354 22.18 20.85 -7.50
C VAL A 354 23.62 21.29 -7.75
N LEU A 355 23.92 22.52 -7.30
CA LEU A 355 25.29 22.98 -7.31
C LEU A 355 26.16 22.16 -6.34
N ARG A 356 25.58 21.77 -5.19
CA ARG A 356 26.25 20.89 -4.21
C ARG A 356 26.59 19.54 -4.82
N GLY A 357 25.56 18.86 -5.30
CA GLY A 357 25.74 17.63 -6.08
C GLY A 357 26.74 17.72 -7.22
N LYS A 358 26.71 18.83 -7.96
CA LYS A 358 27.67 19.07 -9.03
C LYS A 358 29.09 19.10 -8.48
N ASN A 359 29.31 19.80 -7.35
CA ASN A 359 30.64 19.90 -6.71
C ASN A 359 31.08 18.56 -6.14
N LEU A 360 30.19 17.95 -5.37
CA LEU A 360 30.35 16.59 -4.86
C LEU A 360 30.80 15.61 -5.93
N LEU A 361 30.22 15.76 -7.12
CA LEU A 361 30.58 14.91 -8.24
C LEU A 361 31.95 15.24 -8.79
N ARG A 362 32.27 16.52 -8.91
CA ARG A 362 33.59 16.95 -9.39
C ARG A 362 34.67 16.43 -8.43
N ASN A 363 34.35 16.46 -7.14
CA ASN A 363 35.30 16.15 -6.09
C ASN A 363 35.54 14.69 -6.04
N ALA A 364 34.47 13.92 -6.25
CA ALA A 364 34.53 12.48 -6.42
C ALA A 364 35.45 12.14 -7.58
N LEU A 365 35.30 12.89 -8.67
CA LEU A 365 35.92 12.50 -9.92
C LEU A 365 37.44 12.69 -9.91
N VAL A 366 37.87 13.88 -9.50
CA VAL A 366 39.28 14.22 -9.47
C VAL A 366 39.96 13.29 -8.49
N SER A 367 39.37 13.23 -7.29
CA SER A 367 39.80 12.41 -6.17
C SER A 367 39.86 10.94 -6.54
N HIS A 368 38.91 10.48 -7.35
CA HIS A 368 38.95 9.10 -7.83
C HIS A 368 40.16 8.79 -8.69
N LEU A 369 40.54 9.72 -9.55
CA LEU A 369 41.65 9.48 -10.46
C LEU A 369 43.00 9.84 -9.80
N ASP A 370 43.29 9.15 -8.70
CA ASP A 370 44.48 9.40 -7.92
C ASP A 370 45.50 8.29 -7.97
N GLY A 371 46.40 8.40 -8.94
CA GLY A 371 47.58 7.56 -9.00
C GLY A 371 47.35 6.45 -9.99
N THR A 372 48.42 5.69 -10.25
CA THR A 372 48.54 4.89 -11.48
C THR A 372 47.38 3.92 -11.68
N THR A 373 47.07 3.18 -10.63
CA THR A 373 46.02 2.16 -10.68
C THR A 373 44.60 2.62 -11.05
N PRO A 374 44.00 3.63 -10.38
CA PRO A 374 42.70 4.17 -10.80
C PRO A 374 42.67 4.67 -12.24
N VAL A 375 43.74 5.32 -12.66
CA VAL A 375 43.79 6.06 -13.91
C VAL A 375 43.91 5.04 -15.03
N CYS A 376 44.75 4.04 -14.79
CA CYS A 376 44.89 2.88 -15.67
C CYS A 376 43.59 2.10 -15.88
N GLU A 377 42.93 1.77 -14.77
CA GLU A 377 41.61 1.16 -14.78
C GLU A 377 40.58 1.98 -15.55
N ASP A 378 40.68 3.30 -15.43
CA ASP A 378 39.78 4.21 -16.12
C ASP A 378 40.14 4.36 -17.60
N ILE A 379 41.42 4.24 -17.94
CA ILE A 379 41.84 4.18 -19.35
C ILE A 379 41.22 2.94 -19.96
N GLY A 380 41.49 1.78 -19.35
CA GLY A 380 41.13 0.48 -19.89
C GLY A 380 39.63 0.32 -20.05
N ARG A 381 38.90 0.57 -18.97
CA ARG A 381 37.44 0.48 -18.98
C ARG A 381 36.81 1.43 -19.98
N SER A 382 37.29 2.67 -20.01
CA SER A 382 36.68 3.73 -20.83
C SER A 382 36.69 3.39 -22.31
N LEU A 383 37.86 2.99 -22.81
CA LEU A 383 38.02 2.46 -24.16
C LEU A 383 37.11 1.31 -24.54
N LEU A 384 36.82 0.43 -23.59
CA LEU A 384 35.77 -0.56 -23.77
C LEU A 384 34.40 0.07 -23.89
N THR A 385 34.08 1.02 -23.01
CA THR A 385 32.69 1.43 -22.83
C THR A 385 32.23 2.69 -23.56
N TYR A 386 33.20 3.51 -23.97
CA TYR A 386 32.96 4.78 -24.66
C TYR A 386 33.67 4.80 -26.01
N GLY A 387 34.61 3.87 -26.20
CA GLY A 387 35.55 3.90 -27.30
C GLY A 387 36.58 5.02 -27.24
N ARG A 388 36.46 5.91 -26.25
CA ARG A 388 37.49 6.91 -25.95
C ARG A 388 37.99 6.77 -24.49
N ARG A 389 38.98 7.59 -24.14
CA ARG A 389 39.02 8.21 -22.83
C ARG A 389 38.37 9.59 -22.94
N ILE A 390 37.38 9.83 -22.09
CA ILE A 390 36.75 11.16 -21.93
C ILE A 390 37.55 12.05 -20.98
N PRO A 391 38.10 13.15 -21.51
CA PRO A 391 39.01 14.00 -20.73
C PRO A 391 38.28 14.75 -19.62
N LEU A 392 38.96 14.93 -18.49
CA LEU A 392 38.35 15.51 -17.29
C LEU A 392 37.59 16.81 -17.55
N ALA A 393 38.15 17.65 -18.42
CA ALA A 393 37.51 18.90 -18.82
C ALA A 393 36.14 18.64 -19.43
N GLU A 394 36.03 17.57 -20.23
CA GLU A 394 34.76 17.21 -20.89
C GLU A 394 33.71 16.88 -19.84
N TRP A 395 34.13 16.11 -18.83
CA TRP A 395 33.25 15.83 -17.70
C TRP A 395 32.82 17.10 -16.97
N GLU A 396 33.75 18.04 -16.77
CA GLU A 396 33.40 19.33 -16.19
C GLU A 396 32.37 20.06 -17.01
N SER A 397 32.56 20.06 -18.32
CA SER A 397 31.60 20.60 -19.26
C SER A 397 30.23 19.94 -19.09
N ARG A 398 30.19 18.60 -19.18
CA ARG A 398 28.99 17.80 -18.98
C ARG A 398 28.32 17.99 -17.61
N ILE A 399 29.12 18.09 -16.55
CA ILE A 399 28.61 18.47 -15.22
C ILE A 399 28.00 19.89 -15.17
N ALA A 400 28.74 20.85 -15.73
CA ALA A 400 28.42 22.28 -15.61
C ALA A 400 27.07 22.62 -16.25
N GLU A 401 26.77 21.97 -17.38
CA GLU A 401 25.47 22.03 -18.05
C GLU A 401 24.28 21.80 -17.13
N VAL A 402 24.34 20.77 -16.28
CA VAL A 402 23.25 20.36 -15.37
C VAL A 402 22.87 21.48 -14.39
N ASP A 403 21.57 21.73 -14.25
CA ASP A 403 21.03 22.51 -13.14
C ASP A 403 19.66 21.94 -12.73
N ALA A 404 18.95 22.61 -11.82
CA ALA A 404 17.69 22.10 -11.29
C ALA A 404 16.69 21.50 -12.30
N ARG A 405 16.54 22.14 -13.45
CA ARG A 405 15.65 21.66 -14.50
C ARG A 405 16.19 20.37 -15.06
N VAL A 406 17.48 20.39 -15.39
CA VAL A 406 18.17 19.21 -15.93
C VAL A 406 18.08 18.05 -14.94
N VAL A 407 17.98 18.36 -13.65
CA VAL A 407 17.68 17.34 -12.66
C VAL A 407 16.22 16.88 -12.70
N ARG A 408 15.27 17.77 -12.44
CA ARG A 408 13.86 17.40 -12.40
C ARG A 408 13.42 16.63 -13.65
N GLU A 409 13.88 17.08 -14.83
CA GLU A 409 13.74 16.37 -16.11
C GLU A 409 14.30 14.95 -16.06
N VAL A 410 15.63 14.83 -15.88
CA VAL A 410 16.32 13.55 -16.00
C VAL A 410 15.96 12.59 -14.86
N CYS A 411 15.52 13.15 -13.73
CA CYS A 411 14.99 12.31 -12.66
C CYS A 411 13.62 11.77 -13.01
N SER A 412 12.72 12.67 -13.40
CA SER A 412 11.37 12.28 -13.80
C SER A 412 11.34 11.22 -14.90
N LYS A 413 12.23 11.37 -15.88
CA LYS A 413 12.42 10.41 -16.98
C LYS A 413 12.73 9.01 -16.47
N TYR A 414 13.68 8.90 -15.53
CA TYR A 414 14.07 7.60 -14.97
C TYR A 414 13.26 7.10 -13.78
N PHE A 415 12.88 7.99 -12.87
CA PHE A 415 12.24 7.60 -11.62
C PHE A 415 10.72 7.65 -11.64
N TYR A 416 10.14 8.71 -12.19
CA TYR A 416 8.72 9.00 -11.97
C TYR A 416 7.80 7.97 -12.57
N ASP A 417 7.02 7.36 -11.66
CA ASP A 417 5.94 6.44 -11.97
C ASP A 417 6.53 5.28 -12.74
N GLN A 418 7.60 4.73 -12.18
CA GLN A 418 8.28 3.60 -12.79
C GLN A 418 8.30 2.42 -11.83
N CYS A 419 8.11 1.21 -12.38
CA CYS A 419 8.24 -0.01 -11.59
C CYS A 419 9.70 -0.20 -11.16
N PRO A 420 9.97 -0.25 -9.85
CA PRO A 420 11.31 -0.60 -9.38
C PRO A 420 11.55 -2.10 -9.33
N ALA A 421 12.82 -2.50 -9.27
CA ALA A 421 13.18 -3.82 -8.79
C ALA A 421 13.53 -3.70 -7.32
N VAL A 422 12.95 -4.58 -6.51
CA VAL A 422 13.31 -4.65 -5.09
C VAL A 422 13.97 -5.99 -4.82
N ALA A 423 15.09 -5.96 -4.10
CA ALA A 423 15.63 -7.15 -3.46
C ALA A 423 15.77 -6.89 -1.98
N GLY A 424 15.44 -7.90 -1.18
CA GLY A 424 15.40 -7.82 0.28
C GLY A 424 15.88 -9.09 0.97
N PHE A 425 16.57 -8.92 2.10
CA PHE A 425 17.26 -10.03 2.75
C PHE A 425 17.30 -9.83 4.26
N GLY A 426 17.13 -10.93 4.99
CA GLY A 426 17.17 -10.83 6.45
C GLY A 426 15.82 -10.47 7.01
N PRO A 427 15.75 -9.77 8.15
CA PRO A 427 14.53 -9.71 8.97
C PRO A 427 13.47 -8.76 8.40
N ILE A 428 12.81 -9.18 7.33
CA ILE A 428 12.17 -8.26 6.38
C ILE A 428 10.65 -8.30 6.43
N GLU A 429 10.08 -8.64 7.60
CA GLU A 429 8.64 -8.47 7.85
C GLU A 429 8.03 -7.15 7.43
N GLN A 430 8.77 -6.06 7.58
CA GLN A 430 8.15 -4.75 7.45
C GLN A 430 8.47 -4.06 6.13
N LEU A 431 9.30 -4.71 5.30
CA LEU A 431 9.49 -4.33 3.90
C LEU A 431 8.15 -4.11 3.24
N PRO A 432 7.87 -2.87 2.82
CA PRO A 432 6.57 -2.49 2.25
C PRO A 432 6.13 -3.43 1.12
N ASP A 433 4.85 -3.82 1.13
CA ASP A 433 4.29 -4.54 0.00
C ASP A 433 4.66 -3.88 -1.34
N TYR A 434 4.89 -4.69 -2.38
CA TYR A 434 5.32 -4.15 -3.68
C TYR A 434 4.41 -3.04 -4.25
N ASN A 435 3.10 -3.26 -4.19
CA ASN A 435 2.14 -2.22 -4.60
C ASN A 435 2.44 -0.91 -3.91
N ARG A 436 2.69 -0.99 -2.60
CA ARG A 436 2.88 0.18 -1.79
C ARG A 436 4.21 0.89 -2.04
N ILE A 437 5.25 0.10 -2.30
CA ILE A 437 6.51 0.60 -2.87
C ILE A 437 6.27 1.31 -4.19
N ARG A 438 5.46 0.72 -5.07
CA ARG A 438 5.28 1.23 -6.43
C ARG A 438 4.41 2.48 -6.43
N SER A 439 3.49 2.54 -5.48
CA SER A 439 2.76 3.75 -5.09
C SER A 439 3.68 4.90 -4.67
N GLY A 440 4.68 4.58 -3.85
CA GLY A 440 5.76 5.49 -3.53
C GLY A 440 6.52 6.10 -4.71
N MET A 441 6.32 5.54 -5.90
CA MET A 441 7.08 5.98 -7.08
C MET A 441 6.44 7.13 -7.84
N PHE A 442 5.40 7.71 -7.24
CA PHE A 442 4.73 8.92 -7.73
C PHE A 442 3.98 9.61 -6.59
N TRP A 443 3.89 10.93 -6.70
CA TRP A 443 3.05 11.70 -5.79
C TRP A 443 1.73 12.02 -6.44
N LEU A 444 0.69 11.91 -5.62
CA LEU A 444 -0.67 12.30 -5.98
C LEU A 444 -0.83 13.81 -6.08
N ARG A 445 -0.10 14.56 -5.26
CA ARG A 445 -0.09 16.02 -5.31
C ARG A 445 0.41 16.58 -6.63
N PHE A 446 1.27 15.83 -7.32
CA PHE A 446 1.88 16.27 -8.57
C PHE A 446 1.03 15.79 -9.74
N VAL B 17 53.38 14.29 -22.44
CA VAL B 17 54.54 15.20 -22.24
C VAL B 17 54.31 16.21 -21.09
N PRO B 18 54.15 15.75 -19.85
CA PRO B 18 53.58 16.57 -18.77
C PRO B 18 54.55 17.62 -18.19
N PRO B 19 54.06 18.56 -17.36
CA PRO B 19 54.93 19.39 -16.50
C PRO B 19 56.10 18.65 -15.82
N HIS B 20 57.32 19.01 -16.23
CA HIS B 20 58.47 19.09 -15.33
C HIS B 20 58.03 19.57 -13.93
N PRO B 21 58.15 18.70 -12.93
CA PRO B 21 57.43 18.87 -11.66
C PRO B 21 58.01 20.01 -10.85
N GLN B 22 57.18 20.68 -10.06
CA GLN B 22 57.68 21.50 -8.96
C GLN B 22 58.31 20.63 -7.88
N ASP B 23 59.21 21.23 -7.12
CA ASP B 23 59.72 20.60 -5.91
C ASP B 23 58.84 20.94 -4.71
N LEU B 24 58.90 20.06 -3.72
CA LEU B 24 58.41 20.37 -2.38
C LEU B 24 59.22 21.51 -1.83
N GLU B 25 58.55 22.37 -1.08
CA GLU B 25 59.18 23.50 -0.42
C GLU B 25 58.90 23.32 1.06
N PHE B 26 59.94 23.42 1.87
CA PHE B 26 59.91 22.94 3.26
C PHE B 26 60.53 23.98 4.18
N THR B 27 59.81 24.39 5.21
CA THR B 27 60.23 25.53 6.06
C THR B 27 60.02 25.32 7.58
N ARG B 28 61.10 25.48 8.36
CA ARG B 28 61.01 25.36 9.82
C ARG B 28 60.92 26.76 10.41
N LEU B 29 59.78 27.07 11.00
CA LEU B 29 59.65 28.34 11.71
C LEU B 29 60.42 28.30 13.04
N PRO B 30 60.89 29.45 13.53
CA PRO B 30 61.69 29.44 14.76
C PRO B 30 60.92 28.88 15.96
N ASN B 31 59.59 28.97 15.99
CA ASN B 31 58.81 28.34 17.05
C ASN B 31 58.76 26.83 16.92
N GLY B 32 59.41 26.31 15.88
CA GLY B 32 59.55 24.87 15.67
C GLY B 32 58.45 24.25 14.81
N LEU B 33 57.41 25.02 14.46
CA LEU B 33 56.46 24.65 13.41
C LEU B 33 57.13 24.49 12.05
N VAL B 34 56.59 23.55 11.28
CA VAL B 34 57.17 23.04 10.04
C VAL B 34 56.12 23.22 8.96
N ILE B 35 56.51 23.75 7.82
CA ILE B 35 55.59 23.92 6.70
C ILE B 35 56.18 23.20 5.51
N ALA B 36 55.41 22.30 4.91
CA ALA B 36 55.77 21.79 3.60
C ALA B 36 54.59 21.86 2.63
N SER B 37 54.86 22.32 1.42
CA SER B 37 53.89 22.24 0.33
C SER B 37 54.45 21.57 -0.93
N LEU B 38 53.55 21.09 -1.80
CA LEU B 38 53.85 20.84 -3.21
C LEU B 38 52.77 21.43 -4.11
N GLU B 39 53.17 22.21 -5.11
CA GLU B 39 52.34 22.53 -6.26
C GLU B 39 52.55 21.50 -7.37
N ASN B 40 51.98 20.30 -7.18
CA ASN B 40 51.31 19.57 -8.27
C ASN B 40 50.23 20.49 -8.81
N TYR B 41 50.06 20.59 -10.12
CA TYR B 41 49.08 21.55 -10.59
C TYR B 41 47.64 21.02 -10.64
N ALA B 42 47.31 20.24 -9.61
CA ALA B 42 46.13 19.38 -9.51
C ALA B 42 44.80 20.14 -9.40
N PRO B 43 43.72 19.60 -9.97
CA PRO B 43 42.40 20.20 -9.78
C PRO B 43 41.94 20.20 -8.32
N ALA B 44 42.43 19.25 -7.53
CA ALA B 44 42.11 19.20 -6.10
C ALA B 44 43.26 19.64 -5.22
N SER B 45 42.92 20.11 -4.03
CA SER B 45 43.91 20.39 -2.99
C SER B 45 43.73 19.59 -1.71
N ARG B 46 44.84 19.15 -1.14
CA ARG B 46 44.87 18.51 0.17
C ARG B 46 45.66 19.37 1.15
N ILE B 47 45.12 19.55 2.36
CA ILE B 47 45.84 20.20 3.47
C ILE B 47 45.80 19.33 4.72
N GLY B 48 46.96 19.00 5.28
CA GLY B 48 47.01 18.36 6.60
C GLY B 48 47.66 19.21 7.68
N LEU B 49 47.00 19.30 8.83
CA LEU B 49 47.69 19.70 10.05
C LEU B 49 48.02 18.48 10.89
N PHE B 50 49.30 18.17 10.97
CA PHE B 50 49.77 16.94 11.59
C PHE B 50 50.29 17.27 12.96
N ILE B 51 49.58 16.84 13.98
CA ILE B 51 49.98 17.15 15.34
C ILE B 51 50.54 15.92 16.06
N LYS B 52 51.68 16.09 16.72
CA LYS B 52 52.09 15.24 17.85
C LYS B 52 51.09 15.20 18.99
N ALA B 53 49.96 14.53 18.78
CA ALA B 53 48.96 14.42 19.81
C ALA B 53 48.26 13.07 19.82
N GLY B 54 48.98 12.06 19.36
CA GLY B 54 48.45 10.70 19.32
C GLY B 54 48.24 10.20 20.74
N SER B 55 47.76 8.97 20.82
CA SER B 55 47.14 8.42 22.02
C SER B 55 48.17 8.18 23.13
N ARG B 56 49.45 8.16 22.78
CA ARG B 56 50.48 7.90 23.76
C ARG B 56 50.62 9.01 24.78
N TYR B 57 49.93 10.11 24.53
CA TYR B 57 50.03 11.31 25.33
C TYR B 57 48.89 11.41 26.31
N GLU B 58 48.06 10.36 26.38
CA GLU B 58 47.04 10.27 27.43
C GLU B 58 47.76 9.68 28.61
N ASN B 59 47.31 10.00 29.81
CA ASN B 59 47.78 9.33 31.00
C ASN B 59 46.61 8.59 31.63
N SER B 60 46.88 7.83 32.67
CA SER B 60 45.90 6.94 33.26
C SER B 60 44.73 7.63 33.91
N ASN B 61 44.74 8.97 33.95
CA ASN B 61 43.57 9.71 34.42
C ASN B 61 42.66 10.26 33.33
N ASN B 62 43.05 10.09 32.06
CA ASN B 62 42.32 10.65 30.93
C ASN B 62 42.40 9.79 29.68
N LEU B 63 42.50 8.48 29.86
CA LEU B 63 42.47 7.57 28.72
C LEU B 63 41.19 7.74 27.87
N GLY B 64 41.37 7.78 26.56
CA GLY B 64 40.26 7.92 25.62
C GLY B 64 40.02 9.32 25.10
N THR B 65 40.63 10.31 25.76
CA THR B 65 40.35 11.70 25.44
C THR B 65 40.69 12.05 24.01
N SER B 66 41.65 11.34 23.45
CA SER B 66 42.10 11.66 22.11
C SER B 66 41.20 10.96 21.10
N HIS B 67 40.38 10.03 21.58
CA HIS B 67 39.50 9.31 20.67
C HIS B 67 38.21 10.07 20.58
N LEU B 68 37.72 10.56 21.72
CA LEU B 68 36.61 11.51 21.67
C LEU B 68 37.04 12.68 20.80
N LEU B 69 38.26 13.16 21.04
CA LEU B 69 38.80 14.26 20.30
C LEU B 69 38.81 13.95 18.81
N ARG B 70 39.12 12.72 18.46
CA ARG B 70 39.16 12.30 17.07
C ARG B 70 37.76 12.50 16.48
N LEU B 71 36.73 12.29 17.29
CA LEU B 71 35.36 12.31 16.80
C LEU B 71 34.79 13.72 16.81
N ALA B 72 35.46 14.66 17.48
CA ALA B 72 34.82 15.93 17.82
C ALA B 72 35.11 17.01 16.78
N SER B 73 35.48 16.60 15.57
CA SER B 73 36.11 17.53 14.62
C SER B 73 35.11 18.35 13.86
N SER B 74 33.82 18.16 14.13
CA SER B 74 32.75 18.99 13.54
C SER B 74 31.80 19.56 14.57
N LEU B 75 32.16 19.45 15.85
CA LEU B 75 31.59 20.29 16.90
C LEU B 75 31.88 21.79 16.73
N THR B 76 31.03 22.66 17.30
CA THR B 76 31.16 24.13 17.15
C THR B 76 32.53 24.66 17.59
N THR B 77 33.10 25.51 16.75
CA THR B 77 34.29 26.29 17.09
C THR B 77 33.91 27.77 17.26
N LYS B 78 34.87 28.55 17.74
CA LYS B 78 34.76 30.02 17.75
C LYS B 78 34.73 30.55 16.30
N GLY B 79 33.60 31.12 15.93
CA GLY B 79 33.35 31.44 14.52
C GLY B 79 33.61 30.41 13.42
N ALA B 80 33.32 29.14 13.70
CA ALA B 80 32.50 28.28 12.82
C ALA B 80 31.71 27.21 13.57
N SER B 81 30.41 27.47 13.70
CA SER B 81 29.42 26.56 14.28
C SER B 81 29.39 25.18 13.63
N SER B 82 28.87 24.21 14.37
CA SER B 82 28.81 22.81 13.94
C SER B 82 28.12 22.69 12.60
N PHE B 83 26.94 23.30 12.53
CA PHE B 83 26.12 23.30 11.33
C PHE B 83 26.88 23.80 10.11
N LYS B 84 27.61 24.90 10.27
CA LYS B 84 28.33 25.53 9.18
C LYS B 84 29.48 24.67 8.66
N ILE B 85 30.19 23.99 9.57
CA ILE B 85 31.33 23.16 9.18
C ILE B 85 30.83 22.10 8.21
N THR B 86 29.81 21.38 8.65
CA THR B 86 29.14 20.33 7.88
C THR B 86 28.62 20.84 6.55
N ARG B 87 27.80 21.88 6.60
CA ARG B 87 27.18 22.45 5.41
C ARG B 87 28.13 23.20 4.52
N GLY B 88 29.11 23.86 5.14
CA GLY B 88 30.05 24.70 4.44
C GLY B 88 30.93 23.86 3.54
N ILE B 89 31.38 22.74 4.10
CA ILE B 89 32.28 21.80 3.45
C ILE B 89 31.54 20.98 2.41
N GLU B 90 30.38 20.47 2.82
CA GLU B 90 29.55 19.61 1.98
C GLU B 90 29.07 20.35 0.75
N ALA B 91 28.84 21.65 0.94
CA ALA B 91 28.46 22.59 -0.11
C ALA B 91 29.49 22.67 -1.23
N VAL B 92 30.76 22.46 -0.90
CA VAL B 92 31.79 22.42 -1.94
C VAL B 92 32.32 21.03 -2.33
N GLY B 93 31.62 19.97 -1.90
CA GLY B 93 32.08 18.61 -2.10
C GLY B 93 33.37 18.35 -1.36
N GLY B 94 33.66 19.18 -0.34
CA GLY B 94 34.84 19.02 0.50
C GLY B 94 34.77 17.77 1.35
N LYS B 95 35.92 17.25 1.77
CA LYS B 95 35.97 16.36 2.91
C LYS B 95 36.79 16.95 4.06
N LEU B 96 36.40 16.63 5.28
CA LEU B 96 37.23 16.85 6.47
C LEU B 96 37.33 15.60 7.32
N SER B 97 38.54 15.16 7.62
CA SER B 97 38.72 13.92 8.38
C SER B 97 39.97 13.89 9.24
N VAL B 98 39.93 13.11 10.31
CA VAL B 98 40.95 13.21 11.34
C VAL B 98 41.38 11.80 11.69
N THR B 99 42.68 11.57 11.46
CA THR B 99 43.26 10.27 11.67
C THR B 99 44.36 10.20 12.71
N SER B 100 44.12 9.40 13.74
CA SER B 100 45.10 9.10 14.78
C SER B 100 45.86 7.80 14.57
N THR B 101 47.16 7.89 14.84
CA THR B 101 48.01 6.79 15.26
C THR B 101 48.34 6.94 16.76
N ARG B 102 49.21 6.09 17.29
CA ARG B 102 49.63 6.13 18.70
C ARG B 102 50.47 7.37 18.98
N GLU B 103 50.86 8.09 17.93
CA GLU B 103 51.84 9.16 18.02
C GLU B 103 51.24 10.47 17.52
N ASN B 104 50.41 10.40 16.48
CA ASN B 104 50.00 11.61 15.80
C ASN B 104 48.49 11.67 15.65
N MET B 105 47.96 12.88 15.64
CA MET B 105 46.68 13.10 14.99
C MET B 105 46.98 13.87 13.74
N ALA B 106 46.12 13.76 12.73
CA ALA B 106 46.36 14.27 11.40
C ALA B 106 45.03 14.78 10.88
N TYR B 107 44.86 16.09 10.98
CA TYR B 107 43.62 16.72 10.60
C TYR B 107 43.82 17.11 9.14
N THR B 108 43.21 16.36 8.23
CA THR B 108 43.32 16.67 6.80
C THR B 108 41.99 16.92 6.08
N VAL B 109 42.12 17.85 5.14
CA VAL B 109 41.00 18.53 4.51
C VAL B 109 41.22 18.40 2.99
N GLU B 110 40.16 18.11 2.24
CA GLU B 110 40.29 18.05 0.78
C GLU B 110 39.14 18.66 -0.02
N CYS B 111 39.50 19.31 -1.14
CA CYS B 111 38.55 19.95 -2.04
C CYS B 111 39.14 20.34 -3.40
N LEU B 112 38.32 20.99 -4.23
CA LEU B 112 38.79 21.57 -5.48
C LEU B 112 39.62 22.80 -5.15
N ARG B 113 40.53 23.17 -6.05
CA ARG B 113 41.61 24.11 -5.69
C ARG B 113 41.16 25.53 -5.40
N ASP B 114 40.12 25.95 -6.11
CA ASP B 114 39.45 27.23 -5.91
C ASP B 114 38.86 27.41 -4.51
N ASP B 115 38.85 26.33 -3.74
CA ASP B 115 38.11 26.29 -2.49
C ASP B 115 38.97 26.13 -1.26
N VAL B 116 40.30 26.15 -1.44
CA VAL B 116 41.20 26.11 -0.30
C VAL B 116 40.94 27.14 0.79
N ASP B 117 40.46 28.32 0.41
CA ASP B 117 40.16 29.36 1.37
C ASP B 117 39.12 28.95 2.39
N ILE B 118 37.97 28.49 1.90
CA ILE B 118 36.93 28.03 2.81
C ILE B 118 37.25 26.82 3.68
N LEU B 119 38.04 25.93 3.09
CA LEU B 119 38.45 24.73 3.80
C LEU B 119 39.52 24.90 4.86
N MET B 120 40.51 25.73 4.54
CA MET B 120 41.56 26.13 5.47
C MET B 120 40.99 26.79 6.72
N GLU B 121 39.97 27.63 6.53
CA GLU B 121 39.40 28.40 7.63
C GLU B 121 38.70 27.45 8.59
N PHE B 122 37.94 26.52 8.02
CA PHE B 122 37.32 25.43 8.78
C PHE B 122 38.34 24.64 9.55
N LEU B 123 39.46 24.33 8.89
CA LEU B 123 40.49 23.47 9.47
C LEU B 123 41.16 24.08 10.71
N LEU B 124 41.34 25.40 10.69
CA LEU B 124 42.10 26.10 11.71
C LEU B 124 41.19 26.37 12.88
N ASN B 125 39.94 26.65 12.58
CA ASN B 125 38.87 26.70 13.57
C ASN B 125 38.71 25.41 14.37
N VAL B 126 38.90 24.26 13.73
CA VAL B 126 38.78 23.00 14.43
C VAL B 126 40.00 22.80 15.33
N THR B 127 41.19 23.04 14.79
CA THR B 127 42.41 22.70 15.51
C THR B 127 42.85 23.78 16.47
N THR B 128 42.31 24.98 16.31
CA THR B 128 42.68 26.12 17.17
C THR B 128 41.49 26.90 17.75
N ALA B 129 40.27 26.57 17.37
CA ALA B 129 39.12 27.22 18.02
C ALA B 129 38.08 26.30 18.69
N PRO B 130 38.37 25.03 18.98
CA PRO B 130 37.36 24.11 19.51
C PRO B 130 36.65 24.69 20.71
N GLU B 131 35.33 24.84 20.71
CA GLU B 131 34.69 25.37 21.91
C GLU B 131 34.41 24.27 22.93
N PHE B 132 34.21 23.02 22.47
CA PHE B 132 33.86 21.86 23.32
C PHE B 132 32.68 22.09 24.25
N ARG B 133 31.49 22.30 23.71
CA ARG B 133 30.38 22.69 24.59
C ARG B 133 29.84 21.46 25.32
N ARG B 134 29.54 21.61 26.61
CA ARG B 134 29.02 20.51 27.44
C ARG B 134 28.08 19.59 26.68
N TRP B 135 27.09 20.21 26.06
CA TRP B 135 25.92 19.50 25.56
C TRP B 135 26.24 18.89 24.23
N GLU B 136 27.22 19.44 23.51
CA GLU B 136 27.62 18.87 22.22
C GLU B 136 28.46 17.65 22.48
N VAL B 137 29.47 17.82 23.35
CA VAL B 137 30.29 16.76 23.93
C VAL B 137 29.46 15.64 24.54
N ALA B 138 28.39 15.95 25.28
CA ALA B 138 27.62 14.85 25.89
C ALA B 138 26.94 14.07 24.79
N ALA B 139 26.37 14.81 23.83
CA ALA B 139 25.75 14.21 22.63
C ALA B 139 26.68 13.30 21.86
N LEU B 140 27.98 13.49 21.99
CA LEU B 140 28.95 12.73 21.21
C LEU B 140 29.46 11.41 21.82
N GLN B 141 29.36 11.29 23.15
CA GLN B 141 29.95 10.17 23.90
C GLN B 141 29.38 8.79 23.53
N PRO B 142 28.10 8.67 23.16
CA PRO B 142 27.69 7.41 22.58
C PRO B 142 28.48 7.03 21.35
N GLN B 143 29.11 7.98 20.68
CA GLN B 143 29.74 7.61 19.43
C GLN B 143 31.06 6.89 19.58
N LEU B 144 31.72 7.07 20.72
CA LEU B 144 32.87 6.24 21.03
C LEU B 144 32.51 4.73 21.11
N ARG B 145 31.26 4.46 21.50
CA ARG B 145 30.76 3.11 21.64
C ARG B 145 30.55 2.47 20.28
N ILE B 146 29.75 3.11 19.41
CA ILE B 146 29.62 2.74 18.00
C ILE B 146 30.98 2.59 17.29
N ASP B 147 31.87 3.57 17.51
CA ASP B 147 33.09 3.73 16.74
C ASP B 147 34.07 2.61 17.06
N LYS B 148 34.23 2.39 18.37
CA LYS B 148 34.95 1.25 18.93
C LYS B 148 34.35 -0.05 18.43
N ALA B 149 33.03 -0.16 18.49
CA ALA B 149 32.33 -1.38 18.10
C ALA B 149 32.69 -1.75 16.66
N VAL B 150 32.55 -0.80 15.74
CA VAL B 150 32.85 -1.02 14.34
C VAL B 150 34.30 -1.47 14.20
N ALA B 151 35.23 -0.79 14.87
CA ALA B 151 36.66 -1.01 14.62
C ALA B 151 37.06 -2.34 15.18
N LEU B 152 36.51 -2.65 16.33
CA LEU B 152 36.84 -3.86 17.05
C LEU B 152 36.13 -5.10 16.50
N GLN B 153 35.55 -5.00 15.31
CA GLN B 153 35.17 -6.21 14.66
C GLN B 153 36.15 -6.75 13.64
N ASN B 154 37.37 -6.24 13.60
CA ASN B 154 38.47 -7.02 13.01
C ASN B 154 39.28 -7.56 14.17
N PRO B 155 39.26 -8.88 14.35
CA PRO B 155 40.09 -9.53 15.37
C PRO B 155 41.47 -8.90 15.55
N GLN B 156 42.08 -8.41 14.47
CA GLN B 156 43.39 -7.74 14.53
C GLN B 156 43.38 -6.46 15.33
N ALA B 157 42.27 -5.73 15.29
CA ALA B 157 42.20 -4.48 16.00
C ALA B 157 42.49 -4.73 17.49
N HIS B 158 41.71 -5.62 18.11
CA HIS B 158 41.95 -6.13 19.47
C HIS B 158 43.37 -6.61 19.71
N VAL B 159 43.87 -7.47 18.82
CA VAL B 159 45.17 -8.09 19.02
C VAL B 159 46.26 -7.02 19.14
N ILE B 160 46.33 -6.14 18.14
CA ILE B 160 47.40 -5.15 18.05
C ILE B 160 47.25 -4.14 19.19
N GLU B 161 46.01 -3.94 19.64
CA GLU B 161 45.70 -3.18 20.83
C GLU B 161 46.21 -3.86 22.10
N ASN B 162 45.88 -5.13 22.27
CA ASN B 162 46.43 -5.85 23.40
C ASN B 162 47.93 -6.03 23.31
N LEU B 163 48.48 -5.95 22.09
CA LEU B 163 49.88 -6.34 21.85
C LEU B 163 50.71 -5.22 22.42
N HIS B 164 50.15 -4.02 22.28
CA HIS B 164 50.78 -2.78 22.67
C HIS B 164 50.60 -2.62 24.16
N ALA B 165 49.40 -2.96 24.63
CA ALA B 165 49.08 -3.00 26.06
C ALA B 165 50.00 -3.90 26.85
N ALA B 166 50.52 -4.95 26.22
CA ALA B 166 51.35 -5.94 26.88
C ALA B 166 52.82 -5.59 26.74
N ALA B 167 53.20 -4.96 25.63
CA ALA B 167 54.59 -4.63 25.40
C ALA B 167 55.04 -3.52 26.35
N TYR B 168 54.29 -2.43 26.39
CA TYR B 168 54.73 -1.20 27.03
C TYR B 168 54.03 -1.02 28.37
N ARG B 169 54.60 -0.20 29.26
CA ARG B 169 53.98 0.03 30.55
C ARG B 169 53.17 1.30 30.73
N ASN B 170 53.03 2.04 29.64
CA ASN B 170 53.19 3.46 29.62
C ASN B 170 53.06 3.82 28.13
N ALA B 171 52.37 4.93 27.83
CA ALA B 171 52.51 5.68 26.56
C ALA B 171 52.04 4.89 25.36
N LEU B 172 52.93 4.10 24.75
CA LEU B 172 52.53 3.22 23.64
C LEU B 172 51.65 2.04 24.08
N ALA B 173 51.59 1.78 25.39
CA ALA B 173 50.61 0.86 25.94
C ALA B 173 49.16 1.29 25.74
N ASN B 174 48.93 2.60 25.70
CA ASN B 174 47.57 3.16 25.61
C ASN B 174 46.93 2.74 24.30
N SER B 175 45.62 2.59 24.34
CA SER B 175 44.83 2.13 23.20
C SER B 175 44.38 3.30 22.34
N LEU B 176 44.36 3.08 21.02
CA LEU B 176 43.72 4.02 20.08
C LEU B 176 42.25 4.17 20.32
N TYR B 177 41.59 3.22 20.98
CA TYR B 177 40.15 3.37 21.31
C TYR B 177 39.86 3.55 22.80
N CYS B 178 38.87 4.38 23.12
CA CYS B 178 38.56 4.70 24.51
C CYS B 178 38.18 3.43 25.29
N PRO B 179 38.82 3.18 26.45
CA PRO B 179 38.31 2.21 27.44
C PRO B 179 36.82 2.38 27.71
N ASP B 180 36.14 1.24 27.84
CA ASP B 180 34.69 1.20 28.00
C ASP B 180 34.28 1.96 29.25
N TYR B 181 35.11 1.89 30.29
CA TYR B 181 34.82 2.59 31.54
C TYR B 181 34.86 4.09 31.47
N ARG B 182 35.50 4.61 30.44
CA ARG B 182 35.58 6.04 30.21
C ARG B 182 34.51 6.55 29.27
N ILE B 183 33.83 5.64 28.59
CA ILE B 183 32.76 6.06 27.67
C ILE B 183 31.69 6.72 28.52
N GLY B 184 31.42 7.99 28.22
CA GLY B 184 30.49 8.79 28.98
C GLY B 184 31.15 9.66 30.03
N LYS B 185 32.48 9.56 30.16
CA LYS B 185 33.24 10.09 31.30
C LYS B 185 34.30 11.15 30.95
N VAL B 186 34.76 11.14 29.69
CA VAL B 186 35.74 12.10 29.21
C VAL B 186 35.09 13.50 29.15
N THR B 187 35.75 14.52 29.69
CA THR B 187 35.05 15.81 29.88
C THR B 187 35.44 16.88 28.86
N PRO B 188 34.62 17.94 28.71
CA PRO B 188 35.10 19.17 28.07
C PRO B 188 36.38 19.72 28.66
N VAL B 189 36.58 19.74 29.97
CA VAL B 189 37.88 20.23 30.44
C VAL B 189 39.05 19.39 29.92
N GLU B 190 38.84 18.07 29.93
CA GLU B 190 39.87 17.09 29.54
C GLU B 190 40.20 17.26 28.08
N LEU B 191 39.17 17.46 27.27
CA LEU B 191 39.31 17.85 25.86
C LEU B 191 40.09 19.15 25.65
N HIS B 192 39.59 20.23 26.25
CA HIS B 192 40.23 21.53 26.26
C HIS B 192 41.72 21.38 26.60
N ASP B 193 42.01 20.72 27.72
CA ASP B 193 43.38 20.53 28.21
C ASP B 193 44.22 19.72 27.22
N TYR B 194 43.62 18.72 26.57
CA TYR B 194 44.37 17.95 25.61
C TYR B 194 44.88 18.79 24.42
N VAL B 195 43.98 19.60 23.85
CA VAL B 195 44.36 20.57 22.81
C VAL B 195 45.46 21.56 23.25
N GLN B 196 45.32 22.12 24.46
CA GLN B 196 46.27 23.08 24.99
C GLN B 196 47.62 22.45 25.18
N ASN B 197 47.63 21.21 25.68
CA ASN B 197 48.88 20.55 26.05
C ASN B 197 49.65 20.06 24.85
N HIS B 198 48.93 19.72 23.80
CA HIS B 198 49.46 18.95 22.69
C HIS B 198 49.43 19.60 21.29
N PHE B 199 48.47 20.50 21.04
CA PHE B 199 48.29 21.12 19.71
C PHE B 199 49.05 22.46 19.62
N THR B 200 50.32 22.47 20.01
CA THR B 200 51.13 23.67 19.97
C THR B 200 52.03 23.68 18.73
N SER B 201 52.80 24.74 18.52
CA SER B 201 53.61 24.94 17.33
C SER B 201 54.72 23.90 17.17
N ALA B 202 55.53 23.75 18.22
CA ALA B 202 56.65 22.80 18.30
C ALA B 202 56.24 21.36 17.96
N ARG B 203 54.92 21.14 18.00
CA ARG B 203 54.28 19.84 17.91
C ARG B 203 53.51 19.69 16.62
N MET B 204 53.50 20.73 15.77
CA MET B 204 52.66 20.67 14.58
C MET B 204 53.42 20.71 13.27
N ALA B 205 52.79 20.26 12.18
CA ALA B 205 53.36 20.40 10.84
C ALA B 205 52.20 20.63 9.90
N LEU B 206 52.30 21.72 9.13
CA LEU B 206 51.26 22.10 8.19
C LEU B 206 51.72 21.79 6.80
N ILE B 207 51.06 20.80 6.21
CA ILE B 207 51.42 20.28 4.88
C ILE B 207 50.29 20.52 3.90
N GLY B 208 50.65 20.98 2.70
CA GLY B 208 49.67 21.33 1.68
C GLY B 208 50.03 20.83 0.29
N LEU B 209 49.09 20.16 -0.35
CA LEU B 209 49.23 19.84 -1.77
C LEU B 209 48.27 20.70 -2.56
N GLY B 210 48.73 21.14 -3.73
CA GLY B 210 47.97 22.06 -4.58
C GLY B 210 47.73 23.40 -3.92
N VAL B 211 48.50 23.70 -2.88
CA VAL B 211 48.67 25.06 -2.39
C VAL B 211 50.10 25.57 -2.46
N SER B 212 50.21 26.89 -2.45
CA SER B 212 51.50 27.56 -2.53
C SER B 212 52.08 27.95 -1.16
N HIS B 213 53.38 27.72 -1.05
CA HIS B 213 54.14 27.89 0.18
C HIS B 213 54.02 29.29 0.82
N PRO B 214 53.99 30.38 0.04
CA PRO B 214 53.65 31.69 0.61
C PRO B 214 52.36 31.73 1.41
N VAL B 215 51.32 31.04 0.93
CA VAL B 215 49.99 31.10 1.56
C VAL B 215 50.05 30.29 2.84
N LEU B 216 50.52 29.04 2.73
CA LEU B 216 50.76 28.16 3.87
C LEU B 216 51.49 28.87 5.00
N LYS B 217 52.62 29.51 4.64
CA LYS B 217 53.46 30.26 5.56
C LYS B 217 52.68 31.40 6.23
N GLN B 218 51.89 32.13 5.44
CA GLN B 218 51.04 33.21 5.97
C GLN B 218 50.06 32.64 6.98
N VAL B 219 49.41 31.54 6.61
CA VAL B 219 48.38 30.90 7.44
C VAL B 219 48.98 30.43 8.75
N ALA B 220 50.23 29.96 8.65
CA ALA B 220 50.97 29.36 9.75
C ALA B 220 51.45 30.45 10.71
N GLU B 221 51.96 31.54 10.14
CA GLU B 221 52.51 32.63 10.92
C GLU B 221 51.39 33.45 11.53
N GLN B 222 50.21 33.40 10.92
CA GLN B 222 49.06 34.11 11.44
C GLN B 222 48.34 33.33 12.53
N PHE B 223 48.07 32.05 12.25
CA PHE B 223 47.03 31.30 12.94
C PHE B 223 47.55 30.18 13.82
N LEU B 224 48.75 29.68 13.48
CA LEU B 224 49.34 28.52 14.16
C LEU B 224 50.51 28.84 15.06
N ASN B 225 50.68 30.11 15.43
CA ASN B 225 51.59 30.52 16.50
C ASN B 225 51.01 30.29 17.89
N ILE B 226 51.09 29.03 18.30
CA ILE B 226 50.52 28.55 19.55
C ILE B 226 51.69 27.91 20.27
N ARG B 227 51.84 28.17 21.56
CA ARG B 227 52.71 27.31 22.37
C ARG B 227 52.52 27.46 23.86
N GLY B 228 52.53 26.31 24.54
CA GLY B 228 52.62 26.22 25.98
C GLY B 228 51.88 25.04 26.62
N GLY B 229 51.85 23.92 25.93
CA GLY B 229 51.96 22.62 26.57
C GLY B 229 53.42 22.25 26.76
N LEU B 230 53.75 21.03 26.34
CA LEU B 230 54.99 20.38 26.78
C LEU B 230 55.89 20.00 25.58
N GLY B 231 57.14 19.63 25.84
CA GLY B 231 58.18 19.68 24.82
C GLY B 231 58.55 18.39 24.09
N LEU B 232 59.41 17.62 24.76
CA LEU B 232 59.42 16.16 24.72
C LEU B 232 58.30 15.46 23.90
N SER B 233 58.72 14.64 22.94
CA SER B 233 57.89 13.52 22.44
C SER B 233 58.05 12.27 23.36
N GLY B 234 57.62 12.46 24.61
CA GLY B 234 58.36 12.02 25.78
C GLY B 234 57.59 12.07 27.10
N ALA B 235 56.89 10.96 27.39
CA ALA B 235 57.08 10.23 28.64
C ALA B 235 58.28 9.27 28.55
N LYS B 236 58.68 8.92 27.31
CA LYS B 236 59.58 7.82 26.95
C LYS B 236 58.98 6.45 27.24
N ALA B 237 58.79 5.69 26.17
CA ALA B 237 58.00 4.47 26.20
C ALA B 237 58.85 3.36 26.77
N LYS B 238 58.45 2.84 27.92
CA LYS B 238 59.21 1.80 28.60
C LYS B 238 58.75 0.42 28.09
N TYR B 239 59.55 -0.21 27.24
CA TYR B 239 59.29 -1.60 26.88
C TYR B 239 59.47 -2.51 28.09
N HIS B 240 58.66 -3.56 28.16
CA HIS B 240 58.48 -4.32 29.39
C HIS B 240 58.27 -5.79 29.01
N GLY B 241 57.48 -6.01 27.96
CA GLY B 241 57.18 -7.35 27.49
C GLY B 241 56.15 -8.02 28.38
N GLY B 242 55.46 -9.00 27.81
CA GLY B 242 54.42 -9.74 28.51
C GLY B 242 53.53 -10.43 27.50
N GLU B 243 52.31 -10.79 27.91
CA GLU B 243 51.36 -11.42 27.02
C GLU B 243 49.92 -11.18 27.47
N ILE B 244 49.04 -10.81 26.53
CA ILE B 244 47.62 -10.72 26.84
C ILE B 244 46.84 -11.72 25.98
N ARG B 245 45.99 -12.49 26.64
CA ARG B 245 45.23 -13.60 26.03
C ARG B 245 43.74 -13.38 26.24
N GLU B 246 42.97 -13.65 25.19
CA GLU B 246 41.54 -13.37 25.13
C GLU B 246 40.83 -14.54 24.48
N GLN B 247 40.23 -15.38 25.33
CA GLN B 247 39.33 -16.46 24.92
C GLN B 247 38.10 -15.97 24.17
N ASN B 248 38.01 -16.35 22.90
CA ASN B 248 36.94 -15.93 22.00
C ASN B 248 35.84 -16.95 21.73
N GLY B 249 36.23 -18.19 21.42
CA GLY B 249 35.62 -18.95 20.33
C GLY B 249 35.34 -18.11 19.07
N ASP B 250 36.37 -17.97 18.23
CA ASP B 250 36.24 -17.34 16.92
C ASP B 250 36.60 -18.35 15.84
N SER B 251 36.96 -19.55 16.30
CA SER B 251 37.40 -20.71 15.51
C SER B 251 38.77 -20.58 14.86
N LEU B 252 39.09 -19.36 14.43
CA LEU B 252 40.44 -19.01 14.02
C LEU B 252 41.13 -18.24 15.13
N VAL B 253 42.30 -18.70 15.56
CA VAL B 253 43.14 -18.01 16.54
C VAL B 253 44.02 -17.00 15.79
N HIS B 254 43.84 -15.72 16.11
CA HIS B 254 44.78 -14.67 15.75
C HIS B 254 45.77 -14.56 16.87
N ALA B 255 47.04 -14.35 16.52
CA ALA B 255 48.08 -14.20 17.51
C ALA B 255 49.19 -13.39 16.90
N ALA B 256 49.79 -12.51 17.69
CA ALA B 256 50.98 -11.77 17.31
C ALA B 256 52.02 -11.95 18.40
N LEU B 257 53.27 -12.14 17.96
CA LEU B 257 54.43 -12.37 18.82
C LEU B 257 55.53 -11.43 18.35
N VAL B 258 56.25 -10.83 19.30
CA VAL B 258 56.95 -9.57 19.07
C VAL B 258 58.07 -9.32 20.10
N ALA B 259 59.19 -8.76 19.65
CA ALA B 259 60.20 -8.18 20.56
C ALA B 259 60.44 -6.72 20.19
N GLU B 260 60.98 -5.94 21.13
CA GLU B 260 61.47 -4.58 20.85
C GLU B 260 62.48 -4.50 19.70
N SER B 261 62.13 -3.72 18.66
CA SER B 261 62.96 -3.46 17.48
C SER B 261 63.81 -2.19 17.54
N ALA B 262 63.46 -1.17 16.74
CA ALA B 262 64.30 0.03 16.52
C ALA B 262 63.38 1.23 16.34
N ALA B 263 63.83 2.40 16.80
CA ALA B 263 62.99 3.59 16.69
C ALA B 263 63.03 4.09 15.26
N ILE B 264 61.90 4.59 14.80
CA ILE B 264 61.77 5.04 13.42
C ILE B 264 62.79 6.15 13.11
N GLY B 265 63.40 6.06 11.93
CA GLY B 265 64.48 6.98 11.61
C GLY B 265 65.84 6.32 11.58
N SER B 266 66.31 5.84 12.74
CA SER B 266 67.54 5.02 12.84
C SER B 266 67.81 3.98 11.74
N ALA B 267 69.11 3.73 11.49
CA ALA B 267 69.57 2.79 10.47
C ALA B 267 69.05 1.38 10.73
N GLU B 268 69.20 0.90 11.97
CA GLU B 268 68.64 -0.38 12.45
C GLU B 268 67.17 -0.62 12.07
N ALA B 269 66.38 0.45 12.00
CA ALA B 269 64.96 0.36 11.67
C ALA B 269 64.75 -0.07 10.24
N ASN B 270 65.72 0.21 9.37
CA ASN B 270 65.63 -0.22 7.98
C ASN B 270 66.05 -1.65 7.81
N ALA B 271 67.01 -2.11 8.62
CA ALA B 271 67.26 -3.55 8.77
C ALA B 271 65.98 -4.36 9.05
N PHE B 272 65.20 -3.91 10.03
CA PHE B 272 63.93 -4.52 10.34
C PHE B 272 62.95 -4.38 9.19
N SER B 273 62.85 -3.19 8.63
CA SER B 273 62.03 -2.99 7.45
C SER B 273 62.29 -4.04 6.35
N VAL B 274 63.56 -4.35 6.12
CA VAL B 274 63.96 -5.30 5.09
C VAL B 274 63.69 -6.71 5.59
N LEU B 275 63.96 -6.98 6.87
CA LEU B 275 63.68 -8.29 7.46
C LEU B 275 62.18 -8.67 7.41
N GLN B 276 61.33 -7.69 7.69
CA GLN B 276 59.93 -7.80 7.36
C GLN B 276 59.69 -8.33 5.94
N HIS B 277 60.43 -7.87 4.94
CA HIS B 277 60.16 -8.30 3.58
C HIS B 277 60.79 -9.63 3.20
N VAL B 278 61.84 -10.01 3.92
CA VAL B 278 62.41 -11.35 3.82
C VAL B 278 61.40 -12.38 4.31
N LEU B 279 60.96 -12.22 5.56
CA LEU B 279 59.99 -13.12 6.17
C LEU B 279 58.63 -13.02 5.49
N GLY B 280 58.23 -11.82 5.08
CA GLY B 280 57.14 -11.65 4.15
C GLY B 280 55.99 -10.93 4.79
N ALA B 281 55.55 -9.86 4.13
CA ALA B 281 54.39 -9.07 4.56
C ALA B 281 53.21 -9.58 3.75
N GLY B 282 52.40 -8.70 3.19
CA GLY B 282 51.19 -9.12 2.51
C GLY B 282 51.40 -9.91 1.22
N PRO B 283 50.33 -10.26 0.52
CA PRO B 283 50.44 -10.92 -0.79
C PRO B 283 50.72 -9.94 -1.94
N HIS B 284 51.36 -10.42 -3.00
CA HIS B 284 51.52 -9.57 -4.19
C HIS B 284 50.62 -9.98 -5.34
N VAL B 285 50.18 -11.23 -5.34
CA VAL B 285 49.59 -11.89 -6.49
C VAL B 285 48.29 -12.48 -5.99
N LYS B 286 47.19 -12.14 -6.66
CA LYS B 286 45.86 -12.51 -6.18
C LYS B 286 45.71 -14.02 -6.12
N ARG B 287 45.56 -14.53 -4.89
CA ARG B 287 45.40 -15.96 -4.62
C ARG B 287 46.66 -16.75 -4.97
N GLY B 288 47.80 -16.25 -4.48
CA GLY B 288 49.09 -16.84 -4.75
C GLY B 288 49.59 -17.62 -3.56
N SER B 289 50.44 -18.61 -3.82
CA SER B 289 51.03 -19.46 -2.80
C SER B 289 52.08 -18.75 -1.95
N ASN B 290 52.44 -17.54 -2.40
CA ASN B 290 53.52 -16.72 -1.82
C ASN B 290 54.84 -17.45 -1.69
N ALA B 291 55.21 -18.01 -2.84
CA ALA B 291 56.51 -18.58 -3.14
C ALA B 291 57.70 -17.82 -2.54
N THR B 292 57.58 -16.50 -2.47
CA THR B 292 58.63 -15.67 -1.91
C THR B 292 58.45 -15.40 -0.42
N SER B 293 57.37 -15.90 0.19
CA SER B 293 57.20 -15.65 1.62
C SER B 293 57.70 -16.80 2.47
N SER B 294 58.83 -16.54 3.13
CA SER B 294 59.58 -17.54 3.91
C SER B 294 58.72 -18.07 5.04
N LEU B 295 57.99 -17.16 5.66
CA LEU B 295 57.17 -17.49 6.81
C LEU B 295 56.04 -18.37 6.33
N TYR B 296 55.45 -17.96 5.21
CA TYR B 296 54.36 -18.72 4.62
C TYR B 296 54.81 -20.11 4.19
N GLN B 297 56.00 -20.18 3.60
CA GLN B 297 56.54 -21.41 3.09
C GLN B 297 56.98 -22.33 4.19
N ALA B 298 57.51 -21.79 5.29
CA ALA B 298 57.93 -22.61 6.43
C ALA B 298 56.77 -23.21 7.20
N VAL B 299 55.68 -22.45 7.25
CA VAL B 299 54.48 -22.84 7.98
C VAL B 299 53.70 -23.86 7.17
N ALA B 300 53.67 -23.66 5.86
CA ALA B 300 53.02 -24.56 4.92
C ALA B 300 53.62 -25.97 4.93
N LYS B 301 54.95 -26.02 5.00
CA LYS B 301 55.72 -27.27 5.12
C LYS B 301 55.26 -28.18 6.28
N GLY B 302 54.86 -27.55 7.39
CA GLY B 302 54.31 -28.27 8.54
C GLY B 302 52.79 -28.43 8.55
N VAL B 303 52.07 -27.51 7.89
CA VAL B 303 50.68 -27.22 8.22
C VAL B 303 49.80 -27.27 6.96
N HIS B 304 48.72 -28.04 7.07
CA HIS B 304 48.00 -28.53 5.90
C HIS B 304 46.57 -27.99 5.69
N GLN B 305 46.21 -26.98 6.48
CA GLN B 305 44.89 -26.35 6.44
C GLN B 305 44.98 -24.82 6.17
N PRO B 306 43.87 -24.08 6.18
CA PRO B 306 43.93 -22.61 6.18
C PRO B 306 44.79 -21.99 7.30
N PHE B 307 45.73 -21.14 6.88
CA PHE B 307 46.44 -20.24 7.77
C PHE B 307 46.87 -18.94 7.10
N ASP B 308 47.32 -18.00 7.92
CA ASP B 308 48.12 -16.90 7.44
C ASP B 308 49.23 -16.59 8.43
N VAL B 309 50.38 -16.22 7.86
CA VAL B 309 51.49 -15.62 8.59
C VAL B 309 51.93 -14.40 7.84
N SER B 310 52.21 -13.36 8.59
CA SER B 310 52.99 -12.25 8.07
C SER B 310 53.83 -11.68 9.19
N ALA B 311 55.09 -11.43 8.85
CA ALA B 311 55.98 -10.53 9.58
C ALA B 311 55.27 -9.23 10.00
N PHE B 312 55.30 -8.94 11.29
CA PHE B 312 54.76 -7.69 11.83
C PHE B 312 55.84 -6.65 12.17
N ASN B 313 55.67 -5.40 11.71
CA ASN B 313 56.68 -4.37 11.97
C ASN B 313 56.22 -2.93 12.22
N ALA B 314 56.08 -2.59 13.50
CA ALA B 314 55.64 -1.26 13.94
C ALA B 314 56.86 -0.49 14.44
N SER B 315 56.90 0.80 14.12
CA SER B 315 58.04 1.60 14.51
C SER B 315 57.68 2.98 14.93
N TYR B 316 58.12 3.36 16.12
CA TYR B 316 57.69 4.59 16.74
C TYR B 316 58.88 5.49 17.04
N SER B 317 58.58 6.68 17.55
CA SER B 317 59.61 7.71 17.81
C SER B 317 60.75 7.19 18.68
N ASP B 318 60.44 6.29 19.61
CA ASP B 318 61.34 6.04 20.72
C ASP B 318 61.37 4.58 21.11
N SER B 319 60.92 3.75 20.16
CA SER B 319 60.85 2.27 20.25
C SER B 319 60.29 1.66 18.95
N GLY B 320 60.26 0.35 18.85
CA GLY B 320 59.32 -0.29 17.93
C GLY B 320 59.13 -1.75 18.28
N LEU B 321 58.07 -2.35 17.74
CA LEU B 321 57.84 -3.78 17.85
C LEU B 321 58.04 -4.48 16.52
N PHE B 322 58.85 -5.54 16.54
CA PHE B 322 58.94 -6.51 15.45
C PHE B 322 58.55 -7.93 15.88
N GLY B 323 57.88 -8.62 14.95
CA GLY B 323 57.74 -10.07 14.96
C GLY B 323 56.85 -10.51 13.83
N PHE B 324 55.81 -11.26 14.15
CA PHE B 324 54.90 -11.81 13.15
C PHE B 324 53.52 -12.04 13.69
N TYR B 325 52.56 -12.14 12.78
CA TYR B 325 51.16 -12.25 13.13
C TYR B 325 50.59 -13.48 12.42
N THR B 326 50.06 -14.40 13.23
CA THR B 326 49.53 -15.68 12.75
C THR B 326 48.01 -15.65 12.85
N ILE B 327 47.38 -16.33 11.90
CA ILE B 327 45.98 -16.75 11.96
C ILE B 327 45.96 -18.23 11.62
N SER B 328 45.42 -19.03 12.54
CA SER B 328 45.32 -20.47 12.35
C SER B 328 44.01 -20.94 12.94
N GLN B 329 43.60 -22.14 12.56
CA GLN B 329 42.63 -22.91 13.35
C GLN B 329 43.11 -23.09 14.80
N ALA B 330 42.18 -23.22 15.73
CA ALA B 330 42.52 -23.35 17.13
C ALA B 330 43.56 -24.42 17.51
N ALA B 331 43.47 -25.62 16.91
CA ALA B 331 44.35 -26.76 17.19
C ALA B 331 45.74 -26.59 16.59
N SER B 332 45.84 -25.98 15.41
CA SER B 332 47.13 -25.73 14.77
C SER B 332 47.87 -24.51 15.33
N ALA B 333 47.23 -23.73 16.23
CA ALA B 333 47.77 -22.43 16.67
C ALA B 333 49.27 -22.47 16.99
N GLY B 334 49.63 -23.37 17.91
CA GLY B 334 51.00 -23.66 18.25
C GLY B 334 51.90 -24.10 17.12
N ASP B 335 51.37 -24.95 16.24
CA ASP B 335 52.19 -25.53 15.16
C ASP B 335 52.63 -24.46 14.19
N VAL B 336 51.65 -23.64 13.80
CA VAL B 336 51.87 -22.40 13.07
C VAL B 336 52.92 -21.46 13.72
N ILE B 337 52.72 -21.18 15.00
CA ILE B 337 53.55 -20.23 15.76
C ILE B 337 54.99 -20.73 15.86
N LYS B 338 55.15 -21.98 16.27
CA LYS B 338 56.47 -22.58 16.38
C LYS B 338 57.17 -22.70 15.01
N ALA B 339 56.40 -23.02 13.97
CA ALA B 339 56.94 -23.01 12.61
C ALA B 339 57.43 -21.65 12.19
N ALA B 340 56.65 -20.63 12.55
CA ALA B 340 56.91 -19.25 12.18
C ALA B 340 58.17 -18.77 12.89
N TYR B 341 58.24 -19.03 14.18
CA TYR B 341 59.30 -18.52 15.04
C TYR B 341 60.65 -19.13 14.69
N ASN B 342 60.68 -20.47 14.52
CA ASN B 342 61.86 -21.16 14.00
C ASN B 342 62.42 -20.47 12.79
N GLN B 343 61.51 -20.10 11.88
CA GLN B 343 61.88 -19.67 10.55
C GLN B 343 62.65 -18.36 10.65
N VAL B 344 62.22 -17.49 11.56
CA VAL B 344 63.06 -16.39 12.03
C VAL B 344 64.37 -16.85 12.63
N LYS B 345 64.31 -17.75 13.62
CA LYS B 345 65.51 -18.29 14.29
C LYS B 345 66.55 -18.75 13.29
N THR B 346 66.05 -19.28 12.17
CA THR B 346 66.89 -19.79 11.11
C THR B 346 67.67 -18.72 10.34
N ILE B 347 67.13 -17.51 10.29
CA ILE B 347 67.81 -16.34 9.74
C ILE B 347 68.83 -15.74 10.71
N ALA B 348 68.46 -15.64 11.98
CA ALA B 348 69.40 -15.34 13.06
C ALA B 348 70.64 -16.26 13.11
N GLN B 349 70.46 -17.55 12.77
CA GLN B 349 71.55 -18.50 12.77
C GLN B 349 72.46 -18.28 11.55
N GLY B 350 71.95 -17.52 10.57
CA GLY B 350 72.77 -16.99 9.50
C GLY B 350 72.43 -17.55 8.13
N ASN B 351 71.36 -18.33 8.06
CA ASN B 351 70.90 -18.91 6.79
C ASN B 351 70.04 -17.92 5.98
N LEU B 352 70.74 -17.11 5.19
CA LEU B 352 70.14 -15.99 4.45
C LEU B 352 70.92 -15.66 3.18
N SER B 353 70.28 -15.88 2.02
CA SER B 353 70.94 -15.69 0.74
C SER B 353 70.90 -14.24 0.28
N ASN B 354 71.95 -13.78 -0.41
CA ASN B 354 72.02 -12.41 -0.87
C ASN B 354 70.92 -12.00 -1.85
N PRO B 355 70.56 -12.86 -2.82
CA PRO B 355 69.36 -12.64 -3.64
C PRO B 355 68.02 -12.64 -2.89
N ASP B 356 67.93 -13.33 -1.75
CA ASP B 356 66.80 -13.14 -0.83
C ASP B 356 66.74 -11.72 -0.32
N VAL B 357 67.83 -11.25 0.30
CA VAL B 357 67.93 -9.86 0.77
C VAL B 357 67.67 -8.85 -0.33
N GLN B 358 68.25 -9.08 -1.52
CA GLN B 358 67.96 -8.28 -2.72
C GLN B 358 66.49 -8.23 -3.09
N ALA B 359 65.81 -9.39 -3.05
CA ALA B 359 64.38 -9.47 -3.39
C ALA B 359 63.50 -8.62 -2.48
N ALA B 360 63.78 -8.73 -1.17
CA ALA B 360 63.09 -7.97 -0.13
C ALA B 360 63.29 -6.46 -0.28
N LYS B 361 64.49 -6.08 -0.68
CA LYS B 361 64.80 -4.70 -1.04
C LYS B 361 63.94 -4.19 -2.19
N ASN B 362 63.89 -4.92 -3.30
CA ASN B 362 62.99 -4.52 -4.40
C ASN B 362 61.53 -4.52 -3.97
N LYS B 363 61.14 -5.50 -3.15
CA LYS B 363 59.83 -5.48 -2.53
C LYS B 363 59.56 -4.22 -1.69
N LEU B 364 60.49 -3.87 -0.79
CA LEU B 364 60.36 -2.68 0.05
C LEU B 364 60.34 -1.35 -0.73
N LYS B 365 61.37 -1.13 -1.53
CA LYS B 365 61.53 0.04 -2.37
C LYS B 365 60.29 0.27 -3.22
N ALA B 366 59.86 -0.75 -3.97
CA ALA B 366 58.70 -0.60 -4.83
C ALA B 366 57.47 -0.29 -3.99
N GLY B 367 57.38 -0.92 -2.82
CA GLY B 367 56.26 -0.72 -1.92
C GLY B 367 56.19 0.70 -1.43
N TYR B 368 57.36 1.26 -1.12
CA TYR B 368 57.48 2.66 -0.75
C TYR B 368 57.02 3.57 -1.87
N LEU B 369 57.66 3.47 -3.01
CA LEU B 369 57.32 4.30 -4.14
C LEU B 369 55.84 4.19 -4.47
N MET B 370 55.35 2.95 -4.41
CA MET B 370 53.93 2.65 -4.57
C MET B 370 53.08 3.41 -3.53
N SER B 371 53.56 3.44 -2.29
CA SER B 371 52.79 3.96 -1.16
C SER B 371 52.54 5.46 -1.25
N VAL B 372 53.43 6.18 -1.93
CA VAL B 372 53.36 7.64 -2.07
C VAL B 372 52.78 8.15 -3.39
N GLU B 373 52.15 7.25 -4.13
CA GLU B 373 51.68 7.51 -5.49
C GLU B 373 50.54 8.53 -5.54
N SER B 374 49.62 8.42 -4.58
CA SER B 374 48.37 9.20 -4.54
C SER B 374 48.56 10.33 -3.55
N SER B 375 47.71 11.34 -3.68
CA SER B 375 47.81 12.54 -2.84
C SER B 375 47.68 12.22 -1.35
N GLU B 376 46.68 11.39 -1.04
CA GLU B 376 46.37 10.94 0.32
C GLU B 376 47.59 10.30 0.95
N GLY B 377 48.34 9.58 0.11
CA GLY B 377 49.46 8.81 0.56
C GLY B 377 50.70 9.66 0.73
N PHE B 378 51.03 10.43 -0.29
CA PHE B 378 52.13 11.39 -0.28
C PHE B 378 52.04 12.37 0.89
N LEU B 379 50.92 13.09 1.00
CA LEU B 379 50.63 13.97 2.14
C LEU B 379 50.86 13.30 3.49
N ASP B 380 50.49 12.04 3.60
CA ASP B 380 50.69 11.36 4.87
C ASP B 380 52.17 11.15 5.17
N GLU B 381 52.93 10.67 4.19
CA GLU B 381 54.37 10.52 4.31
C GLU B 381 55.03 11.81 4.80
N VAL B 382 54.74 12.90 4.07
CA VAL B 382 55.31 14.19 4.36
C VAL B 382 54.91 14.72 5.73
N GLY B 383 53.63 14.71 6.07
CA GLY B 383 53.21 14.94 7.44
C GLY B 383 54.04 14.25 8.51
N SER B 384 54.38 12.98 8.32
CA SER B 384 54.88 12.19 9.44
C SER B 384 56.39 12.29 9.46
N GLN B 385 56.98 12.29 8.26
CA GLN B 385 58.34 12.75 8.07
C GLN B 385 58.64 14.05 8.83
N ALA B 386 57.84 15.09 8.60
CA ALA B 386 57.93 16.34 9.33
C ALA B 386 57.93 16.22 10.86
N LEU B 387 57.05 15.39 11.41
CA LEU B 387 56.96 15.27 12.85
C LEU B 387 58.01 14.31 13.43
N ALA B 388 58.41 13.30 12.69
CA ALA B 388 59.38 12.36 13.28
C ALA B 388 60.83 12.75 13.03
N ALA B 389 61.05 13.53 11.97
CA ALA B 389 62.38 13.78 11.42
C ALA B 389 62.70 15.25 11.39
N GLY B 390 61.69 16.09 11.21
CA GLY B 390 61.87 17.52 11.02
C GLY B 390 62.40 17.85 9.64
N SER B 391 62.16 16.95 8.69
CA SER B 391 62.67 17.04 7.31
C SER B 391 61.69 16.52 6.26
N TYR B 392 62.06 16.73 5.00
CA TYR B 392 61.62 15.87 3.91
C TYR B 392 62.83 15.15 3.34
N THR B 393 62.62 13.92 2.89
CA THR B 393 63.65 12.97 2.49
C THR B 393 63.22 12.24 1.23
N PRO B 394 63.57 12.78 0.07
CA PRO B 394 63.06 12.27 -1.21
C PRO B 394 63.26 10.76 -1.47
N PRO B 395 62.35 10.14 -2.24
CA PRO B 395 62.50 8.78 -2.75
C PRO B 395 63.93 8.36 -3.08
N SER B 396 64.63 9.16 -3.88
CA SER B 396 65.99 8.88 -4.32
C SER B 396 66.87 8.53 -3.14
N THR B 397 66.66 9.29 -2.05
CA THR B 397 67.44 9.11 -0.83
C THR B 397 66.89 8.11 0.17
N VAL B 398 65.59 7.85 0.10
CA VAL B 398 65.00 6.73 0.86
C VAL B 398 65.49 5.40 0.29
N LEU B 399 65.37 5.21 -1.02
CA LEU B 399 65.87 4.00 -1.68
C LEU B 399 67.36 3.82 -1.45
N GLN B 400 68.08 4.93 -1.38
CA GLN B 400 69.52 4.91 -1.13
C GLN B 400 69.77 4.28 0.22
N GLN B 401 69.01 4.74 1.20
CA GLN B 401 69.13 4.25 2.56
C GLN B 401 68.75 2.79 2.67
N ILE B 402 67.71 2.42 1.92
CA ILE B 402 67.28 1.04 1.80
C ILE B 402 68.42 0.22 1.21
N ASP B 403 69.02 0.70 0.12
CA ASP B 403 70.12 -0.02 -0.51
C ASP B 403 71.26 -0.20 0.45
N ALA B 404 71.38 0.73 1.41
CA ALA B 404 72.51 0.81 2.32
C ALA B 404 72.53 -0.30 3.36
N VAL B 405 71.39 -0.97 3.54
CA VAL B 405 71.25 -2.12 4.43
C VAL B 405 72.18 -3.32 4.10
N ALA B 406 73.03 -3.71 5.05
CA ALA B 406 73.86 -4.91 4.89
C ALA B 406 73.10 -6.20 5.25
N ASP B 407 73.31 -7.24 4.44
CA ASP B 407 72.96 -8.64 4.74
C ASP B 407 73.13 -9.00 6.21
N ALA B 408 74.20 -8.48 6.81
CA ALA B 408 74.54 -8.74 8.19
C ALA B 408 73.58 -8.05 9.12
N ASP B 409 73.23 -6.81 8.82
CA ASP B 409 72.35 -6.04 9.70
C ASP B 409 70.98 -6.76 9.82
N VAL B 410 70.51 -7.31 8.71
CA VAL B 410 69.25 -8.04 8.63
C VAL B 410 69.35 -9.28 9.49
N ILE B 411 70.47 -10.02 9.37
CA ILE B 411 70.70 -11.16 10.25
C ILE B 411 70.56 -10.69 11.69
N ASN B 412 71.21 -9.57 11.99
CA ASN B 412 71.31 -9.03 13.34
C ASN B 412 69.97 -8.56 13.88
N ALA B 413 69.18 -7.94 12.98
CA ALA B 413 67.77 -7.62 13.24
C ALA B 413 67.06 -8.86 13.74
N ALA B 414 67.21 -9.96 13.00
CA ALA B 414 66.56 -11.21 13.35
C ALA B 414 67.13 -11.81 14.65
N LYS B 415 68.44 -11.74 14.83
CA LYS B 415 69.13 -12.05 16.10
C LYS B 415 68.45 -11.35 17.29
N LYS B 416 68.09 -10.08 17.07
CA LYS B 416 67.54 -9.23 18.12
C LYS B 416 66.13 -9.67 18.52
N PHE B 417 65.28 -9.95 17.53
CA PHE B 417 63.96 -10.56 17.77
C PHE B 417 64.05 -11.85 18.59
N VAL B 418 64.93 -12.77 18.17
CA VAL B 418 65.08 -14.08 18.79
C VAL B 418 65.50 -14.00 20.27
N SER B 419 66.40 -13.08 20.58
CA SER B 419 67.06 -13.07 21.89
C SER B 419 66.39 -12.14 22.90
N GLY B 420 65.37 -11.41 22.44
CA GLY B 420 64.84 -10.26 23.16
C GLY B 420 63.55 -10.60 23.89
N ARG B 421 63.35 -10.04 25.09
CA ARG B 421 62.18 -10.28 25.94
C ARG B 421 60.99 -9.99 25.07
N LYS B 422 60.02 -10.89 25.10
CA LYS B 422 58.95 -10.97 24.12
C LYS B 422 57.61 -10.41 24.58
N SER B 423 56.74 -10.16 23.60
CA SER B 423 55.38 -9.72 23.84
C SER B 423 54.45 -10.49 22.94
N MET B 424 53.34 -10.96 23.51
CA MET B 424 52.38 -11.80 22.79
C MET B 424 50.98 -11.31 23.00
N ALA B 425 50.17 -11.39 21.95
CA ALA B 425 48.72 -11.24 22.09
C ALA B 425 48.04 -12.17 21.11
N ALA B 426 47.00 -12.82 21.59
CA ALA B 426 46.29 -13.88 20.89
C ALA B 426 44.85 -13.91 21.39
N SER B 427 43.92 -14.29 20.53
CA SER B 427 42.49 -14.34 20.87
C SER B 427 41.82 -15.34 19.95
N GLY B 428 40.90 -16.12 20.51
CA GLY B 428 40.34 -17.27 19.83
C GLY B 428 40.09 -18.33 20.87
N ASN B 429 40.02 -19.59 20.44
CA ASN B 429 40.08 -20.70 21.37
C ASN B 429 41.53 -21.01 21.61
N LEU B 430 42.00 -20.60 22.78
CA LEU B 430 43.42 -20.54 23.05
C LEU B 430 44.02 -21.81 23.60
N GLY B 431 43.21 -22.88 23.69
CA GLY B 431 43.61 -24.16 24.25
C GLY B 431 44.88 -24.80 23.70
N HIS B 432 45.27 -24.45 22.47
CA HIS B 432 46.51 -24.94 21.88
C HIS B 432 47.39 -23.82 21.38
N THR B 433 47.09 -22.60 21.82
CA THR B 433 48.00 -21.46 21.68
C THR B 433 49.06 -21.50 22.78
N PRO B 434 50.35 -21.40 22.44
CA PRO B 434 51.46 -21.45 23.40
C PRO B 434 51.51 -20.26 24.34
N PHE B 435 52.60 -20.09 25.08
CA PHE B 435 52.62 -19.14 26.19
C PHE B 435 53.86 -18.25 26.33
N ILE B 436 54.75 -18.24 25.35
CA ILE B 436 56.06 -17.55 25.41
C ILE B 436 57.01 -18.45 26.17
N ASP B 437 56.91 -18.39 27.48
CA ASP B 437 57.08 -19.53 28.36
C ASP B 437 57.33 -20.81 27.58
N GLU B 438 56.43 -21.15 26.66
CA GLU B 438 56.42 -22.49 26.06
C GLU B 438 57.01 -22.53 24.67
N LEU B 439 57.40 -21.38 24.14
CA LEU B 439 58.07 -21.30 22.84
C LEU B 439 59.56 -21.52 23.02
N THR C 2 9.54 12.11 8.78
CA THR C 2 8.76 10.81 8.83
C THR C 2 7.27 11.04 8.51
N ASN C 3 6.52 9.94 8.35
CA ASN C 3 5.18 9.96 7.78
C ASN C 3 4.15 10.46 8.79
N ILE C 4 3.65 11.66 8.51
CA ILE C 4 2.47 12.28 9.15
C ILE C 4 1.33 11.29 9.49
N ARG C 5 1.12 10.33 8.58
CA ARG C 5 0.11 9.26 8.66
C ARG C 5 0.31 8.34 9.87
N LYS C 6 1.51 8.35 10.43
CA LYS C 6 1.91 7.37 11.44
C LYS C 6 1.86 7.92 12.87
N SER C 7 1.86 9.25 13.00
CA SER C 7 2.18 9.93 14.27
C SER C 7 1.19 11.03 14.71
N HIS C 8 0.57 11.70 13.75
CA HIS C 8 -0.58 12.59 13.99
C HIS C 8 -1.69 11.84 14.75
N PRO C 9 -2.16 12.35 15.91
CA PRO C 9 -2.91 11.55 16.88
C PRO C 9 -4.17 10.90 16.32
N LEU C 10 -4.80 11.59 15.37
CA LEU C 10 -6.01 11.17 14.70
C LEU C 10 -5.72 10.18 13.57
N MET C 11 -4.83 10.57 12.67
CA MET C 11 -4.51 9.83 11.46
C MET C 11 -3.90 8.47 11.79
N LYS C 12 -3.00 8.45 12.79
CA LYS C 12 -2.70 7.28 13.63
C LYS C 12 -3.82 6.23 13.68
N ILE C 13 -4.96 6.60 14.27
CA ILE C 13 -6.07 5.68 14.48
C ILE C 13 -6.55 5.05 13.18
N VAL C 14 -6.64 5.90 12.16
CA VAL C 14 -7.12 5.49 10.84
C VAL C 14 -6.14 4.49 10.22
N ASN C 15 -4.86 4.87 10.26
CA ASN C 15 -3.77 4.10 9.68
C ASN C 15 -3.58 2.72 10.31
N ASN C 16 -3.73 2.66 11.64
CA ASN C 16 -3.69 1.41 12.41
C ASN C 16 -4.89 0.47 12.16
N ALA C 17 -5.97 1.02 11.61
CA ALA C 17 -7.20 0.29 11.42
C ALA C 17 -7.44 -0.07 9.95
N PHE C 18 -7.18 0.88 9.06
CA PHE C 18 -7.55 0.74 7.64
C PHE C 18 -6.41 0.92 6.63
N ILE C 19 -5.21 1.25 7.09
CA ILE C 19 -4.08 1.40 6.17
C ILE C 19 -2.98 0.36 6.35
N ASP C 20 -2.37 0.35 7.53
CA ASP C 20 -1.18 -0.46 7.76
C ASP C 20 -1.52 -1.78 8.49
N LEU C 21 -2.81 -1.99 8.70
CA LEU C 21 -3.28 -3.08 9.52
C LEU C 21 -3.01 -4.40 8.77
N PRO C 22 -2.32 -5.34 9.43
CA PRO C 22 -2.10 -6.67 8.86
C PRO C 22 -3.37 -7.51 8.87
N ALA C 23 -3.91 -7.70 7.66
CA ALA C 23 -4.94 -8.69 7.41
C ALA C 23 -4.32 -9.99 6.89
N PRO C 24 -5.03 -11.12 7.00
CA PRO C 24 -4.58 -12.38 6.39
C PRO C 24 -4.49 -12.27 4.87
N SER C 25 -3.56 -13.00 4.24
CA SER C 25 -3.35 -12.94 2.79
C SER C 25 -4.51 -13.47 1.96
N ASN C 26 -5.60 -13.79 2.65
CA ASN C 26 -6.16 -15.15 2.63
C ASN C 26 -7.69 -15.24 2.81
N ILE C 27 -8.21 -14.42 3.73
CA ILE C 27 -9.64 -14.21 3.93
C ILE C 27 -10.35 -13.89 2.64
N SER C 28 -11.61 -14.33 2.59
CA SER C 28 -12.36 -14.45 1.34
C SER C 28 -13.61 -13.59 1.49
N SER C 29 -14.39 -13.55 0.42
CA SER C 29 -15.69 -12.87 0.35
C SER C 29 -16.57 -12.92 1.57
N TRP C 30 -16.65 -14.06 2.24
CA TRP C 30 -17.30 -14.13 3.54
C TRP C 30 -16.82 -13.12 4.60
N TRP C 31 -15.70 -12.45 4.32
CA TRP C 31 -15.18 -11.40 5.19
C TRP C 31 -15.68 -10.01 4.81
N ASN C 32 -16.12 -9.84 3.57
CA ASN C 32 -16.69 -8.59 3.07
C ASN C 32 -17.91 -8.07 3.83
N PHE C 33 -18.58 -8.93 4.60
CA PHE C 33 -19.82 -8.57 5.27
C PHE C 33 -19.64 -7.59 6.43
N GLY C 34 -18.53 -7.71 7.14
CA GLY C 34 -18.11 -6.73 8.14
C GLY C 34 -18.21 -5.31 7.65
N SER C 35 -17.55 -5.02 6.54
CA SER C 35 -17.58 -3.67 5.96
C SER C 35 -18.94 -3.27 5.40
N LEU C 36 -19.63 -4.22 4.77
CA LEU C 36 -20.94 -3.97 4.16
C LEU C 36 -21.99 -3.73 5.21
N LEU C 37 -21.84 -4.37 6.37
CA LEU C 37 -22.57 -3.99 7.57
C LEU C 37 -22.33 -2.55 7.97
N GLY C 38 -21.08 -2.11 7.93
CA GLY C 38 -20.72 -0.71 8.13
C GLY C 38 -21.38 0.18 7.09
N ILE C 39 -21.21 -0.19 5.82
CA ILE C 39 -21.79 0.57 4.70
C ILE C 39 -23.32 0.65 4.83
N CYS C 40 -23.91 -0.40 5.37
CA CYS C 40 -25.33 -0.45 5.70
C CYS C 40 -25.72 0.50 6.81
N LEU C 41 -24.88 0.61 7.83
CA LEU C 41 -25.19 1.46 8.99
C LEU C 41 -25.25 2.94 8.65
N ILE C 42 -24.33 3.41 7.82
CA ILE C 42 -24.37 4.82 7.38
C ILE C 42 -25.34 5.15 6.26
N LEU C 43 -25.48 4.23 5.31
CA LEU C 43 -26.54 4.35 4.32
C LEU C 43 -27.92 4.45 4.98
N GLN C 44 -28.12 3.70 6.06
CA GLN C 44 -29.33 3.80 6.89
C GLN C 44 -29.38 5.10 7.65
N ILE C 45 -28.22 5.59 8.06
CA ILE C 45 -28.15 6.87 8.77
C ILE C 45 -28.49 8.08 7.87
N LEU C 46 -27.94 8.06 6.65
CA LEU C 46 -28.13 9.11 5.66
C LEU C 46 -29.55 9.21 5.12
N THR C 47 -30.07 8.10 4.58
CA THR C 47 -31.45 8.07 4.11
C THR C 47 -32.46 8.27 5.25
N GLY C 48 -32.24 7.54 6.34
CA GLY C 48 -32.94 7.77 7.58
C GLY C 48 -33.01 9.21 8.04
N LEU C 49 -31.88 9.94 7.97
CA LEU C 49 -31.90 11.39 8.20
C LEU C 49 -32.75 12.18 7.19
N PHE C 50 -32.49 11.96 5.91
CA PHE C 50 -33.16 12.72 4.86
C PHE C 50 -34.66 12.47 4.85
N LEU C 51 -35.05 11.26 5.27
CA LEU C 51 -36.43 10.94 5.64
C LEU C 51 -36.99 11.65 6.87
N ALA C 52 -36.22 11.75 7.96
CA ALA C 52 -36.64 12.39 9.20
C ALA C 52 -37.00 13.89 9.07
N MET C 53 -36.42 14.52 8.03
CA MET C 53 -36.67 15.91 7.62
C MET C 53 -38.09 16.18 7.12
N HIS C 54 -38.87 15.12 6.88
CA HIS C 54 -40.19 15.19 6.26
C HIS C 54 -41.26 14.37 7.00
N TYR C 55 -40.84 13.28 7.66
CA TYR C 55 -41.69 12.44 8.49
C TYR C 55 -42.25 13.17 9.72
N THR C 56 -43.46 12.77 10.16
CA THR C 56 -44.01 13.18 11.45
C THR C 56 -44.49 11.98 12.25
N SER C 57 -44.37 12.08 13.57
CA SER C 57 -44.46 10.93 14.49
C SER C 57 -45.76 10.86 15.30
N ASP C 58 -46.80 11.52 14.79
CA ASP C 58 -48.13 11.45 15.36
C ASP C 58 -49.02 10.66 14.43
N THR C 59 -49.88 9.84 15.06
CA THR C 59 -50.65 8.76 14.43
C THR C 59 -51.59 9.25 13.35
N THR C 60 -52.29 10.35 13.67
CA THR C 60 -53.24 11.00 12.77
C THR C 60 -52.63 11.61 11.49
N THR C 61 -51.31 11.55 11.37
CA THR C 61 -50.56 12.17 10.26
C THR C 61 -49.43 11.27 9.74
N ALA C 62 -49.08 10.25 10.53
CA ALA C 62 -47.90 9.40 10.32
C ALA C 62 -47.91 8.58 9.03
N PHE C 63 -49.07 8.04 8.66
CA PHE C 63 -49.23 7.47 7.32
C PHE C 63 -49.07 8.56 6.27
N SER C 64 -49.85 9.64 6.42
CA SER C 64 -49.99 10.66 5.39
C SER C 64 -48.68 11.35 5.04
N SER C 65 -47.79 11.45 6.03
CA SER C 65 -46.45 12.01 5.87
C SER C 65 -45.53 11.22 4.94
N VAL C 66 -45.55 9.90 5.06
CA VAL C 66 -44.69 9.01 4.28
C VAL C 66 -45.13 9.00 2.82
N THR C 67 -46.45 8.99 2.63
CA THR C 67 -47.09 9.17 1.33
C THR C 67 -46.61 10.46 0.68
N HIS C 68 -46.73 11.55 1.46
CA HIS C 68 -46.18 12.86 1.12
C HIS C 68 -44.76 12.76 0.60
N ILE C 69 -43.94 11.97 1.30
CA ILE C 69 -42.53 11.76 0.97
C ILE C 69 -42.35 11.19 -0.43
N CYS C 70 -42.99 10.06 -0.70
CA CYS C 70 -42.80 9.31 -1.94
C CYS C 70 -43.22 10.09 -3.19
N ARG C 71 -44.35 10.79 -3.06
CA ARG C 71 -45.10 11.36 -4.17
C ARG C 71 -44.73 12.82 -4.43
N ASP C 72 -44.48 13.58 -3.36
CA ASP C 72 -44.27 15.03 -3.44
C ASP C 72 -42.83 15.45 -3.19
N VAL C 73 -42.26 15.04 -2.06
CA VAL C 73 -40.85 15.27 -1.72
C VAL C 73 -39.99 14.76 -2.86
N ASN C 74 -39.33 15.68 -3.56
CA ASN C 74 -38.44 15.35 -4.66
C ASN C 74 -37.54 14.21 -4.26
N TYR C 75 -37.68 13.11 -4.99
CA TYR C 75 -36.87 11.92 -4.82
C TYR C 75 -37.07 11.23 -3.48
N GLY C 76 -38.11 11.63 -2.76
CA GLY C 76 -38.52 11.00 -1.51
C GLY C 76 -38.79 9.52 -1.64
N TRP C 77 -39.16 9.09 -2.85
CA TRP C 77 -39.32 7.68 -3.16
C TRP C 77 -38.03 6.88 -3.10
N ILE C 78 -36.98 7.28 -3.83
CA ILE C 78 -35.70 6.58 -3.75
C ILE C 78 -35.18 6.66 -2.33
N ILE C 79 -35.16 7.88 -1.81
CA ILE C 79 -34.70 8.13 -0.44
C ILE C 79 -35.42 7.24 0.61
N ARG C 80 -36.63 6.80 0.28
CA ARG C 80 -37.44 6.00 1.20
C ARG C 80 -37.36 4.50 0.97
N TYR C 81 -37.51 4.08 -0.28
CA TYR C 81 -37.35 2.67 -0.65
C TYR C 81 -35.89 2.17 -0.58
N MET C 82 -34.94 3.08 -0.81
CA MET C 82 -33.54 2.91 -0.42
C MET C 82 -33.42 2.65 1.06
N HIS C 83 -34.12 3.44 1.87
CA HIS C 83 -34.09 3.25 3.31
C HIS C 83 -34.73 1.94 3.77
N ALA C 84 -35.86 1.59 3.15
CA ALA C 84 -36.66 0.39 3.48
C ALA C 84 -35.97 -0.88 3.02
N ASN C 85 -35.38 -0.85 1.82
CA ASN C 85 -34.55 -1.95 1.31
C ASN C 85 -33.17 -2.11 1.94
N GLY C 86 -32.49 -0.99 2.11
CA GLY C 86 -31.33 -0.87 2.98
C GLY C 86 -31.46 -1.74 4.22
N ALA C 87 -32.65 -1.75 4.82
CA ALA C 87 -32.88 -2.45 6.09
C ALA C 87 -32.80 -3.98 5.97
N SER C 88 -33.44 -4.52 4.92
CA SER C 88 -33.40 -5.95 4.60
C SER C 88 -31.99 -6.35 4.16
N MET C 89 -31.36 -5.45 3.41
CA MET C 89 -29.97 -5.57 3.00
C MET C 89 -29.03 -5.62 4.19
N PHE C 90 -29.29 -4.75 5.17
CA PHE C 90 -28.70 -4.84 6.50
C PHE C 90 -28.95 -6.19 7.17
N PHE C 91 -30.11 -6.79 6.94
CA PHE C 91 -30.33 -8.17 7.42
C PHE C 91 -29.66 -9.30 6.65
N ILE C 92 -29.54 -9.17 5.32
CA ILE C 92 -28.87 -10.21 4.51
C ILE C 92 -27.40 -10.24 4.94
N CYS C 93 -26.86 -9.05 5.19
CA CYS C 93 -25.50 -8.94 5.70
C CYS C 93 -25.33 -9.48 7.11
N LEU C 94 -26.23 -9.14 8.02
CA LEU C 94 -26.16 -9.67 9.39
C LEU C 94 -26.10 -11.18 9.39
N TYR C 95 -27.01 -11.80 8.64
CA TYR C 95 -27.18 -13.25 8.70
C TYR C 95 -26.01 -13.98 8.03
N MET C 96 -25.50 -13.42 6.95
CA MET C 96 -24.28 -13.89 6.30
C MET C 96 -22.99 -13.77 7.15
N HIS C 97 -22.93 -12.71 7.97
CA HIS C 97 -21.79 -12.37 8.81
C HIS C 97 -21.75 -13.29 10.02
N VAL C 98 -22.91 -13.56 10.60
CA VAL C 98 -23.05 -14.57 11.66
C VAL C 98 -22.93 -15.97 11.05
N GLY C 99 -23.28 -16.11 9.78
CA GLY C 99 -23.00 -17.32 9.05
C GLY C 99 -21.51 -17.64 9.05
N ARG C 100 -20.73 -16.70 8.50
CA ARG C 100 -19.27 -16.83 8.39
C ARG C 100 -18.65 -17.10 9.77
N GLY C 101 -19.14 -16.37 10.78
CA GLY C 101 -18.64 -16.44 12.13
C GLY C 101 -18.72 -17.80 12.77
N LEU C 102 -19.84 -18.47 12.52
CA LEU C 102 -20.12 -19.80 13.05
C LEU C 102 -19.37 -20.88 12.29
N TYR C 103 -19.39 -20.79 10.96
CA TYR C 103 -18.77 -21.81 10.11
C TYR C 103 -17.30 -21.90 10.47
N TYR C 104 -16.67 -20.73 10.51
CA TYR C 104 -15.23 -20.60 10.53
C TYR C 104 -14.58 -20.48 11.91
N GLY C 105 -15.39 -20.54 12.97
CA GLY C 105 -14.86 -20.55 14.32
C GLY C 105 -14.55 -19.19 14.96
N SER C 106 -15.06 -18.12 14.36
CA SER C 106 -14.68 -16.76 14.72
C SER C 106 -15.05 -16.39 16.15
N TYR C 107 -16.14 -16.99 16.63
CA TYR C 107 -16.64 -16.87 18.00
C TYR C 107 -15.62 -17.09 19.13
N THR C 108 -14.58 -17.87 18.86
CA THR C 108 -13.43 -18.01 19.76
C THR C 108 -12.99 -16.70 20.38
N PHE C 109 -12.86 -15.63 19.56
CA PHE C 109 -12.67 -14.27 20.05
C PHE C 109 -13.94 -13.92 20.78
N LEU C 110 -13.90 -13.95 22.10
CA LEU C 110 -15.12 -13.89 22.92
C LEU C 110 -15.78 -12.52 22.93
N GLU C 111 -15.04 -11.51 23.36
CA GLU C 111 -15.59 -10.17 23.51
C GLU C 111 -16.04 -9.59 22.18
N THR C 112 -15.43 -10.03 21.07
CA THR C 112 -15.75 -9.48 19.76
C THR C 112 -17.09 -9.98 19.28
N TRP C 113 -17.25 -11.30 19.29
CA TRP C 113 -18.51 -11.99 19.00
C TRP C 113 -19.61 -11.59 19.98
N ASN C 114 -19.32 -11.65 21.28
CA ASN C 114 -20.21 -11.14 22.30
C ASN C 114 -20.68 -9.69 22.11
N ILE C 115 -19.77 -8.78 21.76
CA ILE C 115 -20.17 -7.47 21.28
C ILE C 115 -21.08 -7.63 20.06
N GLY C 116 -20.63 -8.38 19.06
CA GLY C 116 -21.45 -8.66 17.89
C GLY C 116 -22.85 -9.22 18.12
N VAL C 117 -23.03 -10.09 19.11
CA VAL C 117 -24.38 -10.48 19.59
C VAL C 117 -25.20 -9.27 20.06
N ILE C 118 -24.58 -8.42 20.88
CA ILE C 118 -25.20 -7.18 21.35
C ILE C 118 -25.56 -6.29 20.15
N LEU C 119 -24.74 -6.36 19.11
CA LEU C 119 -25.00 -5.61 17.89
C LEU C 119 -26.24 -6.05 17.13
N LEU C 120 -26.43 -7.36 17.07
CA LEU C 120 -27.55 -7.99 16.38
C LEU C 120 -28.91 -7.68 17.00
N LEU C 121 -29.02 -7.91 18.31
CA LEU C 121 -30.20 -7.52 19.10
C LEU C 121 -30.56 -6.06 18.85
N THR C 122 -29.57 -5.19 19.04
CA THR C 122 -29.70 -3.75 18.85
C THR C 122 -30.22 -3.36 17.46
N VAL C 123 -29.60 -3.92 16.41
CA VAL C 123 -30.11 -3.69 15.05
C VAL C 123 -31.44 -4.35 14.75
N MET C 124 -31.75 -5.46 15.42
CA MET C 124 -33.09 -6.05 15.35
C MET C 124 -34.09 -5.06 15.89
N ALA C 125 -33.90 -4.70 17.16
CA ALA C 125 -34.70 -3.70 17.88
C ALA C 125 -34.92 -2.40 17.12
N THR C 126 -33.89 -1.91 16.42
CA THR C 126 -34.00 -0.73 15.57
C THR C 126 -34.95 -0.93 14.38
N ALA C 127 -34.81 -2.04 13.67
CA ALA C 127 -35.54 -2.25 12.42
C ALA C 127 -37.02 -2.51 12.65
N PHE C 128 -37.32 -3.17 13.78
CA PHE C 128 -38.68 -3.30 14.29
C PHE C 128 -39.35 -1.94 14.52
N MET C 129 -38.78 -1.11 15.40
CA MET C 129 -39.15 0.30 15.56
C MET C 129 -39.32 1.03 14.24
N GLY C 130 -38.45 0.70 13.27
CA GLY C 130 -38.44 1.28 11.95
C GLY C 130 -39.72 1.08 11.17
N TYR C 131 -40.12 -0.17 10.94
CA TYR C 131 -41.38 -0.48 10.26
C TYR C 131 -42.69 -0.14 10.97
N VAL C 132 -42.61 0.17 12.27
CA VAL C 132 -43.74 0.67 13.07
C VAL C 132 -44.12 2.08 12.60
N LEU C 133 -43.11 2.83 12.15
CA LEU C 133 -43.22 4.28 11.96
C LEU C 133 -44.25 4.81 10.94
N PRO C 134 -44.42 4.17 9.77
CA PRO C 134 -45.44 4.62 8.82
C PRO C 134 -46.86 4.34 9.32
N TRP C 135 -47.00 3.53 10.37
CA TRP C 135 -48.27 3.24 11.05
C TRP C 135 -49.26 2.50 10.12
N GLY C 136 -48.71 1.48 9.45
CA GLY C 136 -49.49 0.48 8.74
C GLY C 136 -50.03 -0.64 9.61
N GLN C 137 -50.62 -1.65 8.97
CA GLN C 137 -51.19 -2.76 9.72
C GLN C 137 -50.10 -3.60 10.37
N MET C 138 -49.02 -3.80 9.61
CA MET C 138 -47.90 -4.63 10.03
C MET C 138 -47.19 -3.92 11.19
N SER C 139 -47.19 -2.59 11.13
CA SER C 139 -46.72 -1.66 12.17
C SER C 139 -47.39 -1.80 13.54
N PHE C 140 -48.72 -1.67 13.56
CA PHE C 140 -49.54 -1.71 14.77
C PHE C 140 -49.42 -3.02 15.55
N TRP C 141 -49.78 -4.12 14.88
CA TRP C 141 -49.65 -5.48 15.43
C TRP C 141 -48.20 -5.94 15.57
N GLY C 142 -47.32 -5.32 14.78
CA GLY C 142 -45.91 -5.26 15.09
C GLY C 142 -45.71 -4.77 16.51
N ALA C 143 -46.12 -3.53 16.76
CA ALA C 143 -45.83 -2.83 18.02
C ALA C 143 -46.57 -3.47 19.20
N THR C 144 -47.76 -3.99 18.90
CA THR C 144 -48.60 -4.77 19.82
C THR C 144 -47.90 -6.06 20.26
N VAL C 145 -47.63 -6.95 19.32
CA VAL C 145 -47.24 -8.32 19.64
C VAL C 145 -45.87 -8.37 20.34
N ILE C 146 -44.92 -7.60 19.80
CA ILE C 146 -43.54 -7.60 20.26
C ILE C 146 -43.42 -7.06 21.68
N THR C 147 -44.00 -5.90 21.94
CA THR C 147 -44.09 -5.38 23.32
C THR C 147 -44.75 -6.38 24.26
N ASN C 148 -45.90 -6.91 23.85
CA ASN C 148 -46.67 -7.88 24.65
C ASN C 148 -45.91 -9.12 25.10
N LEU C 149 -44.81 -9.43 24.40
CA LEU C 149 -43.85 -10.43 24.84
C LEU C 149 -43.40 -10.27 26.28
N LEU C 150 -43.20 -9.01 26.68
CA LEU C 150 -42.81 -8.70 28.05
C LEU C 150 -43.86 -9.06 29.11
N SER C 151 -45.12 -9.22 28.68
CA SER C 151 -46.23 -9.63 29.56
C SER C 151 -46.05 -11.03 30.15
N ALA C 152 -45.22 -11.84 29.49
CA ALA C 152 -44.93 -13.21 29.89
C ALA C 152 -44.01 -13.31 31.09
N ILE C 153 -43.25 -12.24 31.37
CA ILE C 153 -42.55 -12.10 32.64
C ILE C 153 -43.51 -12.27 33.82
N PRO C 154 -43.22 -13.27 34.68
CA PRO C 154 -43.91 -13.45 35.96
C PRO C 154 -44.06 -12.16 36.78
N TYR C 155 -45.29 -11.84 37.17
CA TYR C 155 -45.63 -10.84 38.21
C TYR C 155 -45.47 -9.38 37.78
N ILE C 156 -44.59 -9.12 36.84
CA ILE C 156 -44.20 -7.75 36.48
C ILE C 156 -44.32 -7.37 35.00
N GLY C 157 -44.59 -8.38 34.17
CA GLY C 157 -44.60 -8.23 32.73
C GLY C 157 -45.62 -7.26 32.20
N THR C 158 -46.84 -7.37 32.74
CA THR C 158 -47.97 -6.47 32.46
C THR C 158 -47.62 -4.99 32.55
N ASN C 159 -47.15 -4.60 33.74
CA ASN C 159 -46.77 -3.23 34.08
C ASN C 159 -45.77 -2.64 33.09
N LEU C 160 -44.75 -3.42 32.74
CA LEU C 160 -43.74 -3.06 31.74
C LEU C 160 -44.35 -2.85 30.36
N VAL C 161 -45.25 -3.74 29.97
CA VAL C 161 -45.87 -3.70 28.64
C VAL C 161 -46.65 -2.41 28.41
N GLU C 162 -47.44 -2.03 29.42
CA GLU C 162 -48.04 -0.70 29.51
C GLU C 162 -47.05 0.47 29.64
N TRP C 163 -45.98 0.29 30.43
CA TRP C 163 -45.00 1.34 30.67
C TRP C 163 -44.29 1.80 29.41
N ILE C 164 -43.93 0.84 28.55
CA ILE C 164 -43.34 1.20 27.26
C ILE C 164 -44.36 1.71 26.24
N TRP C 165 -45.64 1.33 26.43
CA TRP C 165 -46.69 1.62 25.46
C TRP C 165 -47.19 3.05 25.49
N GLY C 166 -47.04 3.70 26.65
CA GLY C 166 -47.62 4.99 26.92
C GLY C 166 -48.99 4.87 27.54
N GLY C 167 -49.13 3.96 28.51
CA GLY C 167 -50.43 3.55 29.04
C GLY C 167 -51.05 2.31 28.41
N PHE C 168 -52.37 2.37 28.21
CA PHE C 168 -53.24 1.20 28.40
C PHE C 168 -53.41 0.23 27.22
N SER C 169 -53.30 0.75 26.00
CA SER C 169 -52.88 -0.02 24.82
C SER C 169 -52.02 0.82 23.86
N VAL C 170 -51.69 0.24 22.70
CA VAL C 170 -50.89 0.91 21.66
C VAL C 170 -51.65 2.12 21.15
N ASP C 171 -50.99 3.29 21.12
CA ASP C 171 -51.67 4.58 20.97
C ASP C 171 -50.92 5.67 20.22
N LYS C 172 -51.24 6.93 20.52
CA LYS C 172 -50.44 8.10 20.14
C LYS C 172 -49.05 8.09 20.80
N ALA C 173 -49.05 7.89 22.12
CA ALA C 173 -47.86 7.93 22.98
C ALA C 173 -46.83 6.86 22.64
N THR C 174 -47.22 5.94 21.77
CA THR C 174 -46.39 4.83 21.33
C THR C 174 -45.55 5.15 20.08
N LEU C 175 -46.13 5.84 19.11
CA LEU C 175 -45.42 6.23 17.89
C LEU C 175 -44.33 7.29 18.09
N THR C 176 -44.64 8.33 18.87
CA THR C 176 -43.70 9.41 19.18
C THR C 176 -42.48 8.82 19.87
N ARG C 177 -42.68 8.31 21.08
CA ARG C 177 -41.83 7.33 21.78
C ARG C 177 -40.88 6.54 20.88
N PHE C 178 -41.48 5.85 19.91
CA PHE C 178 -40.77 4.90 19.05
C PHE C 178 -39.84 5.58 18.06
N PHE C 179 -40.33 6.65 17.43
CA PHE C 179 -39.53 7.50 16.53
C PHE C 179 -38.23 8.00 17.15
N ALA C 180 -38.32 8.42 18.43
CA ALA C 180 -37.16 8.83 19.22
C ALA C 180 -36.14 7.70 19.45
N PHE C 181 -36.66 6.52 19.83
CA PHE C 181 -35.85 5.33 20.07
C PHE C 181 -35.16 4.87 18.80
N HIS C 182 -35.90 4.89 17.70
CA HIS C 182 -35.42 4.50 16.38
C HIS C 182 -34.37 5.48 15.80
N PHE C 183 -34.41 6.73 16.27
CA PHE C 183 -33.41 7.74 15.94
C PHE C 183 -32.14 7.54 16.78
N ILE C 184 -32.26 7.44 18.09
CA ILE C 184 -31.08 7.30 18.96
C ILE C 184 -30.34 5.96 18.88
N LEU C 185 -31.06 4.86 18.65
CA LEU C 185 -30.42 3.55 18.64
C LEU C 185 -29.31 3.34 17.60
N PRO C 186 -29.45 3.85 16.35
CA PRO C 186 -28.41 3.61 15.35
C PRO C 186 -27.10 4.29 15.64
N PHE C 187 -27.15 5.46 16.30
CA PHE C 187 -25.94 6.12 16.79
C PHE C 187 -25.28 5.31 17.89
N ILE C 188 -26.11 4.81 18.80
CA ILE C 188 -25.66 3.83 19.79
C ILE C 188 -25.01 2.60 19.15
N ILE C 189 -25.66 2.02 18.13
CA ILE C 189 -25.08 0.96 17.28
C ILE C 189 -23.68 1.32 16.80
N MET C 190 -23.54 2.47 16.12
CA MET C 190 -22.22 3.00 15.73
C MET C 190 -21.13 3.08 16.81
N ALA C 191 -21.48 3.53 18.02
CA ALA C 191 -20.57 3.42 19.16
C ALA C 191 -20.10 1.99 19.39
N ILE C 192 -21.04 1.03 19.43
CA ILE C 192 -20.75 -0.36 19.79
C ILE C 192 -19.98 -1.09 18.69
N ALA C 193 -20.27 -0.75 17.44
CA ALA C 193 -19.49 -1.22 16.30
C ALA C 193 -18.01 -0.83 16.34
N MET C 194 -17.73 0.37 16.85
CA MET C 194 -16.36 0.80 17.08
C MET C 194 -15.67 0.04 18.20
N VAL C 195 -16.43 -0.33 19.24
CA VAL C 195 -15.93 -1.09 20.38
C VAL C 195 -15.60 -2.49 19.88
N HIS C 196 -16.56 -3.03 19.11
CA HIS C 196 -16.46 -4.28 18.35
C HIS C 196 -15.17 -4.34 17.53
N LEU C 197 -14.93 -3.29 16.75
CA LEU C 197 -13.70 -3.14 15.99
C LEU C 197 -12.43 -3.09 16.84
N LEU C 198 -12.47 -2.31 17.93
CA LEU C 198 -11.32 -2.21 18.81
C LEU C 198 -10.91 -3.58 19.33
N PHE C 199 -11.88 -4.33 19.85
CA PHE C 199 -11.70 -5.74 20.20
C PHE C 199 -11.25 -6.66 19.09
N LEU C 200 -11.79 -6.50 17.88
CA LEU C 200 -11.30 -7.29 16.73
C LEU C 200 -9.80 -7.08 16.46
N HIS C 201 -9.40 -5.81 16.38
CA HIS C 201 -8.11 -5.41 15.84
C HIS C 201 -6.98 -5.73 16.81
N GLU C 202 -7.36 -5.89 18.08
CA GLU C 202 -6.58 -6.64 19.06
C GLU C 202 -6.03 -7.98 18.62
N THR C 203 -6.85 -8.80 17.97
CA THR C 203 -6.38 -10.10 17.50
C THR C 203 -6.01 -10.08 16.03
N GLY C 204 -6.64 -9.17 15.29
CA GLY C 204 -6.74 -9.30 13.85
C GLY C 204 -7.66 -10.45 13.46
N SER C 205 -7.84 -10.61 12.15
CA SER C 205 -8.91 -11.44 11.63
C SER C 205 -8.55 -12.92 11.60
N ASN C 206 -9.50 -13.77 11.99
CA ASN C 206 -9.49 -15.18 11.62
C ASN C 206 -9.58 -15.38 10.08
N ASN C 207 -9.28 -16.58 9.59
CA ASN C 207 -9.19 -16.81 8.15
C ASN C 207 -9.78 -18.18 7.78
N PRO C 208 -10.08 -18.42 6.49
CA PRO C 208 -10.79 -19.64 6.06
C PRO C 208 -10.26 -20.99 6.57
N THR C 209 -8.96 -21.04 6.87
CA THR C 209 -8.30 -22.25 7.38
C THR C 209 -8.43 -22.45 8.88
N GLY C 210 -8.60 -21.37 9.62
CA GLY C 210 -8.47 -21.40 11.08
C GLY C 210 -7.06 -21.50 11.66
N ILE C 211 -6.04 -21.68 10.81
CA ILE C 211 -4.65 -21.62 11.22
C ILE C 211 -4.14 -20.17 11.21
N SER C 212 -3.30 -19.81 12.17
CA SER C 212 -2.81 -18.44 12.32
C SER C 212 -2.04 -17.94 11.10
N SER C 213 -2.42 -16.76 10.62
CA SER C 213 -1.88 -16.19 9.39
C SER C 213 -0.76 -15.15 9.63
N ASP C 214 -0.34 -15.03 10.89
CA ASP C 214 0.85 -14.28 11.29
C ASP C 214 2.00 -14.44 10.31
N VAL C 215 2.04 -15.63 9.72
CA VAL C 215 3.15 -16.11 8.90
C VAL C 215 3.04 -15.58 7.47
N ASP C 216 1.87 -15.01 7.16
CA ASP C 216 1.57 -14.46 5.86
C ASP C 216 0.52 -13.36 5.97
N LYS C 217 0.86 -12.24 6.62
CA LYS C 217 -0.04 -11.09 6.66
C LYS C 217 0.26 -10.11 5.56
N ILE C 218 -0.79 -9.38 5.18
CA ILE C 218 -0.72 -8.39 4.10
C ILE C 218 -1.42 -7.09 4.51
N PRO C 219 -0.90 -5.94 4.07
CA PRO C 219 -1.40 -4.66 4.58
C PRO C 219 -2.79 -4.43 3.99
N PHE C 220 -3.70 -3.98 4.86
CA PHE C 220 -5.09 -3.77 4.51
C PHE C 220 -5.22 -2.97 3.22
N HIS C 221 -4.56 -1.80 3.16
CA HIS C 221 -4.37 -1.08 1.90
C HIS C 221 -3.12 -1.65 1.24
N PRO C 222 -3.13 -1.93 -0.06
CA PRO C 222 -4.23 -1.63 -0.98
C PRO C 222 -5.25 -2.75 -1.24
N TYR C 223 -5.05 -3.91 -0.62
CA TYR C 223 -5.66 -5.16 -1.04
C TYR C 223 -7.12 -5.28 -0.66
N TYR C 224 -7.38 -5.02 0.62
CA TYR C 224 -8.71 -5.07 1.20
C TYR C 224 -9.39 -3.72 1.21
N THR C 225 -8.73 -2.68 0.73
CA THR C 225 -9.44 -1.46 0.36
C THR C 225 -10.16 -1.70 -0.96
N ILE C 226 -9.45 -2.34 -1.90
CA ILE C 226 -10.04 -2.64 -3.21
C ILE C 226 -10.96 -3.87 -3.31
N LYS C 227 -10.63 -4.95 -2.58
CA LYS C 227 -11.57 -6.05 -2.40
C LYS C 227 -12.83 -5.53 -1.69
N ASP C 228 -12.66 -4.56 -0.81
CA ASP C 228 -13.80 -3.99 -0.09
C ASP C 228 -14.68 -3.09 -0.97
N ILE C 229 -14.10 -2.53 -2.03
CA ILE C 229 -14.83 -1.59 -2.89
C ILE C 229 -15.75 -2.33 -3.88
N LEU C 230 -15.19 -3.34 -4.55
CA LEU C 230 -15.96 -4.31 -5.35
C LEU C 230 -17.12 -4.91 -4.57
N GLY C 231 -16.81 -5.38 -3.37
CA GLY C 231 -17.78 -5.78 -2.37
C GLY C 231 -18.87 -4.77 -2.12
N ALA C 232 -18.48 -3.51 -1.84
CA ALA C 232 -19.42 -2.41 -1.64
C ALA C 232 -20.30 -2.16 -2.87
N LEU C 233 -19.69 -2.20 -4.06
CA LEU C 233 -20.39 -2.02 -5.31
C LEU C 233 -21.47 -3.09 -5.50
N LEU C 234 -21.08 -4.34 -5.30
CA LEU C 234 -21.98 -5.50 -5.35
C LEU C 234 -23.14 -5.39 -4.37
N LEU C 235 -22.90 -4.78 -3.21
CA LEU C 235 -23.98 -4.42 -2.29
C LEU C 235 -24.92 -3.37 -2.87
N ILE C 236 -24.36 -2.38 -3.57
CA ILE C 236 -25.16 -1.34 -4.24
C ILE C 236 -25.97 -1.94 -5.40
N LEU C 237 -25.43 -2.96 -6.06
CA LEU C 237 -26.19 -3.68 -7.08
C LEU C 237 -27.42 -4.39 -6.52
N ALA C 238 -27.18 -5.28 -5.56
CA ALA C 238 -28.26 -5.95 -4.84
C ALA C 238 -29.21 -5.02 -4.08
N LEU C 239 -28.73 -3.85 -3.68
CA LEU C 239 -29.64 -2.79 -3.22
C LEU C 239 -30.44 -2.11 -4.33
N MET C 240 -29.78 -1.72 -5.41
CA MET C 240 -30.44 -0.91 -6.43
C MET C 240 -31.36 -1.71 -7.33
N LEU C 241 -31.04 -3.00 -7.51
CA LEU C 241 -31.96 -3.95 -8.12
C LEU C 241 -33.28 -4.01 -7.38
N LEU C 242 -33.23 -4.06 -6.05
CA LEU C 242 -34.42 -4.03 -5.21
C LEU C 242 -35.20 -2.75 -5.37
N VAL C 243 -34.59 -1.61 -5.04
CA VAL C 243 -35.29 -0.32 -5.08
C VAL C 243 -35.86 0.07 -6.46
N LEU C 244 -35.15 -0.30 -7.52
CA LEU C 244 -35.47 0.19 -8.87
C LEU C 244 -36.27 -0.76 -9.77
N PHE C 245 -36.49 -1.98 -9.31
CA PHE C 245 -37.17 -2.99 -10.08
C PHE C 245 -38.19 -3.73 -9.25
N ALA C 246 -37.93 -3.87 -7.96
CA ALA C 246 -38.81 -4.65 -7.11
C ALA C 246 -38.99 -4.09 -5.70
N PRO C 247 -39.21 -2.77 -5.55
CA PRO C 247 -39.23 -2.13 -4.24
C PRO C 247 -40.08 -2.77 -3.14
N ASP C 248 -41.16 -3.45 -3.50
CA ASP C 248 -42.17 -3.93 -2.56
C ASP C 248 -41.99 -5.38 -2.11
N LEU C 249 -41.01 -6.06 -2.71
CA LEU C 249 -40.89 -7.52 -2.67
C LEU C 249 -40.73 -8.04 -1.25
N LEU C 250 -39.72 -7.51 -0.55
CA LEU C 250 -39.35 -7.96 0.78
C LEU C 250 -40.10 -7.20 1.89
N GLY C 251 -41.24 -6.60 1.53
CA GLY C 251 -42.17 -6.02 2.49
C GLY C 251 -43.58 -6.58 2.38
N ASP C 252 -44.31 -6.57 3.50
CA ASP C 252 -45.75 -6.84 3.50
C ASP C 252 -46.53 -5.68 2.87
N PRO C 253 -47.55 -5.98 2.06
CA PRO C 253 -48.51 -4.97 1.58
C PRO C 253 -49.55 -4.51 2.63
N ASP C 254 -49.58 -5.17 3.79
CA ASP C 254 -50.39 -4.77 4.94
C ASP C 254 -50.04 -3.40 5.47
N ASN C 255 -48.74 -3.11 5.48
CA ASN C 255 -48.22 -1.82 5.92
C ASN C 255 -48.64 -0.63 5.06
N TYR C 256 -49.20 -0.94 3.88
CA TYR C 256 -49.83 0.03 2.99
C TYR C 256 -51.31 0.32 3.31
N THR C 257 -51.88 -0.43 4.24
CA THR C 257 -53.18 -0.07 4.82
C THR C 257 -53.03 0.58 6.20
N PRO C 258 -53.60 1.78 6.36
CA PRO C 258 -53.49 2.53 7.62
C PRO C 258 -54.05 1.78 8.82
N ALA C 259 -53.27 1.80 9.89
CA ALA C 259 -53.47 0.96 11.07
C ALA C 259 -54.87 1.11 11.64
N ASN C 260 -55.51 -0.06 11.78
CA ASN C 260 -56.82 -0.20 12.37
C ASN C 260 -56.73 -1.09 13.60
N PRO C 261 -56.80 -0.50 14.80
CA PRO C 261 -56.72 -1.24 16.08
C PRO C 261 -57.86 -2.24 16.32
N LEU C 262 -58.70 -2.43 15.31
CA LEU C 262 -59.88 -3.31 15.34
C LEU C 262 -59.78 -4.52 14.41
N ASN C 263 -58.79 -4.50 13.50
CA ASN C 263 -58.61 -5.56 12.51
C ASN C 263 -57.76 -6.76 12.97
N THR C 264 -56.44 -6.64 12.87
CA THR C 264 -55.50 -7.78 12.84
C THR C 264 -55.76 -8.72 11.63
N PRO C 265 -55.08 -8.47 10.51
CA PRO C 265 -55.41 -9.11 9.23
C PRO C 265 -55.15 -10.62 9.20
N PRO C 266 -55.86 -11.39 8.37
CA PRO C 266 -55.82 -12.86 8.42
C PRO C 266 -54.44 -13.44 8.15
N HIS C 267 -53.76 -12.86 7.15
CA HIS C 267 -52.49 -13.32 6.58
C HIS C 267 -51.30 -12.56 7.22
N ILE C 268 -51.47 -12.24 8.50
CA ILE C 268 -50.47 -11.57 9.35
C ILE C 268 -49.11 -12.28 9.44
N LYS C 269 -48.07 -11.48 9.59
CA LYS C 269 -46.67 -11.87 9.79
C LYS C 269 -45.83 -10.60 10.05
N PRO C 270 -44.68 -10.74 10.73
CA PRO C 270 -43.64 -9.69 10.70
C PRO C 270 -42.90 -9.60 9.37
N GLU C 271 -41.84 -8.78 9.35
CA GLU C 271 -40.89 -8.74 8.25
C GLU C 271 -40.09 -10.03 8.11
N TRP C 272 -39.59 -10.31 6.91
CA TRP C 272 -39.02 -11.62 6.57
C TRP C 272 -37.91 -12.06 7.53
N TYR C 273 -37.09 -11.08 7.93
CA TYR C 273 -35.96 -11.27 8.83
C TYR C 273 -36.38 -11.62 10.26
N PHE C 274 -37.68 -11.60 10.50
CA PHE C 274 -38.28 -12.08 11.75
C PHE C 274 -39.11 -13.36 11.57
N LEU C 275 -39.23 -13.82 10.32
CA LEU C 275 -40.05 -14.99 9.97
C LEU C 275 -39.52 -16.31 10.54
N PHE C 276 -38.20 -16.51 10.51
CA PHE C 276 -37.58 -17.64 11.20
C PHE C 276 -38.00 -17.70 12.68
N ALA C 277 -38.00 -16.53 13.32
CA ALA C 277 -38.23 -16.37 14.75
C ALA C 277 -39.71 -16.53 15.09
N TYR C 278 -40.57 -15.97 14.24
CA TYR C 278 -42.02 -16.10 14.29
C TYR C 278 -42.48 -17.56 14.37
N ALA C 279 -42.09 -18.33 13.36
CA ALA C 279 -42.19 -19.78 13.33
C ALA C 279 -41.90 -20.44 14.67
N ILE C 280 -40.73 -20.13 15.23
CA ILE C 280 -40.23 -20.71 16.48
C ILE C 280 -41.15 -20.50 17.68
N LEU C 281 -41.76 -19.31 17.78
CA LEU C 281 -42.51 -18.94 18.96
C LEU C 281 -43.95 -19.48 19.00
N ARG C 282 -44.61 -19.51 17.83
CA ARG C 282 -45.94 -20.11 17.69
C ARG C 282 -45.99 -21.64 17.50
N SER C 283 -44.81 -22.25 17.43
CA SER C 283 -44.68 -23.69 17.55
C SER C 283 -44.85 -24.24 18.97
N ILE C 284 -44.91 -23.35 19.96
CA ILE C 284 -45.29 -23.75 21.32
C ILE C 284 -46.66 -23.23 21.76
N PRO C 285 -47.55 -24.16 22.10
CA PRO C 285 -48.75 -23.86 22.90
C PRO C 285 -48.47 -23.61 24.40
N ASN C 286 -47.45 -22.79 24.66
CA ASN C 286 -47.36 -22.02 25.89
C ASN C 286 -46.97 -20.58 25.58
N LYS C 287 -47.69 -19.64 26.20
CA LYS C 287 -47.27 -18.24 26.34
C LYS C 287 -45.84 -18.21 26.85
N LEU C 288 -45.65 -18.69 28.08
CA LEU C 288 -44.36 -18.67 28.77
C LEU C 288 -43.26 -19.46 28.06
N GLY C 289 -43.59 -20.69 27.65
CA GLY C 289 -42.72 -21.53 26.84
C GLY C 289 -42.37 -20.94 25.49
N GLY C 290 -43.35 -20.38 24.79
CA GLY C 290 -43.18 -19.86 23.44
C GLY C 290 -42.19 -18.71 23.36
N VAL C 291 -42.39 -17.70 24.22
CA VAL C 291 -41.47 -16.56 24.37
C VAL C 291 -40.06 -16.98 24.82
N LEU C 292 -39.99 -17.90 25.78
CA LEU C 292 -38.72 -18.44 26.25
C LEU C 292 -38.02 -19.25 25.18
N ALA C 293 -38.78 -19.77 24.23
CA ALA C 293 -38.20 -20.32 23.00
C ALA C 293 -37.61 -19.26 22.08
N LEU C 294 -38.30 -18.13 21.95
CA LEU C 294 -37.82 -17.00 21.13
C LEU C 294 -36.56 -16.31 21.67
N ALA C 295 -36.57 -15.97 22.96
CA ALA C 295 -35.35 -15.55 23.66
C ALA C 295 -34.19 -16.44 23.29
N PHE C 296 -34.33 -17.74 23.58
CA PHE C 296 -33.27 -18.72 23.40
C PHE C 296 -32.92 -18.96 21.95
N SER C 297 -33.83 -18.64 21.03
CA SER C 297 -33.58 -18.58 19.59
C SER C 297 -32.35 -17.75 19.17
N ILE C 298 -32.15 -16.63 19.88
CA ILE C 298 -31.09 -15.66 19.56
C ILE C 298 -29.95 -15.61 20.60
N LEU C 299 -30.31 -15.46 21.87
CA LEU C 299 -29.37 -15.54 22.99
C LEU C 299 -28.70 -16.90 23.13
N ILE C 300 -29.04 -17.84 22.24
CA ILE C 300 -28.22 -19.01 21.98
C ILE C 300 -26.80 -18.70 21.52
N LEU C 301 -26.65 -17.67 20.68
CA LEU C 301 -25.35 -17.32 20.12
C LEU C 301 -24.28 -17.12 21.19
N ALA C 302 -24.64 -16.40 22.25
CA ALA C 302 -23.95 -16.38 23.54
C ALA C 302 -23.38 -17.70 24.07
N LEU C 303 -24.08 -18.82 23.82
CA LEU C 303 -23.65 -20.13 24.28
C LEU C 303 -22.68 -20.82 23.35
N ILE C 304 -22.74 -20.48 22.06
CA ILE C 304 -21.96 -21.17 21.03
C ILE C 304 -20.47 -21.45 21.35
N PRO C 305 -19.69 -20.41 21.71
CA PRO C 305 -18.32 -20.61 22.25
C PRO C 305 -18.16 -21.70 23.30
N LEU C 306 -19.07 -21.81 24.26
CA LEU C 306 -18.93 -22.81 25.34
C LEU C 306 -19.11 -24.24 24.82
N LEU C 307 -19.75 -24.36 23.66
CA LEU C 307 -20.07 -25.65 23.03
C LEU C 307 -19.04 -26.05 21.98
N HIS C 308 -18.07 -25.19 21.71
CA HIS C 308 -16.92 -25.59 20.92
C HIS C 308 -16.17 -26.76 21.55
N THR C 309 -15.83 -27.71 20.68
CA THR C 309 -15.59 -29.10 21.05
C THR C 309 -14.39 -29.64 20.24
N SER C 310 -14.32 -29.19 18.98
CA SER C 310 -13.35 -29.62 18.00
C SER C 310 -11.97 -29.04 18.29
N LYS C 311 -10.96 -29.91 18.22
CA LYS C 311 -9.55 -29.53 18.26
C LYS C 311 -9.09 -28.55 17.16
N GLN C 312 -9.89 -28.42 16.09
CA GLN C 312 -9.68 -27.41 15.05
C GLN C 312 -10.62 -26.22 15.17
N ARG C 313 -10.13 -25.04 14.80
CA ARG C 313 -10.92 -23.80 14.83
C ARG C 313 -11.99 -23.67 13.73
N SER C 314 -11.60 -23.69 12.46
CA SER C 314 -12.54 -23.55 11.33
C SER C 314 -13.33 -24.84 11.09
N MET C 315 -14.30 -24.77 10.17
CA MET C 315 -14.98 -25.96 9.68
C MET C 315 -14.41 -26.50 8.39
N MET C 316 -13.44 -25.76 7.84
CA MET C 316 -12.86 -26.01 6.52
C MET C 316 -12.38 -27.44 6.26
N PHE C 317 -11.85 -28.10 7.29
CA PHE C 317 -11.49 -29.53 7.28
C PHE C 317 -12.34 -30.47 8.19
N ARG C 318 -13.65 -30.22 8.25
CA ARG C 318 -14.55 -30.99 9.12
C ARG C 318 -15.94 -31.29 8.55
N PRO C 319 -16.00 -32.34 7.71
CA PRO C 319 -17.14 -32.57 6.82
C PRO C 319 -18.39 -32.93 7.58
N LEU C 320 -18.26 -33.68 8.69
CA LEU C 320 -19.38 -33.91 9.60
C LEU C 320 -20.05 -32.59 10.04
N SER C 321 -19.21 -31.65 10.50
CA SER C 321 -19.63 -30.36 11.05
C SER C 321 -20.15 -29.45 9.92
N GLN C 322 -19.40 -29.45 8.81
CA GLN C 322 -19.82 -28.93 7.53
C GLN C 322 -21.25 -29.32 7.13
N CYS C 323 -21.62 -30.58 7.36
CA CYS C 323 -22.94 -31.08 6.96
C CYS C 323 -24.03 -30.56 7.88
N LEU C 324 -23.82 -30.78 9.18
CA LEU C 324 -24.66 -30.23 10.24
C LEU C 324 -24.79 -28.70 10.22
N PHE C 325 -23.78 -28.01 9.67
CA PHE C 325 -23.89 -26.58 9.39
C PHE C 325 -24.94 -26.25 8.33
N TRP C 326 -24.84 -26.83 7.14
CA TRP C 326 -25.84 -26.57 6.11
C TRP C 326 -27.25 -27.06 6.45
N ALA C 327 -27.34 -28.15 7.21
CA ALA C 327 -28.56 -28.55 7.93
C ALA C 327 -29.17 -27.43 8.77
N LEU C 328 -28.33 -26.65 9.43
CA LEU C 328 -28.74 -25.46 10.17
C LEU C 328 -29.27 -24.36 9.25
N VAL C 329 -28.53 -24.05 8.18
CA VAL C 329 -28.96 -23.00 7.24
C VAL C 329 -30.35 -23.33 6.63
N ALA C 330 -30.42 -24.47 5.95
CA ALA C 330 -31.65 -25.05 5.41
C ALA C 330 -32.79 -25.12 6.42
N ASP C 331 -32.52 -25.64 7.63
CA ASP C 331 -33.48 -25.55 8.72
C ASP C 331 -33.99 -24.14 9.03
N LEU C 332 -33.10 -23.15 8.94
CA LEU C 332 -33.47 -21.75 9.15
C LEU C 332 -34.29 -21.18 8.01
N LEU C 333 -33.94 -21.56 6.79
CA LEU C 333 -34.77 -21.37 5.60
C LEU C 333 -36.14 -22.01 5.77
N THR C 334 -36.15 -23.20 6.38
CA THR C 334 -37.37 -23.93 6.68
C THR C 334 -38.28 -23.11 7.58
N LEU C 335 -37.70 -22.62 8.67
CA LEU C 335 -38.40 -21.75 9.62
C LEU C 335 -38.85 -20.38 9.08
N THR C 336 -38.01 -19.75 8.26
CA THR C 336 -38.44 -18.60 7.45
C THR C 336 -39.70 -18.94 6.66
N TRP C 337 -39.65 -20.03 5.90
CA TRP C 337 -40.78 -20.46 5.08
C TRP C 337 -42.07 -20.75 5.87
N ILE C 338 -41.93 -21.44 7.01
CA ILE C 338 -43.02 -21.71 7.96
C ILE C 338 -43.63 -20.44 8.57
N GLY C 339 -42.77 -19.58 9.11
CA GLY C 339 -43.13 -18.22 9.47
C GLY C 339 -44.03 -17.57 8.43
N GLY C 340 -43.77 -17.88 7.15
CA GLY C 340 -44.51 -17.34 6.02
C GLY C 340 -45.85 -17.98 5.66
N GLN C 341 -46.18 -19.09 6.32
CA GLN C 341 -47.45 -19.81 6.08
C GLN C 341 -48.35 -19.76 7.33
N PRO C 342 -49.67 -19.85 7.20
CA PRO C 342 -50.58 -19.77 8.36
C PRO C 342 -50.57 -21.02 9.26
N VAL C 343 -51.04 -20.86 10.50
CA VAL C 343 -50.96 -21.89 11.55
C VAL C 343 -52.02 -22.97 11.36
N GLU C 344 -51.77 -23.80 10.35
CA GLU C 344 -52.67 -24.87 9.90
C GLU C 344 -51.80 -26.09 9.53
N HIS C 345 -52.38 -27.09 8.85
CA HIS C 345 -52.08 -28.51 9.09
C HIS C 345 -50.64 -29.05 9.13
N PRO C 346 -49.92 -29.14 7.99
CA PRO C 346 -48.56 -29.71 8.06
C PRO C 346 -47.58 -28.71 8.67
N TYR C 347 -47.56 -27.51 8.09
CA TYR C 347 -47.07 -26.27 8.66
C TYR C 347 -46.86 -26.16 10.16
N ILE C 348 -47.83 -26.66 10.94
CA ILE C 348 -47.69 -26.77 12.40
C ILE C 348 -46.64 -27.81 12.84
N THR C 349 -46.79 -29.05 12.41
CA THR C 349 -45.87 -30.12 12.81
C THR C 349 -44.47 -29.95 12.29
N ILE C 350 -44.33 -29.66 11.00
CA ILE C 350 -43.01 -29.41 10.42
C ILE C 350 -42.29 -28.26 11.14
N GLY C 351 -43.07 -27.27 11.55
CA GLY C 351 -42.58 -26.08 12.23
C GLY C 351 -42.09 -26.37 13.64
N GLN C 352 -42.81 -27.23 14.35
CA GLN C 352 -42.38 -27.75 15.65
C GLN C 352 -41.10 -28.56 15.53
N LEU C 353 -40.95 -29.26 14.40
CA LEU C 353 -39.81 -30.16 14.15
C LEU C 353 -38.55 -29.39 13.86
N ALA C 354 -38.68 -28.38 13.00
CA ALA C 354 -37.60 -27.46 12.67
C ALA C 354 -37.11 -26.67 13.88
N SER C 355 -38.04 -26.18 14.70
CA SER C 355 -37.82 -25.71 16.08
C SER C 355 -37.02 -26.65 16.98
N VAL C 356 -37.43 -27.92 17.07
CA VAL C 356 -36.65 -28.92 17.78
C VAL C 356 -35.28 -29.15 17.13
N LEU C 357 -35.23 -29.16 15.79
CA LEU C 357 -33.99 -29.40 15.03
C LEU C 357 -32.91 -28.33 15.20
N TYR C 358 -33.35 -27.06 15.14
CA TYR C 358 -32.51 -25.90 15.41
C TYR C 358 -31.84 -26.09 16.76
N PHE C 359 -32.64 -26.25 17.82
CA PHE C 359 -32.09 -26.39 19.17
C PHE C 359 -31.35 -27.71 19.38
N LEU C 360 -31.62 -28.68 18.52
CA LEU C 360 -30.85 -29.92 18.55
C LEU C 360 -29.48 -29.83 17.89
N LEU C 361 -29.46 -29.37 16.64
CA LEU C 361 -28.23 -29.15 15.88
C LEU C 361 -27.17 -28.37 16.66
N ILE C 362 -27.60 -27.24 17.24
CA ILE C 362 -26.72 -26.30 17.93
C ILE C 362 -26.35 -26.82 19.32
N LEU C 363 -27.34 -27.29 20.08
CA LEU C 363 -27.12 -27.68 21.46
C LEU C 363 -26.49 -29.06 21.70
N VAL C 364 -26.65 -29.99 20.76
CA VAL C 364 -26.34 -31.41 20.97
C VAL C 364 -25.62 -32.06 19.76
N LEU C 365 -26.10 -31.73 18.56
CA LEU C 365 -25.64 -32.43 17.35
C LEU C 365 -24.26 -31.99 16.90
N MET C 366 -24.01 -30.68 16.92
CA MET C 366 -22.72 -30.12 16.49
C MET C 366 -21.54 -30.38 17.45
N PRO C 367 -21.72 -30.20 18.77
CA PRO C 367 -20.70 -30.64 19.74
C PRO C 367 -20.30 -32.12 19.64
N THR C 368 -21.27 -33.03 19.57
CA THR C 368 -20.95 -34.43 19.29
C THR C 368 -20.18 -34.65 17.98
N ALA C 369 -20.56 -33.94 16.91
CA ALA C 369 -19.98 -34.17 15.59
C ALA C 369 -18.52 -33.77 15.58
N GLY C 370 -18.25 -32.59 16.17
CA GLY C 370 -16.92 -32.14 16.52
C GLY C 370 -16.02 -33.11 17.26
N THR C 371 -16.60 -33.85 18.20
CA THR C 371 -15.89 -34.77 19.09
C THR C 371 -15.54 -36.03 18.32
N ILE C 372 -16.46 -36.46 17.46
CA ILE C 372 -16.26 -37.65 16.65
C ILE C 372 -15.06 -37.46 15.71
N GLU C 373 -14.98 -36.29 15.06
CA GLU C 373 -13.85 -35.94 14.21
C GLU C 373 -12.51 -35.83 14.97
N ASN C 374 -12.60 -35.55 16.28
CA ASN C 374 -11.41 -35.59 17.13
C ASN C 374 -10.92 -37.02 17.13
N LYS C 375 -11.84 -37.93 17.44
CA LYS C 375 -11.51 -39.35 17.60
C LYS C 375 -11.12 -39.94 16.26
N LEU C 376 -11.66 -39.37 15.19
CA LEU C 376 -11.27 -39.71 13.82
C LEU C 376 -9.83 -39.31 13.44
N LEU C 377 -9.37 -38.18 13.97
CA LEU C 377 -7.99 -37.74 13.76
C LEU C 377 -7.00 -38.20 14.84
N LYS C 378 -7.52 -38.94 15.82
CA LYS C 378 -6.76 -39.52 16.92
C LYS C 378 -6.22 -38.42 17.82
N TRP C 379 -7.15 -37.67 18.41
CA TRP C 379 -6.94 -36.29 18.86
C TRP C 379 -7.82 -35.94 20.06
N SER D 1 -66.98 -19.13 1.95
CA SER D 1 -66.02 -19.04 3.10
C SER D 1 -64.76 -19.88 2.87
N ASP D 2 -63.67 -19.47 3.53
CA ASP D 2 -62.62 -20.39 4.04
C ASP D 2 -61.69 -21.02 2.99
N LEU D 3 -61.87 -20.63 1.73
CA LEU D 3 -61.05 -21.11 0.62
C LEU D 3 -60.42 -19.96 -0.16
N GLU D 4 -59.53 -20.29 -1.08
CA GLU D 4 -58.86 -19.29 -1.94
C GLU D 4 -58.74 -19.75 -3.38
N LEU D 5 -58.98 -18.83 -4.31
CA LEU D 5 -58.36 -18.86 -5.65
C LEU D 5 -57.57 -17.59 -5.94
N HIS D 6 -56.38 -17.78 -6.50
CA HIS D 6 -55.40 -16.71 -6.75
C HIS D 6 -55.41 -16.32 -8.24
N PRO D 7 -55.27 -15.01 -8.53
CA PRO D 7 -55.36 -14.47 -9.90
C PRO D 7 -54.41 -15.05 -10.97
N PRO D 8 -54.77 -14.99 -12.26
CA PRO D 8 -53.80 -15.20 -13.34
C PRO D 8 -53.03 -13.94 -13.69
N SER D 9 -51.93 -14.10 -14.44
CA SER D 9 -51.00 -13.01 -14.74
C SER D 9 -51.22 -12.41 -16.14
N TYR D 10 -51.95 -11.31 -16.16
CA TYR D 10 -52.33 -10.62 -17.40
C TYR D 10 -51.16 -9.77 -17.87
N PRO D 11 -50.79 -9.87 -19.15
CA PRO D 11 -49.59 -9.19 -19.65
C PRO D 11 -49.83 -7.70 -19.91
N TRP D 12 -49.74 -6.90 -18.84
CA TRP D 12 -49.85 -5.44 -18.92
C TRP D 12 -48.67 -4.83 -19.70
N SER D 13 -48.80 -3.55 -20.05
CA SER D 13 -47.73 -2.82 -20.75
C SER D 13 -46.49 -2.47 -19.90
N HIS D 14 -46.49 -2.95 -18.66
CA HIS D 14 -45.64 -2.45 -17.57
C HIS D 14 -45.28 -3.52 -16.51
N ARG D 15 -45.77 -4.75 -16.74
CA ARG D 15 -45.18 -5.98 -16.21
C ARG D 15 -43.67 -6.07 -16.49
N GLY D 16 -43.31 -5.90 -17.77
CA GLY D 16 -41.94 -6.00 -18.26
C GLY D 16 -40.97 -5.07 -17.55
N LEU D 17 -39.69 -5.45 -17.52
CA LEU D 17 -38.70 -4.80 -16.66
C LEU D 17 -38.37 -3.35 -17.01
N LEU D 18 -38.12 -3.08 -18.29
CA LEU D 18 -37.86 -1.73 -18.75
C LEU D 18 -39.09 -1.19 -19.48
N SER D 19 -40.24 -1.28 -18.81
CA SER D 19 -41.54 -1.01 -19.44
C SER D 19 -42.36 0.05 -18.71
N SER D 20 -42.57 1.15 -19.42
CA SER D 20 -43.38 2.28 -18.97
C SER D 20 -44.87 1.95 -18.93
N LEU D 21 -45.61 2.70 -18.12
CA LEU D 21 -47.08 2.73 -18.19
C LEU D 21 -47.57 3.32 -19.52
N ASP D 22 -48.71 2.80 -20.00
CA ASP D 22 -49.43 3.32 -21.17
C ASP D 22 -50.29 4.52 -20.76
N HIS D 23 -49.77 5.73 -21.02
CA HIS D 23 -50.36 6.98 -20.54
C HIS D 23 -51.75 7.26 -21.10
N THR D 24 -51.93 6.92 -22.38
CA THR D 24 -53.24 6.90 -23.03
C THR D 24 -54.24 6.01 -22.28
N SER D 25 -53.76 4.85 -21.82
CA SER D 25 -54.56 3.90 -21.03
C SER D 25 -54.81 4.37 -19.59
N ILE D 26 -53.89 5.17 -19.06
CA ILE D 26 -54.11 5.85 -17.77
C ILE D 26 -55.21 6.91 -17.87
N ARG D 27 -55.18 7.68 -18.96
CA ARG D 27 -56.09 8.80 -19.19
C ARG D 27 -57.53 8.35 -19.09
N ARG D 28 -57.83 7.24 -19.77
CA ARG D 28 -59.13 6.55 -19.71
C ARG D 28 -59.45 6.04 -18.31
N GLY D 29 -58.42 5.61 -17.57
CA GLY D 29 -58.56 5.11 -16.23
C GLY D 29 -58.98 6.12 -15.16
N PHE D 30 -58.52 7.36 -15.32
CA PHE D 30 -59.08 8.49 -14.55
C PHE D 30 -60.55 8.70 -14.89
N GLN D 31 -60.86 8.67 -16.18
CA GLN D 31 -62.24 8.79 -16.66
C GLN D 31 -63.13 7.75 -15.98
N VAL D 32 -62.61 6.52 -15.86
CA VAL D 32 -63.28 5.44 -15.14
C VAL D 32 -63.45 5.75 -13.65
N TYR D 33 -62.43 6.37 -13.05
CA TYR D 33 -62.51 6.76 -11.64
C TYR D 33 -63.56 7.82 -11.35
N LYS D 34 -63.42 8.97 -12.03
CA LYS D 34 -64.22 10.17 -11.78
C LYS D 34 -65.70 9.93 -12.01
N GLN D 35 -66.01 9.15 -13.06
CA GLN D 35 -67.37 8.83 -13.45
C GLN D 35 -67.97 7.75 -12.54
N VAL D 36 -67.26 6.63 -12.39
CA VAL D 36 -67.79 5.41 -11.75
C VAL D 36 -67.42 5.29 -10.26
N CYS D 37 -66.11 5.18 -9.96
CA CYS D 37 -65.68 4.82 -8.62
C CYS D 37 -65.85 5.93 -7.58
N SER D 38 -65.61 7.17 -8.01
CA SER D 38 -65.36 8.31 -7.11
C SER D 38 -66.58 8.74 -6.28
N SER D 39 -67.76 8.31 -6.74
CA SER D 39 -69.03 8.49 -6.04
C SER D 39 -69.25 7.48 -4.90
N CYS D 40 -68.27 6.60 -4.70
CA CYS D 40 -68.29 5.59 -3.64
C CYS D 40 -66.93 5.36 -2.96
N HIS D 41 -65.86 5.90 -3.55
CA HIS D 41 -64.50 5.51 -3.21
C HIS D 41 -63.53 6.67 -3.01
N SER D 42 -62.91 6.69 -1.85
CA SER D 42 -61.91 7.71 -1.47
C SER D 42 -60.59 7.59 -2.26
N MET D 43 -60.04 8.73 -2.63
CA MET D 43 -58.66 8.79 -3.13
C MET D 43 -57.93 9.99 -2.54
N ASP D 44 -57.58 9.83 -1.27
CA ASP D 44 -57.15 10.91 -0.38
C ASP D 44 -55.85 11.60 -0.78
N TYR D 45 -55.04 10.91 -1.57
CA TYR D 45 -53.62 11.22 -1.73
C TYR D 45 -53.22 11.73 -3.12
N VAL D 46 -54.08 11.54 -4.11
CA VAL D 46 -53.82 12.08 -5.45
C VAL D 46 -54.51 13.44 -5.67
N ALA D 47 -54.03 14.22 -6.65
CA ALA D 47 -54.45 15.59 -6.92
C ALA D 47 -54.57 15.90 -8.41
N TYR D 48 -55.22 17.02 -8.74
CA TYR D 48 -55.32 17.47 -10.13
C TYR D 48 -54.00 17.96 -10.73
N ARG D 49 -53.12 18.49 -9.88
CA ARG D 49 -51.72 18.71 -10.28
C ARG D 49 -50.89 17.45 -10.53
N HIS D 50 -51.27 16.35 -9.88
CA HIS D 50 -50.59 15.05 -10.06
C HIS D 50 -50.78 14.52 -11.47
N LEU D 51 -51.88 14.92 -12.10
CA LEU D 51 -52.24 14.50 -13.45
C LEU D 51 -51.46 15.22 -14.56
N VAL D 52 -50.74 16.28 -14.20
CA VAL D 52 -50.21 17.25 -15.16
C VAL D 52 -48.99 16.77 -15.96
N GLY D 53 -48.12 16.00 -15.31
CA GLY D 53 -47.12 15.22 -16.01
C GLY D 53 -47.75 14.30 -17.05
N VAL D 54 -48.70 13.51 -16.56
CA VAL D 54 -48.84 12.11 -16.98
C VAL D 54 -49.72 12.01 -18.22
N CYS D 55 -50.97 12.45 -18.08
CA CYS D 55 -52.00 12.30 -19.12
C CYS D 55 -52.57 13.64 -19.55
N TYR D 56 -52.88 14.50 -18.58
CA TYR D 56 -53.49 15.81 -18.83
C TYR D 56 -52.47 16.93 -18.96
N THR D 57 -52.83 17.96 -19.74
CA THR D 57 -52.10 19.23 -19.72
C THR D 57 -52.49 20.15 -18.56
N GLU D 58 -51.51 20.96 -18.15
CA GLU D 58 -51.69 22.24 -17.48
C GLU D 58 -53.12 22.80 -17.50
N ASP D 59 -53.58 23.17 -18.69
CA ASP D 59 -54.88 23.83 -18.91
C ASP D 59 -56.05 22.87 -18.66
N GLU D 60 -55.88 21.61 -19.07
CA GLU D 60 -56.91 20.57 -18.95
C GLU D 60 -57.26 20.30 -17.50
N ALA D 61 -56.21 20.16 -16.68
CA ALA D 61 -56.32 19.84 -15.26
C ALA D 61 -57.05 20.94 -14.47
N LYS D 62 -56.76 22.20 -14.80
CA LYS D 62 -57.46 23.36 -14.26
C LYS D 62 -58.97 23.17 -14.32
N ALA D 63 -59.48 22.90 -15.53
CA ALA D 63 -60.92 22.86 -15.81
C ALA D 63 -61.64 21.63 -15.25
N LEU D 64 -60.89 20.54 -15.05
CA LEU D 64 -61.41 19.34 -14.38
C LEU D 64 -61.37 19.43 -12.85
N ALA D 65 -60.39 20.17 -12.34
CA ALA D 65 -60.38 20.65 -10.96
C ALA D 65 -61.54 21.61 -10.70
N GLU D 66 -61.93 22.34 -11.75
CA GLU D 66 -63.08 23.25 -11.73
C GLU D 66 -64.44 22.56 -11.83
N GLU D 67 -64.42 21.23 -12.02
CA GLU D 67 -65.61 20.41 -12.20
C GLU D 67 -66.18 19.86 -10.88
N VAL D 68 -65.94 20.58 -9.78
CA VAL D 68 -66.39 20.22 -8.44
C VAL D 68 -66.53 21.46 -7.55
N GLU D 69 -67.28 21.31 -6.45
CA GLU D 69 -67.39 22.36 -5.42
C GLU D 69 -66.60 21.96 -4.18
N VAL D 70 -65.72 22.86 -3.72
CA VAL D 70 -64.61 22.46 -2.85
C VAL D 70 -64.81 22.68 -1.34
N GLN D 71 -65.11 23.92 -0.94
CA GLN D 71 -64.87 24.46 0.42
C GLN D 71 -63.43 24.88 0.74
N ASP D 72 -63.13 26.15 0.50
CA ASP D 72 -61.94 26.80 1.02
C ASP D 72 -62.17 27.24 2.46
N GLY D 73 -61.09 27.69 3.10
CA GLY D 73 -61.11 28.27 4.43
C GLY D 73 -61.34 29.77 4.45
N PRO D 74 -61.42 30.34 5.66
CA PRO D 74 -62.41 31.37 5.99
C PRO D 74 -62.06 32.79 5.54
N ASN D 75 -63.02 33.47 4.91
CA ASN D 75 -62.98 34.93 4.75
C ASN D 75 -63.54 35.64 5.97
N GLU D 76 -62.78 36.62 6.46
CA GLU D 76 -63.24 37.77 7.26
C GLU D 76 -64.23 37.59 8.41
N ASP D 77 -65.34 36.90 8.15
CA ASP D 77 -66.42 36.68 9.12
C ASP D 77 -66.35 35.35 9.87
N GLY D 78 -65.69 34.35 9.27
CA GLY D 78 -65.43 33.07 9.91
C GLY D 78 -66.49 32.02 9.60
N GLU D 79 -66.59 31.70 8.31
CA GLU D 79 -67.85 31.24 7.70
C GLU D 79 -67.72 29.88 7.03
N MET D 80 -66.56 29.66 6.39
CA MET D 80 -66.31 28.56 5.46
C MET D 80 -67.25 28.53 4.26
N PHE D 81 -66.71 28.90 3.10
CA PHE D 81 -67.48 29.04 1.86
C PHE D 81 -67.38 27.82 0.93
N MET D 82 -67.43 28.03 -0.38
CA MET D 82 -67.18 26.99 -1.39
C MET D 82 -66.43 27.49 -2.62
N ARG D 83 -65.68 26.59 -3.25
CA ARG D 83 -64.62 26.93 -4.19
C ARG D 83 -64.74 26.17 -5.52
N PRO D 84 -64.55 26.87 -6.66
CA PRO D 84 -64.39 26.23 -7.98
C PRO D 84 -63.39 25.06 -8.04
N GLY D 85 -62.24 25.16 -7.40
CA GLY D 85 -61.27 24.08 -7.41
C GLY D 85 -60.08 24.35 -8.31
N LYS D 86 -58.90 23.93 -7.82
CA LYS D 86 -57.66 24.62 -8.14
C LYS D 86 -56.81 23.89 -9.17
N LEU D 87 -56.41 22.66 -8.81
CA LEU D 87 -55.14 21.99 -9.15
C LEU D 87 -54.51 21.51 -7.85
N SER D 88 -54.56 22.41 -6.86
CA SER D 88 -53.81 22.31 -5.62
C SER D 88 -54.55 21.44 -4.62
N ASP D 89 -55.88 21.47 -4.72
CA ASP D 89 -56.77 20.46 -4.14
C ASP D 89 -56.38 19.05 -4.53
N TYR D 90 -56.49 18.15 -3.56
CA TYR D 90 -56.53 16.71 -3.81
C TYR D 90 -57.80 16.33 -4.59
N PHE D 91 -58.17 15.05 -4.52
CA PHE D 91 -59.58 14.67 -4.47
C PHE D 91 -59.92 14.10 -3.07
N PRO D 92 -60.29 14.94 -2.10
CA PRO D 92 -61.02 14.45 -0.93
C PRO D 92 -62.52 14.27 -1.25
N LYS D 93 -62.93 13.03 -1.51
CA LYS D 93 -64.25 12.75 -2.06
C LYS D 93 -65.22 12.05 -1.06
N PRO D 94 -65.98 11.02 -1.47
CA PRO D 94 -67.45 11.08 -1.39
C PRO D 94 -68.02 11.18 0.03
N TYR D 95 -67.53 10.36 0.95
CA TYR D 95 -68.11 10.21 2.27
C TYR D 95 -67.18 10.72 3.38
N PRO D 96 -67.57 11.80 4.07
CA PRO D 96 -66.71 12.51 5.02
C PRO D 96 -66.58 11.86 6.41
N ASN D 97 -67.07 10.63 6.55
CA ASN D 97 -66.83 9.77 7.71
C ASN D 97 -66.26 8.40 7.24
N PRO D 98 -65.75 7.57 8.17
CA PRO D 98 -65.84 6.12 8.00
C PRO D 98 -67.27 5.57 7.97
N GLU D 99 -68.11 5.95 8.93
CA GLU D 99 -69.45 5.36 9.07
C GLU D 99 -70.55 5.97 8.20
N ALA D 100 -70.24 7.05 7.50
CA ALA D 100 -71.03 7.51 6.36
C ALA D 100 -70.62 6.89 5.01
N ALA D 101 -69.68 5.96 5.06
CA ALA D 101 -69.58 4.91 4.04
C ALA D 101 -70.26 3.61 4.50
N ARG D 102 -70.17 3.34 5.80
CA ARG D 102 -70.80 2.18 6.44
C ARG D 102 -72.32 2.32 6.63
N ALA D 103 -72.85 3.53 6.43
CA ALA D 103 -74.28 3.75 6.27
C ALA D 103 -74.72 3.68 4.80
N ALA D 104 -73.99 4.39 3.93
CA ALA D 104 -74.36 4.56 2.52
C ALA D 104 -74.25 3.28 1.70
N ASN D 105 -73.29 2.44 2.05
CA ASN D 105 -73.30 1.03 1.65
C ASN D 105 -73.57 0.10 2.83
N ASN D 106 -74.21 -1.03 2.54
CA ASN D 106 -74.79 -1.91 3.56
C ASN D 106 -73.70 -2.80 4.17
N GLY D 107 -73.49 -2.63 5.48
CA GLY D 107 -72.27 -3.07 6.14
C GLY D 107 -71.05 -2.27 5.74
N ALA D 108 -70.06 -2.98 5.16
CA ALA D 108 -69.17 -2.50 4.09
C ALA D 108 -68.54 -1.09 4.15
N LEU D 109 -67.25 -1.04 4.48
CA LEU D 109 -66.35 0.06 4.11
C LEU D 109 -65.81 -0.21 2.70
N PRO D 110 -66.13 0.65 1.72
CA PRO D 110 -65.31 0.75 0.49
C PRO D 110 -64.01 1.56 0.71
N PRO D 111 -62.85 0.90 0.66
CA PRO D 111 -61.59 1.53 1.09
C PRO D 111 -61.02 2.50 0.06
N ASP D 112 -60.16 3.43 0.51
CA ASP D 112 -59.49 4.39 -0.37
C ASP D 112 -58.53 3.74 -1.35
N LEU D 113 -58.57 4.21 -2.60
CA LEU D 113 -57.95 3.52 -3.74
C LEU D 113 -56.71 4.22 -4.30
N SER D 114 -56.28 5.27 -3.60
CA SER D 114 -54.91 5.76 -3.59
C SER D 114 -53.85 4.67 -3.62
N TYR D 115 -53.95 3.74 -2.67
CA TYR D 115 -52.87 2.84 -2.31
C TYR D 115 -53.13 1.39 -2.75
N ILE D 116 -54.24 1.16 -3.45
CA ILE D 116 -54.89 -0.15 -3.45
C ILE D 116 -54.20 -1.23 -4.28
N VAL D 117 -53.41 -0.84 -5.28
CA VAL D 117 -52.64 -1.77 -6.09
C VAL D 117 -51.53 -2.44 -5.27
N ARG D 118 -50.88 -1.64 -4.42
CA ARG D 118 -49.76 -2.06 -3.58
C ARG D 118 -50.22 -2.64 -2.25
N ALA D 119 -51.50 -2.47 -1.93
CA ALA D 119 -52.11 -2.93 -0.68
C ALA D 119 -52.68 -4.36 -0.74
N ARG D 120 -52.73 -4.91 -1.96
CA ARG D 120 -53.46 -6.14 -2.21
C ARG D 120 -52.62 -7.42 -2.12
N HIS D 121 -52.69 -8.30 -3.12
CA HIS D 121 -51.83 -9.48 -3.26
C HIS D 121 -52.06 -10.08 -4.64
N GLY D 122 -51.08 -9.95 -5.52
CA GLY D 122 -51.33 -9.62 -6.91
C GLY D 122 -51.73 -8.17 -6.97
N GLY D 123 -51.05 -7.41 -7.81
CA GLY D 123 -51.21 -5.97 -7.84
C GLY D 123 -52.51 -5.63 -8.57
N GLU D 124 -52.35 -5.39 -9.86
CA GLU D 124 -53.47 -5.05 -10.74
C GLU D 124 -54.18 -6.34 -11.15
N ASP D 125 -53.45 -7.44 -11.11
CA ASP D 125 -53.94 -8.76 -11.53
C ASP D 125 -55.10 -9.28 -10.68
N TYR D 126 -55.04 -9.04 -9.37
CA TYR D 126 -56.19 -9.17 -8.46
C TYR D 126 -57.38 -8.33 -8.91
N VAL D 127 -57.13 -7.04 -9.09
CA VAL D 127 -58.17 -6.04 -9.28
C VAL D 127 -58.90 -6.27 -10.60
N PHE D 128 -58.14 -6.54 -11.66
CA PHE D 128 -58.70 -6.90 -12.97
C PHE D 128 -59.53 -8.16 -12.92
N SER D 129 -58.98 -9.22 -12.32
CA SER D 129 -59.71 -10.44 -12.02
C SER D 129 -60.98 -10.22 -11.19
N LEU D 130 -60.93 -9.29 -10.24
CA LEU D 130 -62.08 -8.97 -9.39
C LEU D 130 -63.21 -8.31 -10.18
N LEU D 131 -62.85 -7.28 -10.94
CA LEU D 131 -63.77 -6.55 -11.81
C LEU D 131 -64.30 -7.43 -12.94
N THR D 132 -63.36 -7.98 -13.73
CA THR D 132 -63.66 -8.74 -14.92
C THR D 132 -64.27 -10.13 -14.64
N GLY D 133 -63.77 -10.82 -13.62
CA GLY D 133 -64.18 -12.18 -13.33
C GLY D 133 -65.33 -12.36 -12.34
N TYR D 134 -66.23 -11.38 -12.31
CA TYR D 134 -67.50 -11.48 -11.59
C TYR D 134 -68.37 -12.63 -12.08
N CYS D 135 -68.93 -13.38 -11.14
CA CYS D 135 -69.73 -14.57 -11.44
C CYS D 135 -71.00 -14.74 -10.59
N GLU D 136 -71.66 -15.87 -10.77
CA GLU D 136 -73.03 -16.14 -10.30
C GLU D 136 -72.99 -17.35 -9.35
N PRO D 137 -73.59 -17.20 -8.15
CA PRO D 137 -73.36 -18.10 -7.01
C PRO D 137 -73.58 -19.60 -7.29
N PRO D 138 -72.70 -20.48 -6.78
CA PRO D 138 -72.41 -21.74 -7.47
C PRO D 138 -73.46 -22.83 -7.24
N THR D 139 -73.55 -23.34 -6.01
CA THR D 139 -74.76 -23.88 -5.40
C THR D 139 -74.64 -23.65 -3.88
N GLY D 140 -75.16 -24.58 -3.06
CA GLY D 140 -74.66 -24.79 -1.72
C GLY D 140 -75.09 -23.84 -0.61
N VAL D 141 -74.84 -22.54 -0.80
CA VAL D 141 -75.16 -21.50 0.21
C VAL D 141 -75.85 -20.26 -0.36
N SER D 142 -76.51 -19.51 0.52
CA SER D 142 -77.23 -18.29 0.19
C SER D 142 -76.60 -17.07 0.89
N LEU D 143 -76.84 -15.88 0.33
CA LEU D 143 -76.19 -14.63 0.74
C LEU D 143 -77.15 -13.73 1.52
N ARG D 144 -77.20 -12.45 1.14
CA ARG D 144 -78.41 -11.64 1.20
C ARG D 144 -78.89 -11.21 -0.20
N GLU D 145 -77.99 -11.28 -1.18
CA GLU D 145 -77.88 -10.33 -2.31
C GLU D 145 -77.97 -8.84 -1.96
N GLY D 146 -77.49 -8.50 -0.76
CA GLY D 146 -76.85 -7.23 -0.46
C GLY D 146 -75.34 -7.36 -0.58
N LEU D 147 -74.79 -8.42 0.01
CA LEU D 147 -73.52 -9.00 -0.43
C LEU D 147 -73.69 -9.83 -1.70
N TYR D 148 -72.84 -9.52 -2.69
CA TYR D 148 -72.80 -10.18 -3.98
C TYR D 148 -71.81 -11.36 -3.90
N PHE D 149 -71.77 -12.18 -4.95
CA PHE D 149 -70.78 -13.25 -5.06
C PHE D 149 -69.51 -12.81 -5.78
N ASN D 150 -68.37 -13.24 -5.27
CA ASN D 150 -67.08 -13.13 -5.95
C ASN D 150 -66.21 -14.38 -5.85
N PRO D 151 -65.67 -14.84 -6.99
CA PRO D 151 -64.60 -15.86 -6.96
C PRO D 151 -63.27 -15.28 -6.50
N TYR D 152 -62.90 -14.12 -7.05
CA TYR D 152 -61.69 -13.42 -6.66
C TYR D 152 -61.95 -12.56 -5.43
N PHE D 153 -62.16 -13.25 -4.30
CA PHE D 153 -62.29 -12.65 -2.97
C PHE D 153 -61.92 -13.70 -1.92
N PRO D 154 -61.35 -13.23 -0.79
CA PRO D 154 -61.50 -13.94 0.48
C PRO D 154 -62.98 -14.23 0.85
N GLY D 155 -63.25 -15.49 1.16
CA GLY D 155 -64.54 -15.91 1.69
C GLY D 155 -65.68 -15.96 0.70
N GLN D 156 -65.40 -15.59 -0.55
CA GLN D 156 -66.34 -15.57 -1.69
C GLN D 156 -67.47 -14.54 -1.64
N ALA D 157 -67.90 -14.18 -0.43
CA ALA D 157 -68.99 -13.24 -0.22
C ALA D 157 -68.58 -12.06 0.66
N ILE D 158 -68.33 -10.92 0.01
CA ILE D 158 -68.75 -9.58 0.49
C ILE D 158 -69.05 -8.56 -0.64
N GLY D 159 -69.66 -7.44 -0.26
CA GLY D 159 -70.70 -6.79 -1.04
C GLY D 159 -70.36 -5.52 -1.78
N MET D 160 -69.91 -5.70 -3.02
CA MET D 160 -69.66 -4.61 -3.96
C MET D 160 -70.44 -4.89 -5.25
N ALA D 161 -71.03 -3.84 -5.80
CA ALA D 161 -71.65 -3.84 -7.15
C ALA D 161 -70.61 -4.09 -8.26
N PRO D 162 -71.02 -4.65 -9.42
CA PRO D 162 -70.05 -5.11 -10.44
C PRO D 162 -69.73 -4.15 -11.60
N PRO D 163 -69.51 -2.86 -11.34
CA PRO D 163 -70.15 -1.79 -12.11
C PRO D 163 -69.43 -1.43 -13.42
N ILE D 164 -69.21 -2.43 -14.27
CA ILE D 164 -68.20 -2.38 -15.35
C ILE D 164 -68.79 -2.54 -16.76
N TYR D 165 -70.10 -2.76 -16.85
CA TYR D 165 -70.80 -2.52 -18.11
C TYR D 165 -71.68 -1.26 -18.17
N ASN D 166 -71.88 -0.63 -17.00
CA ASN D 166 -72.08 0.82 -16.88
C ASN D 166 -70.85 1.63 -17.34
N GLU D 167 -71.03 2.38 -18.42
CA GLU D 167 -69.93 3.09 -19.10
C GLU D 167 -70.32 4.53 -19.41
N VAL D 168 -69.32 5.42 -19.37
CA VAL D 168 -69.42 6.73 -20.01
C VAL D 168 -68.42 6.86 -21.18
N LEU D 169 -68.17 8.09 -21.64
CA LEU D 169 -67.88 8.39 -23.06
C LEU D 169 -67.19 9.76 -23.19
N GLU D 170 -65.94 9.84 -22.73
CA GLU D 170 -65.04 10.94 -23.06
C GLU D 170 -63.67 10.50 -23.57
N PHE D 171 -63.70 9.68 -24.62
CA PHE D 171 -62.50 9.12 -25.24
C PHE D 171 -62.07 10.04 -26.39
N ASP D 172 -61.14 10.96 -26.08
CA ASP D 172 -60.67 12.00 -27.02
C ASP D 172 -60.11 11.42 -28.32
N ASP D 173 -59.26 10.41 -28.19
CA ASP D 173 -59.17 9.31 -29.15
C ASP D 173 -60.29 8.31 -28.85
N GLY D 174 -61.25 8.21 -29.77
CA GLY D 174 -62.48 7.47 -29.56
C GLY D 174 -62.26 5.97 -29.48
N THR D 175 -62.21 5.46 -28.26
CA THR D 175 -62.12 4.02 -28.00
C THR D 175 -63.41 3.43 -27.41
N PRO D 176 -63.76 2.20 -27.83
CA PRO D 176 -64.82 1.41 -27.18
C PRO D 176 -64.73 1.30 -25.66
N ALA D 177 -65.89 1.29 -25.00
CA ALA D 177 -66.03 1.28 -23.55
C ALA D 177 -66.54 -0.07 -23.02
N THR D 178 -65.97 -1.16 -23.53
CA THR D 178 -66.32 -2.53 -23.15
C THR D 178 -65.78 -2.88 -21.75
N MET D 179 -66.40 -3.89 -21.12
CA MET D 179 -66.05 -4.38 -19.78
C MET D 179 -64.55 -4.56 -19.56
N SER D 180 -63.91 -5.22 -20.52
CA SER D 180 -62.49 -5.53 -20.46
C SER D 180 -61.60 -4.28 -20.57
N GLN D 181 -61.86 -3.46 -21.59
CA GLN D 181 -61.20 -2.18 -21.79
C GLN D 181 -61.41 -1.21 -20.63
N VAL D 182 -62.59 -1.27 -19.99
CA VAL D 182 -62.89 -0.50 -18.78
C VAL D 182 -61.99 -0.92 -17.61
N ALA D 183 -61.98 -2.22 -17.29
CA ALA D 183 -61.19 -2.76 -16.18
C ALA D 183 -59.68 -2.61 -16.40
N LYS D 184 -59.22 -2.96 -17.60
CA LYS D 184 -57.84 -2.80 -18.07
C LYS D 184 -57.28 -1.38 -17.91
N ASP D 185 -58.10 -0.37 -18.18
CA ASP D 185 -57.64 1.02 -18.15
C ASP D 185 -57.63 1.63 -16.76
N VAL D 186 -58.62 1.28 -15.94
CA VAL D 186 -58.68 1.73 -14.55
C VAL D 186 -57.60 1.08 -13.66
N CYS D 187 -57.30 -0.18 -13.94
CA CYS D 187 -56.19 -0.87 -13.30
C CYS D 187 -54.86 -0.20 -13.64
N THR D 188 -54.68 0.10 -14.94
CA THR D 188 -53.52 0.80 -15.49
C THR D 188 -53.38 2.19 -14.88
N PHE D 189 -54.50 2.80 -14.53
CA PHE D 189 -54.54 4.02 -13.76
C PHE D 189 -54.17 3.82 -12.29
N LEU D 190 -54.80 2.84 -11.62
CA LEU D 190 -54.55 2.58 -10.20
C LEU D 190 -53.11 2.12 -9.86
N ARG D 191 -52.43 1.54 -10.86
CA ARG D 191 -50.99 1.36 -10.84
C ARG D 191 -50.23 2.68 -10.66
N TRP D 192 -50.41 3.59 -11.62
CA TRP D 192 -49.93 4.96 -11.52
C TRP D 192 -50.35 5.66 -10.22
N ALA D 193 -51.60 5.48 -9.78
CA ALA D 193 -52.08 6.00 -8.49
C ALA D 193 -51.26 5.55 -7.27
N ALA D 194 -50.98 4.26 -7.20
CA ALA D 194 -50.18 3.65 -6.11
C ALA D 194 -48.70 4.00 -6.17
N GLU D 195 -48.21 4.30 -7.38
CA GLU D 195 -46.78 4.34 -7.69
C GLU D 195 -46.52 5.21 -8.95
N PRO D 196 -46.57 6.54 -8.82
CA PRO D 196 -46.34 7.44 -9.98
C PRO D 196 -44.90 7.47 -10.47
N GLU D 197 -43.96 7.24 -9.53
CA GLU D 197 -42.54 7.04 -9.80
C GLU D 197 -42.20 5.93 -10.80
N HIS D 198 -43.13 4.97 -10.96
CA HIS D 198 -43.03 3.80 -11.84
C HIS D 198 -42.04 3.92 -13.00
N ASP D 199 -42.31 4.82 -13.93
CA ASP D 199 -41.53 4.94 -15.17
C ASP D 199 -40.19 5.67 -14.97
N HIS D 200 -40.17 6.61 -14.03
CA HIS D 200 -38.92 7.20 -13.54
C HIS D 200 -37.96 6.18 -12.93
N ARG D 201 -38.46 5.33 -12.02
CA ARG D 201 -37.65 4.25 -11.44
C ARG D 201 -37.13 3.18 -12.38
N LYS D 202 -37.96 2.79 -13.34
CA LYS D 202 -37.52 1.90 -14.41
C LYS D 202 -36.50 2.55 -15.37
N ARG D 203 -36.60 3.86 -15.54
CA ARG D 203 -35.60 4.62 -16.30
C ARG D 203 -34.24 4.67 -15.62
N MET D 204 -34.23 4.97 -14.32
CA MET D 204 -33.00 4.94 -13.51
C MET D 204 -32.43 3.55 -13.45
N GLY D 205 -33.31 2.56 -13.37
CA GLY D 205 -32.95 1.15 -13.38
C GLY D 205 -32.13 0.73 -14.58
N LEU D 206 -32.57 1.15 -15.78
CA LEU D 206 -31.81 0.92 -17.01
C LEU D 206 -30.39 1.48 -16.92
N LYS D 207 -30.27 2.68 -16.35
CA LYS D 207 -28.99 3.34 -16.15
C LYS D 207 -28.12 2.59 -15.16
N MET D 208 -28.67 2.36 -13.97
CA MET D 208 -28.14 1.41 -12.97
C MET D 208 -27.64 0.10 -13.58
N LEU D 209 -28.44 -0.53 -14.44
CA LEU D 209 -28.02 -1.74 -15.15
C LEU D 209 -26.88 -1.54 -16.16
N LEU D 210 -26.94 -0.44 -16.92
CA LEU D 210 -25.90 -0.13 -17.91
C LEU D 210 -24.65 0.44 -17.25
N MET D 211 -24.82 1.02 -16.06
CA MET D 211 -23.72 1.62 -15.32
C MET D 211 -22.90 0.58 -14.57
N MET D 212 -23.58 -0.19 -13.72
CA MET D 212 -23.04 -1.41 -13.15
C MET D 212 -22.36 -2.29 -14.19
N GLY D 213 -22.91 -2.33 -15.40
CA GLY D 213 -22.36 -3.07 -16.53
C GLY D 213 -21.04 -2.56 -17.08
N LEU D 214 -20.74 -1.30 -16.81
CA LEU D 214 -19.40 -0.74 -17.02
C LEU D 214 -18.51 -0.86 -15.78
N LEU D 215 -19.06 -0.56 -14.61
CA LEU D 215 -18.27 -0.40 -13.38
C LEU D 215 -17.81 -1.71 -12.80
N LEU D 216 -18.73 -2.67 -12.70
CA LEU D 216 -18.39 -3.97 -12.18
C LEU D 216 -17.21 -4.64 -12.90
N PRO D 217 -17.13 -4.64 -14.25
CA PRO D 217 -15.92 -5.16 -14.89
C PRO D 217 -14.70 -4.30 -14.61
N LEU D 218 -14.87 -2.98 -14.50
CA LEU D 218 -13.76 -2.07 -14.24
C LEU D 218 -13.24 -2.09 -12.81
N VAL D 219 -14.14 -2.14 -11.83
CA VAL D 219 -13.74 -2.34 -10.44
C VAL D 219 -13.10 -3.73 -10.23
N TYR D 220 -13.67 -4.76 -10.85
CA TYR D 220 -13.04 -6.08 -10.92
C TYR D 220 -11.64 -6.04 -11.53
N ALA D 221 -11.49 -5.36 -12.66
CA ALA D 221 -10.19 -5.23 -13.32
C ALA D 221 -9.17 -4.47 -12.47
N MET D 222 -9.66 -3.59 -11.60
CA MET D 222 -8.86 -2.80 -10.66
C MET D 222 -8.32 -3.60 -9.48
N LYS D 223 -9.17 -4.44 -8.88
CA LYS D 223 -8.78 -5.43 -7.87
C LYS D 223 -7.84 -6.50 -8.44
N ARG D 224 -8.20 -7.06 -9.60
CA ARG D 224 -7.48 -8.19 -10.17
C ARG D 224 -6.02 -7.82 -10.43
N HIS D 225 -5.84 -6.58 -10.92
CA HIS D 225 -4.57 -5.87 -11.01
C HIS D 225 -3.69 -5.81 -9.74
N LYS D 226 -4.18 -5.11 -8.70
CA LYS D 226 -3.48 -4.98 -7.42
C LYS D 226 -3.21 -6.32 -6.69
N TRP D 227 -4.11 -7.29 -6.83
CA TRP D 227 -3.81 -8.61 -6.31
C TRP D 227 -2.90 -9.46 -7.22
N SER D 228 -2.58 -8.94 -8.41
CA SER D 228 -1.81 -9.73 -9.36
C SER D 228 -0.38 -10.06 -8.92
N VAL D 229 0.28 -9.08 -8.29
CA VAL D 229 1.42 -9.25 -7.37
C VAL D 229 1.28 -10.49 -6.47
N LEU D 230 0.25 -10.52 -5.64
CA LEU D 230 0.02 -11.63 -4.72
C LEU D 230 -0.43 -12.95 -5.39
N LYS D 231 -1.18 -12.87 -6.48
CA LYS D 231 -1.74 -14.07 -7.09
C LYS D 231 -0.70 -14.89 -7.83
N SER D 232 0.37 -14.21 -8.26
CA SER D 232 1.43 -14.86 -9.02
C SER D 232 2.75 -15.05 -8.25
N ARG D 233 2.75 -14.69 -6.98
CA ARG D 233 3.95 -14.83 -6.15
C ARG D 233 4.37 -16.28 -6.04
N LYS D 234 5.67 -16.53 -6.21
CA LYS D 234 6.22 -17.87 -6.07
C LYS D 234 7.08 -17.99 -4.80
N LEU D 235 6.75 -18.99 -3.99
CA LEU D 235 7.47 -19.30 -2.76
C LEU D 235 8.55 -20.33 -3.05
N ALA D 236 9.69 -20.13 -2.39
CA ALA D 236 10.71 -21.16 -2.27
C ALA D 236 11.20 -21.19 -0.84
N TYR D 237 11.28 -22.40 -0.31
CA TYR D 237 11.80 -22.66 1.02
C TYR D 237 13.19 -23.24 0.87
N ARG D 238 14.12 -22.65 1.62
CA ARG D 238 15.52 -23.00 1.47
C ARG D 238 16.25 -23.17 2.81
N PRO D 239 15.86 -24.17 3.62
CA PRO D 239 16.46 -24.34 4.95
C PRO D 239 17.85 -24.97 4.86
N PRO D 240 18.70 -24.83 5.89
CA PRO D 240 19.96 -25.57 5.96
C PRO D 240 19.86 -27.08 6.24
N LYS D 241 20.94 -27.80 5.92
CA LYS D 241 20.92 -29.21 5.47
C LYS D 241 19.72 -29.60 4.56
N SER E 1 26.36 -20.10 -3.40
CA SER E 1 25.15 -20.95 -3.22
C SER E 1 23.81 -20.23 -3.18
N HIS E 2 23.79 -19.00 -2.67
CA HIS E 2 22.71 -18.05 -3.01
C HIS E 2 22.69 -17.75 -4.53
N THR E 3 23.80 -18.07 -5.18
CA THR E 3 23.94 -18.14 -6.63
C THR E 3 23.21 -19.31 -7.31
N ASP E 4 22.65 -20.24 -6.54
CA ASP E 4 21.76 -21.26 -7.09
C ASP E 4 20.36 -20.74 -7.40
N ILE E 5 19.96 -19.68 -6.72
CA ILE E 5 18.67 -19.01 -6.94
C ILE E 5 18.61 -18.47 -8.38
N LYS E 6 17.65 -19.01 -9.13
CA LYS E 6 17.00 -18.27 -10.21
C LYS E 6 15.64 -17.82 -9.72
N VAL E 7 15.22 -16.63 -10.16
CA VAL E 7 13.79 -16.29 -10.22
C VAL E 7 13.03 -17.22 -11.18
N PRO E 8 12.02 -17.92 -10.65
CA PRO E 8 11.06 -18.68 -11.44
C PRO E 8 10.61 -18.03 -12.75
N ASP E 9 10.35 -18.84 -13.75
CA ASP E 9 9.86 -18.34 -15.02
C ASP E 9 8.41 -17.89 -14.91
N PHE E 10 8.10 -16.81 -15.62
CA PHE E 10 6.98 -15.93 -15.29
C PHE E 10 6.12 -15.65 -16.51
N SER E 11 6.56 -16.18 -17.65
CA SER E 11 5.97 -15.93 -18.97
C SER E 11 4.49 -16.26 -18.96
N ASP E 12 4.15 -17.16 -18.05
CA ASP E 12 2.82 -17.73 -17.89
C ASP E 12 1.81 -16.73 -17.33
N TYR E 13 2.33 -15.63 -16.79
CA TYR E 13 1.54 -14.58 -16.16
C TYR E 13 1.78 -13.24 -16.83
N ARG E 14 2.93 -13.13 -17.51
CA ARG E 14 3.41 -11.92 -18.19
C ARG E 14 2.47 -11.44 -19.29
N ARG E 15 2.14 -10.15 -19.24
CA ARG E 15 1.66 -9.36 -20.38
C ARG E 15 2.43 -9.60 -21.69
N PRO E 16 1.74 -9.51 -22.84
CA PRO E 16 2.32 -9.95 -24.12
C PRO E 16 3.57 -9.21 -24.59
N GLU E 17 3.72 -7.95 -24.20
CA GLU E 17 4.79 -7.09 -24.71
C GLU E 17 6.04 -7.24 -23.85
N VAL E 18 5.85 -7.83 -22.67
CA VAL E 18 6.93 -8.13 -21.73
C VAL E 18 7.16 -9.66 -21.73
N LEU E 19 7.73 -10.17 -22.81
CA LEU E 19 7.93 -11.60 -22.96
C LEU E 19 9.27 -11.97 -23.59
N ASP E 20 9.66 -11.19 -24.60
CA ASP E 20 11.00 -11.25 -25.16
C ASP E 20 12.01 -10.76 -24.13
N SER E 21 12.84 -11.69 -23.65
CA SER E 21 14.00 -11.41 -22.80
C SER E 21 14.97 -10.43 -23.45
N THR E 22 14.99 -10.39 -24.79
CA THR E 22 15.86 -9.50 -25.53
C THR E 22 15.25 -8.12 -25.74
N LYS E 23 13.92 -8.02 -25.61
CA LYS E 23 13.25 -6.74 -25.81
C LYS E 23 13.19 -5.92 -24.50
N SER E 24 13.80 -4.73 -24.55
CA SER E 24 13.56 -3.66 -23.60
C SER E 24 12.10 -3.55 -23.23
N SER E 25 11.86 -3.30 -21.94
CA SER E 25 10.51 -3.15 -21.40
C SER E 25 10.07 -1.69 -21.41
N LYS E 26 11.02 -0.80 -21.72
CA LYS E 26 10.77 0.64 -21.81
C LYS E 26 9.75 1.05 -22.89
N GLU E 27 9.75 0.34 -24.02
CA GLU E 27 8.77 0.56 -25.08
C GLU E 27 7.34 0.29 -24.66
N SER E 28 7.10 -0.91 -24.11
CA SER E 28 5.78 -1.32 -23.65
C SER E 28 5.29 -0.63 -22.37
N SER E 29 6.22 -0.01 -21.63
CA SER E 29 6.00 0.63 -20.33
C SER E 29 4.90 1.68 -20.39
N GLU E 30 4.93 2.50 -21.43
CA GLU E 30 4.00 3.61 -21.61
C GLU E 30 2.57 3.12 -21.89
N ALA E 31 2.46 2.17 -22.83
CA ALA E 31 1.22 1.45 -23.14
C ALA E 31 0.58 0.72 -21.96
N ARG E 32 1.41 0.12 -21.10
CA ARG E 32 0.95 -0.77 -20.05
C ARG E 32 0.38 0.03 -18.89
N LYS E 33 1.07 1.13 -18.57
CA LYS E 33 0.59 2.16 -17.67
C LYS E 33 -0.61 2.89 -18.27
N GLY E 34 -0.57 3.11 -19.58
CA GLY E 34 -1.66 3.75 -20.31
C GLY E 34 -2.99 3.02 -20.16
N PHE E 35 -2.97 1.71 -20.45
CA PHE E 35 -4.12 0.81 -20.31
C PHE E 35 -4.69 0.79 -18.88
N SER E 36 -3.83 0.52 -17.90
CA SER E 36 -4.26 0.35 -16.50
C SER E 36 -4.73 1.62 -15.77
N TYR E 37 -4.11 2.75 -16.09
CA TYR E 37 -4.59 4.05 -15.65
C TYR E 37 -5.87 4.52 -16.36
N LEU E 38 -6.04 4.17 -17.64
CA LEU E 38 -7.30 4.36 -18.35
C LEU E 38 -8.44 3.51 -17.78
N VAL E 39 -8.07 2.34 -17.25
CA VAL E 39 -9.01 1.49 -16.51
C VAL E 39 -9.47 2.14 -15.21
N THR E 40 -8.55 2.76 -14.47
CA THR E 40 -8.94 3.54 -13.30
C THR E 40 -9.56 4.91 -13.62
N ALA E 41 -9.18 5.51 -14.74
CA ALA E 41 -9.72 6.82 -15.15
C ALA E 41 -11.23 6.72 -15.40
N THR E 42 -11.59 5.71 -16.19
CA THR E 42 -12.97 5.41 -16.60
C THR E 42 -13.83 5.02 -15.39
N THR E 43 -13.25 4.31 -14.44
CA THR E 43 -13.96 3.96 -13.20
C THR E 43 -14.39 5.17 -12.39
N THR E 44 -13.44 6.06 -12.11
CA THR E 44 -13.72 7.36 -11.50
C THR E 44 -14.76 8.12 -12.30
N VAL E 45 -14.58 8.15 -13.62
CA VAL E 45 -15.51 8.76 -14.57
C VAL E 45 -16.93 8.20 -14.38
N GLY E 46 -17.03 6.88 -14.20
CA GLY E 46 -18.28 6.21 -13.88
C GLY E 46 -18.86 6.49 -12.51
N VAL E 47 -18.02 6.40 -11.47
CA VAL E 47 -18.39 6.76 -10.09
C VAL E 47 -18.79 8.23 -9.97
N ALA E 48 -18.06 9.12 -10.66
CA ALA E 48 -18.33 10.55 -10.61
C ALA E 48 -19.75 10.82 -11.07
N TYR E 49 -20.16 10.10 -12.12
CA TYR E 49 -21.48 10.20 -12.73
C TYR E 49 -22.55 9.78 -11.73
N ALA E 50 -22.35 8.63 -11.08
CA ALA E 50 -23.23 8.10 -10.04
C ALA E 50 -23.23 8.95 -8.77
N ALA E 51 -22.08 9.49 -8.40
CA ALA E 51 -21.93 10.20 -7.13
C ALA E 51 -22.59 11.58 -7.24
N LYS E 52 -22.45 12.22 -8.40
CA LYS E 52 -23.21 13.44 -8.70
C LYS E 52 -24.70 13.22 -8.41
N ASN E 53 -25.25 12.16 -9.00
CA ASN E 53 -26.67 11.91 -9.06
C ASN E 53 -27.36 11.70 -7.72
N VAL E 54 -26.87 10.75 -6.92
CA VAL E 54 -27.28 10.59 -5.51
C VAL E 54 -27.19 11.86 -4.65
N VAL E 55 -26.04 12.55 -4.74
CA VAL E 55 -25.81 13.79 -4.01
C VAL E 55 -26.85 14.83 -4.43
N SER E 56 -26.96 15.04 -5.74
CA SER E 56 -27.99 15.91 -6.33
C SER E 56 -29.41 15.52 -5.91
N GLN E 57 -29.72 14.24 -5.99
CA GLN E 57 -31.02 13.70 -5.62
C GLN E 57 -31.35 13.96 -4.15
N PHE E 58 -30.39 13.68 -3.27
CA PHE E 58 -30.48 14.05 -1.86
C PHE E 58 -30.63 15.54 -1.57
N VAL E 59 -29.89 16.36 -2.34
CA VAL E 59 -29.96 17.82 -2.30
C VAL E 59 -31.35 18.38 -2.69
N SER E 60 -31.90 17.89 -3.81
CA SER E 60 -33.21 18.29 -4.34
C SER E 60 -34.39 17.92 -3.44
N SER E 61 -34.18 16.91 -2.60
CA SER E 61 -35.18 16.44 -1.64
C SER E 61 -35.62 17.52 -0.65
N MET E 62 -34.71 18.47 -0.45
CA MET E 62 -34.90 19.56 0.50
C MET E 62 -35.58 20.81 -0.09
N SER E 63 -35.66 20.89 -1.42
CA SER E 63 -36.24 22.04 -2.13
C SER E 63 -37.78 21.94 -2.34
N ALA E 64 -38.14 21.11 -3.33
CA ALA E 64 -39.27 20.17 -3.24
C ALA E 64 -40.71 20.71 -3.30
N SER E 65 -41.54 20.07 -4.10
CA SER E 65 -42.75 19.36 -3.64
C SER E 65 -44.15 19.72 -4.15
N ALA E 66 -45.06 19.94 -3.20
CA ALA E 66 -46.40 20.50 -3.43
C ALA E 66 -46.42 22.02 -3.63
N ASP E 67 -45.28 22.67 -3.35
CA ASP E 67 -45.20 24.10 -3.01
C ASP E 67 -45.32 25.08 -4.20
N VAL E 68 -45.00 24.61 -5.41
CA VAL E 68 -45.16 25.38 -6.66
C VAL E 68 -46.64 25.57 -7.07
N LEU E 69 -47.48 25.76 -6.06
CA LEU E 69 -48.55 26.77 -6.09
C LEU E 69 -47.95 28.15 -5.83
N ALA E 70 -47.44 28.75 -6.91
CA ALA E 70 -47.21 30.19 -6.99
C ALA E 70 -48.58 30.87 -7.07
N MET E 71 -49.03 31.35 -5.91
CA MET E 71 -50.44 31.29 -5.48
C MET E 71 -51.41 32.02 -6.41
N SER E 72 -52.65 31.51 -6.47
CA SER E 72 -53.64 31.87 -7.48
C SER E 72 -54.23 33.27 -7.27
N LYS E 73 -53.32 34.25 -7.13
CA LYS E 73 -53.59 35.65 -6.78
C LYS E 73 -54.40 35.87 -5.49
N ILE E 74 -54.61 37.13 -5.10
CA ILE E 74 -55.66 37.49 -4.14
C ILE E 74 -56.39 38.84 -4.37
N GLU E 75 -57.72 38.74 -4.43
CA GLU E 75 -58.61 39.90 -4.49
C GLU E 75 -58.95 40.42 -3.09
N ILE E 76 -58.68 41.70 -2.89
CA ILE E 76 -59.02 42.44 -1.66
C ILE E 76 -59.78 43.70 -2.07
N LYS E 77 -60.87 44.00 -1.37
CA LYS E 77 -61.66 45.22 -1.60
C LYS E 77 -60.98 46.47 -1.07
N LEU E 78 -61.01 47.54 -1.87
CA LEU E 78 -60.18 48.73 -1.67
C LEU E 78 -60.73 49.71 -0.64
N SER E 79 -62.04 49.92 -0.67
CA SER E 79 -62.74 50.80 0.26
C SER E 79 -63.33 50.01 1.44
N ASP E 80 -62.49 49.13 2.01
CA ASP E 80 -62.77 48.43 3.27
C ASP E 80 -61.81 48.85 4.39
N ILE E 81 -60.88 49.76 4.08
CA ILE E 81 -59.92 50.33 5.03
C ILE E 81 -59.96 51.88 4.97
N PRO E 82 -60.11 52.56 6.13
CA PRO E 82 -60.21 54.03 6.17
C PRO E 82 -58.94 54.79 5.74
N GLU E 83 -59.12 56.01 5.24
CA GLU E 83 -58.07 56.81 4.61
C GLU E 83 -56.94 57.20 5.57
N GLY E 84 -55.95 56.31 5.70
CA GLY E 84 -54.69 56.60 6.36
C GLY E 84 -54.11 55.48 7.19
N LYS E 85 -54.46 54.24 6.85
CA LYS E 85 -54.01 53.05 7.57
C LYS E 85 -53.69 51.84 6.68
N ASN E 86 -52.53 51.25 6.98
CA ASN E 86 -52.06 49.97 6.41
C ASN E 86 -52.94 48.79 6.83
N MET E 87 -53.29 47.94 5.86
CA MET E 87 -53.91 46.64 6.14
C MET E 87 -53.13 45.45 5.61
N ALA E 88 -53.08 44.41 6.46
CA ALA E 88 -52.09 43.34 6.39
C ALA E 88 -52.76 41.98 6.17
N PHE E 89 -52.53 41.42 4.98
CA PHE E 89 -53.13 40.16 4.54
C PHE E 89 -52.04 39.14 4.19
N LYS E 90 -52.26 37.88 4.56
CA LYS E 90 -51.42 36.75 4.17
C LYS E 90 -51.46 36.54 2.65
N TRP E 91 -50.34 36.79 1.99
CA TRP E 91 -50.16 36.38 0.60
C TRP E 91 -48.85 35.65 0.34
N ARG E 92 -48.95 34.53 -0.38
CA ARG E 92 -47.82 33.67 -0.77
C ARG E 92 -47.01 33.01 0.36
N GLY E 93 -47.51 33.17 1.59
CA GLY E 93 -46.74 32.95 2.80
C GLY E 93 -46.56 34.21 3.64
N LYS E 94 -46.09 35.27 3.01
CA LYS E 94 -45.48 36.39 3.72
C LYS E 94 -46.10 37.75 3.34
N PRO E 95 -46.43 38.57 4.34
CA PRO E 95 -47.63 39.44 4.28
C PRO E 95 -47.59 40.53 3.20
N LEU E 96 -48.78 40.92 2.75
CA LEU E 96 -48.98 41.95 1.73
C LEU E 96 -49.48 43.24 2.35
N PHE E 97 -48.78 44.33 2.07
CA PHE E 97 -49.09 45.63 2.63
C PHE E 97 -49.76 46.54 1.59
N VAL E 98 -50.99 46.95 1.89
CA VAL E 98 -51.66 48.02 1.15
C VAL E 98 -51.91 49.23 2.05
N ARG E 99 -51.43 50.39 1.58
CA ARG E 99 -51.58 51.67 2.28
C ARG E 99 -52.52 52.61 1.52
N HIS E 100 -53.62 52.95 2.17
CA HIS E 100 -54.36 54.20 1.92
C HIS E 100 -53.58 55.36 2.53
N ARG E 101 -53.45 56.44 1.77
CA ARG E 101 -52.66 57.60 2.20
C ARG E 101 -53.47 58.89 2.33
N THR E 102 -53.13 59.68 3.34
CA THR E 102 -53.42 61.12 3.38
C THR E 102 -52.65 61.86 2.28
N LYS E 103 -53.22 62.98 1.81
CA LYS E 103 -52.57 63.87 0.85
C LYS E 103 -51.25 64.46 1.38
N LYS E 104 -51.23 64.78 2.68
CA LYS E 104 -50.04 65.22 3.40
C LYS E 104 -48.92 64.18 3.46
N GLU E 105 -49.29 62.89 3.43
CA GLU E 105 -48.36 61.78 3.23
C GLU E 105 -47.75 61.74 1.82
N ILE E 106 -48.61 61.85 0.80
CA ILE E 106 -48.19 61.81 -0.62
C ILE E 106 -47.32 63.01 -0.99
N ASP E 107 -47.64 64.17 -0.40
CA ASP E 107 -46.82 65.39 -0.38
C ASP E 107 -45.32 65.14 -0.18
N GLN E 108 -44.98 64.41 0.87
CA GLN E 108 -43.59 64.25 1.29
C GLN E 108 -42.76 63.41 0.32
N GLU E 109 -43.37 62.37 -0.24
CA GLU E 109 -42.71 61.44 -1.18
C GLU E 109 -42.42 62.02 -2.56
N ALA E 110 -43.29 62.92 -3.01
CA ALA E 110 -42.97 63.87 -4.09
C ALA E 110 -41.78 64.78 -3.72
N ALA E 111 -41.84 65.38 -2.53
CA ALA E 111 -40.95 66.48 -2.14
C ALA E 111 -39.59 66.04 -1.62
N VAL E 112 -39.43 64.75 -1.34
CA VAL E 112 -38.21 64.19 -0.77
C VAL E 112 -37.08 64.06 -1.80
N GLU E 113 -35.84 64.05 -1.28
CA GLU E 113 -34.63 63.94 -2.09
C GLU E 113 -34.46 62.56 -2.74
N VAL E 114 -34.21 62.55 -4.05
CA VAL E 114 -34.06 61.33 -4.85
C VAL E 114 -32.61 60.85 -5.03
N SER E 115 -31.64 61.74 -4.81
CA SER E 115 -30.22 61.43 -4.89
C SER E 115 -29.57 61.15 -3.53
N GLN E 116 -30.30 61.47 -2.45
CA GLN E 116 -29.92 61.10 -1.08
C GLN E 116 -30.17 59.63 -0.73
N LEU E 117 -30.63 58.86 -1.71
CA LEU E 117 -31.34 57.59 -1.51
C LEU E 117 -30.50 56.36 -1.84
N ARG E 118 -30.76 55.28 -1.10
CA ARG E 118 -30.11 53.99 -1.27
C ARG E 118 -30.46 53.30 -2.60
N ASP E 119 -31.75 52.99 -2.80
CA ASP E 119 -32.27 52.39 -4.03
C ASP E 119 -33.01 53.46 -4.86
N PRO E 120 -32.31 54.10 -5.80
CA PRO E 120 -32.64 55.47 -6.22
C PRO E 120 -33.76 55.53 -7.27
N GLN E 121 -34.98 55.74 -6.77
CA GLN E 121 -36.21 55.74 -7.57
C GLN E 121 -37.17 56.79 -7.05
N HIS E 122 -37.76 57.55 -7.97
CA HIS E 122 -38.89 58.45 -7.67
C HIS E 122 -40.13 57.66 -7.25
N ASP E 123 -40.91 58.23 -6.35
CA ASP E 123 -42.17 57.66 -5.86
C ASP E 123 -43.18 57.34 -6.97
N LEU E 124 -43.25 58.21 -7.97
CA LEU E 124 -44.22 58.11 -9.08
C LEU E 124 -44.00 56.88 -9.98
N GLU E 125 -42.76 56.41 -10.07
CA GLU E 125 -42.41 55.13 -10.71
C GLU E 125 -42.38 53.92 -9.75
N ARG E 126 -42.74 54.16 -8.49
CA ARG E 126 -42.97 53.11 -7.49
C ARG E 126 -44.45 52.72 -7.36
N VAL E 127 -45.31 53.44 -8.07
CA VAL E 127 -46.76 53.20 -8.11
C VAL E 127 -47.27 53.18 -9.54
N LYS E 128 -48.53 52.79 -9.73
CA LYS E 128 -49.23 52.97 -11.01
C LYS E 128 -50.28 54.09 -10.98
N LYS E 129 -50.81 54.37 -9.79
CA LYS E 129 -51.66 55.54 -9.53
C LYS E 129 -51.49 56.07 -8.09
N PRO E 130 -51.20 57.37 -7.94
CA PRO E 130 -50.42 57.91 -6.82
C PRO E 130 -51.01 57.85 -5.41
N GLU E 131 -52.30 57.51 -5.27
CA GLU E 131 -52.95 57.45 -3.96
C GLU E 131 -52.80 56.11 -3.21
N TRP E 132 -52.40 55.07 -3.94
CA TRP E 132 -52.23 53.72 -3.39
C TRP E 132 -50.83 53.15 -3.62
N VAL E 133 -50.26 52.57 -2.56
CA VAL E 133 -49.00 51.81 -2.63
C VAL E 133 -49.16 50.34 -2.21
N ILE E 134 -48.69 49.44 -3.08
CA ILE E 134 -48.67 47.99 -2.82
C ILE E 134 -47.24 47.50 -2.57
N LEU E 135 -47.03 46.99 -1.35
CA LEU E 135 -45.73 46.58 -0.88
C LEU E 135 -45.81 45.21 -0.20
N ILE E 136 -44.70 44.47 -0.25
CA ILE E 136 -44.56 43.19 0.44
C ILE E 136 -43.91 43.42 1.80
N GLY E 137 -44.58 42.98 2.85
CA GLY E 137 -44.14 43.17 4.23
C GLY E 137 -42.95 42.31 4.65
N VAL E 138 -41.98 42.15 3.75
CA VAL E 138 -40.72 41.46 3.99
C VAL E 138 -39.61 42.50 3.83
N CYS E 139 -39.00 42.88 4.96
CA CYS E 139 -37.90 43.85 5.00
C CYS E 139 -36.69 43.31 4.26
N THR E 140 -36.09 44.12 3.38
CA THR E 140 -35.03 43.69 2.46
C THR E 140 -33.74 43.21 3.13
N HIS E 141 -33.62 43.51 4.43
CA HIS E 141 -32.46 43.12 5.25
C HIS E 141 -32.44 41.61 5.50
N LEU E 142 -33.28 41.17 6.41
CA LEU E 142 -33.25 39.80 6.93
C LEU E 142 -34.66 39.24 7.18
N GLY E 143 -35.69 40.02 6.80
CA GLY E 143 -37.01 39.50 6.45
C GLY E 143 -38.11 39.61 7.48
N CYS E 144 -37.92 40.45 8.50
CA CYS E 144 -38.97 40.75 9.48
C CYS E 144 -40.06 41.67 8.91
N VAL E 145 -41.23 41.60 9.52
CA VAL E 145 -42.43 42.29 9.05
C VAL E 145 -42.55 43.71 9.66
N PRO E 146 -42.21 44.74 8.87
CA PRO E 146 -41.95 46.08 9.41
C PRO E 146 -43.24 46.78 9.86
N ILE E 147 -43.22 47.32 11.07
CA ILE E 147 -44.39 47.91 11.72
C ILE E 147 -44.78 49.27 11.09
N ALA E 148 -46.04 49.37 10.67
CA ALA E 148 -46.61 50.60 10.13
C ALA E 148 -46.90 51.64 11.20
N ASN E 149 -46.65 52.91 10.84
CA ASN E 149 -46.78 54.12 11.69
C ASN E 149 -45.81 54.29 12.85
N ALA E 150 -44.91 53.33 13.02
CA ALA E 150 -43.60 53.52 13.63
C ALA E 150 -42.57 53.91 12.57
N GLY E 151 -41.54 54.62 13.01
CA GLY E 151 -40.55 55.22 12.12
C GLY E 151 -40.12 56.59 12.59
N ASP E 152 -38.90 56.96 12.20
CA ASP E 152 -38.48 58.36 12.12
C ASP E 152 -38.82 58.97 10.76
N PHE E 153 -39.24 58.12 9.82
CA PHE E 153 -39.63 58.53 8.46
C PHE E 153 -41.11 58.30 8.09
N GLY E 154 -41.98 58.31 9.10
CA GLY E 154 -43.43 58.41 8.94
C GLY E 154 -44.16 57.27 8.26
N GLY E 155 -43.51 56.10 8.19
CA GLY E 155 -43.99 54.96 7.41
C GLY E 155 -43.82 53.62 8.12
N TYR E 156 -42.64 53.04 7.98
CA TYR E 156 -42.38 51.66 8.43
C TYR E 156 -41.06 51.53 9.18
N TYR E 157 -41.10 50.81 10.29
CA TYR E 157 -39.90 50.48 11.05
C TYR E 157 -39.79 48.97 11.24
N CYS E 158 -38.69 48.40 10.77
CA CYS E 158 -38.40 46.99 11.02
C CYS E 158 -37.63 46.78 12.33
N PRO E 159 -38.29 46.21 13.35
CA PRO E 159 -37.80 46.28 14.73
C PRO E 159 -36.67 45.28 15.02
N CYS E 160 -36.30 44.48 14.01
CA CYS E 160 -35.22 43.53 14.13
C CYS E 160 -33.88 44.24 14.19
N HIS E 161 -33.57 45.03 13.16
CA HIS E 161 -32.27 45.72 13.09
C HIS E 161 -32.35 47.21 12.72
N GLY E 162 -33.56 47.75 12.62
CA GLY E 162 -33.78 49.18 12.56
C GLY E 162 -33.81 49.78 11.16
N SER E 163 -34.54 49.15 10.25
CA SER E 163 -34.67 49.63 8.88
C SER E 163 -35.89 50.56 8.79
N HIS E 164 -35.61 51.86 8.76
CA HIS E 164 -36.64 52.92 8.67
C HIS E 164 -37.07 53.15 7.20
N TYR E 165 -38.32 52.77 6.92
CA TYR E 165 -38.98 53.04 5.63
C TYR E 165 -39.98 54.19 5.73
N ASP E 166 -40.23 54.82 4.57
CA ASP E 166 -41.19 55.92 4.45
C ASP E 166 -42.60 55.44 4.07
N ALA E 167 -43.42 56.35 3.56
CA ALA E 167 -44.72 56.03 2.97
C ALA E 167 -44.65 55.22 1.66
N SER E 168 -43.45 55.11 1.08
CA SER E 168 -43.23 54.56 -0.27
C SER E 168 -42.64 53.14 -0.30
N GLY E 169 -42.26 52.63 0.87
CA GLY E 169 -41.44 51.43 0.98
C GLY E 169 -39.96 51.64 0.73
N ARG E 170 -39.56 52.89 0.56
CA ARG E 170 -38.16 53.24 0.27
C ARG E 170 -37.32 53.17 1.55
N ILE E 171 -36.04 52.87 1.40
CA ILE E 171 -35.10 52.84 2.52
C ILE E 171 -34.21 54.09 2.62
N ARG E 172 -34.19 54.66 3.83
CA ARG E 172 -33.42 55.85 4.14
C ARG E 172 -32.42 55.64 5.29
N LYS E 173 -32.78 54.76 6.23
CA LYS E 173 -32.04 54.57 7.47
C LYS E 173 -31.78 53.09 7.77
N GLY E 174 -30.59 52.80 8.27
CA GLY E 174 -30.24 51.48 8.80
C GLY E 174 -29.75 50.47 7.77
N PRO E 175 -29.94 49.17 8.04
CA PRO E 175 -29.16 48.11 7.37
C PRO E 175 -29.61 47.65 5.99
N ALA E 176 -30.89 47.82 5.65
CA ALA E 176 -31.54 47.10 4.54
C ALA E 176 -31.21 47.62 3.13
N PRO E 177 -30.77 46.74 2.22
CA PRO E 177 -30.08 47.18 1.00
C PRO E 177 -30.99 47.76 -0.11
N LEU E 178 -32.21 47.23 -0.24
CA LEU E 178 -33.12 47.58 -1.34
C LEU E 178 -34.47 48.13 -0.85
N ASN E 179 -35.17 48.83 -1.73
CA ASN E 179 -36.57 49.22 -1.55
C ASN E 179 -37.53 48.03 -1.43
N LEU E 180 -38.60 48.21 -0.67
CA LEU E 180 -39.61 47.16 -0.46
C LEU E 180 -40.23 46.64 -1.76
N GLU E 181 -40.47 45.33 -1.79
CA GLU E 181 -40.90 44.62 -2.98
C GLU E 181 -42.30 45.05 -3.47
N VAL E 182 -42.28 45.79 -4.57
CA VAL E 182 -43.44 46.09 -5.41
C VAL E 182 -43.77 44.86 -6.28
N PRO E 183 -45.02 44.39 -6.27
CA PRO E 183 -45.43 43.29 -7.16
C PRO E 183 -45.92 43.73 -8.55
N SER E 184 -46.25 42.75 -9.39
CA SER E 184 -47.19 42.95 -10.50
C SER E 184 -48.60 43.22 -9.96
N TYR E 185 -49.21 44.31 -10.43
CA TYR E 185 -50.59 44.67 -10.10
C TYR E 185 -51.22 45.53 -11.19
N GLU E 186 -52.54 45.44 -11.31
CA GLU E 186 -53.37 46.42 -12.02
C GLU E 186 -54.75 46.65 -11.40
N PHE E 187 -55.38 47.75 -11.80
CA PHE E 187 -56.78 48.05 -11.48
C PHE E 187 -57.67 47.79 -12.69
N THR E 188 -58.78 47.10 -12.44
CA THR E 188 -59.62 46.52 -13.49
C THR E 188 -60.99 47.19 -13.64
N SER E 189 -61.62 47.51 -12.51
CA SER E 189 -62.59 48.61 -12.41
C SER E 189 -62.36 49.47 -11.16
N ASP E 190 -63.39 50.18 -10.71
CA ASP E 190 -63.31 51.06 -9.53
C ASP E 190 -63.08 50.35 -8.18
N ASP E 191 -63.52 49.10 -8.09
CA ASP E 191 -63.72 48.41 -6.80
C ASP E 191 -62.55 47.54 -6.33
N MET E 192 -61.88 46.89 -7.27
CA MET E 192 -61.01 45.74 -6.97
C MET E 192 -59.57 45.93 -7.46
N VAL E 193 -58.65 45.29 -6.75
CA VAL E 193 -57.25 45.11 -7.17
C VAL E 193 -56.80 43.65 -7.04
N ILE E 194 -56.19 43.14 -8.12
CA ILE E 194 -55.69 41.77 -8.19
C ILE E 194 -54.16 41.76 -8.33
N VAL E 195 -53.51 41.04 -7.41
CA VAL E 195 -52.05 41.02 -7.25
C VAL E 195 -51.50 39.62 -7.57
N GLY E 196 -50.65 39.56 -8.60
CA GLY E 196 -50.02 38.32 -9.03
C GLY E 196 -49.42 38.36 -10.43
N VAL F 6 -3.26 -57.06 13.60
CA VAL F 6 -3.51 -58.54 13.65
C VAL F 6 -4.85 -58.91 12.99
N SER F 7 -5.60 -57.88 12.59
CA SER F 7 -7.06 -57.87 12.65
C SER F 7 -7.68 -57.27 11.39
N ALA F 8 -8.68 -57.96 10.85
CA ALA F 8 -9.52 -57.43 9.77
C ALA F 8 -10.25 -56.13 10.15
N SER F 9 -10.78 -56.08 11.38
CA SER F 9 -11.65 -54.99 11.84
C SER F 9 -10.94 -53.70 12.27
N SER F 10 -9.75 -53.83 12.85
CA SER F 10 -8.92 -52.68 13.25
C SER F 10 -8.17 -52.05 12.06
N ARG F 11 -8.06 -52.83 10.98
CA ARG F 11 -7.74 -52.34 9.64
C ARG F 11 -8.91 -51.58 8.99
N TRP F 12 -10.12 -51.79 9.53
CA TRP F 12 -11.33 -51.11 9.07
C TRP F 12 -11.55 -49.77 9.77
N LEU F 13 -11.40 -49.75 11.09
CA LEU F 13 -11.32 -48.49 11.84
C LEU F 13 -10.22 -47.59 11.29
N GLU F 14 -9.09 -48.20 10.92
CA GLU F 14 -8.04 -47.58 10.14
C GLU F 14 -8.44 -47.07 8.75
N GLY F 15 -9.31 -47.80 8.07
CA GLY F 15 -9.82 -47.42 6.75
C GLY F 15 -10.82 -46.26 6.84
N ILE F 16 -11.60 -46.26 7.94
CA ILE F 16 -12.52 -45.16 8.30
C ILE F 16 -11.74 -43.87 8.59
N ARG F 17 -10.74 -43.99 9.48
CA ARG F 17 -9.74 -42.97 9.76
C ARG F 17 -8.99 -42.42 8.55
N LYS F 18 -8.56 -43.29 7.64
CA LYS F 18 -7.91 -42.86 6.40
C LYS F 18 -8.86 -42.16 5.46
N TRP F 19 -10.13 -42.57 5.50
CA TRP F 19 -11.20 -41.90 4.78
C TRP F 19 -11.32 -40.47 5.30
N TYR F 20 -11.69 -40.34 6.57
CA TYR F 20 -11.91 -39.05 7.18
C TYR F 20 -10.72 -38.11 6.97
N TYR F 21 -9.52 -38.68 7.01
CA TYR F 21 -8.28 -37.95 6.75
C TYR F 21 -8.31 -37.35 5.37
N ASN F 22 -8.57 -38.17 4.36
CA ASN F 22 -8.60 -37.71 2.97
C ASN F 22 -9.72 -36.72 2.77
N ALA F 23 -10.79 -36.94 3.53
CA ALA F 23 -12.04 -36.21 3.42
C ALA F 23 -11.87 -34.80 3.99
N ALA F 24 -11.30 -34.69 5.20
CA ALA F 24 -10.85 -33.42 5.79
C ALA F 24 -10.02 -32.53 4.88
N GLY F 25 -9.01 -33.10 4.24
CA GLY F 25 -8.39 -32.51 3.06
C GLY F 25 -7.53 -31.30 3.37
N PHE F 26 -6.80 -31.39 4.49
CA PHE F 26 -5.69 -30.51 4.75
C PHE F 26 -4.42 -30.91 4.02
N ASN F 27 -4.18 -32.22 3.96
CA ASN F 27 -3.32 -32.89 2.97
C ASN F 27 -3.25 -32.21 1.58
N LYS F 28 -4.41 -31.76 1.11
CA LYS F 28 -4.59 -31.24 -0.24
C LYS F 28 -3.82 -29.95 -0.46
N LEU F 29 -3.51 -29.29 0.66
CA LEU F 29 -2.69 -28.09 0.73
C LEU F 29 -1.39 -28.38 1.46
N GLY F 30 -0.79 -29.54 1.23
CA GLY F 30 0.44 -29.91 1.90
C GLY F 30 0.52 -29.86 3.43
N LEU F 31 -0.62 -29.63 4.10
CA LEU F 31 -0.68 -29.61 5.55
C LEU F 31 -0.58 -30.95 6.26
N MET F 32 -0.10 -30.91 7.50
CA MET F 32 -0.16 -32.03 8.43
C MET F 32 -1.17 -31.75 9.51
N ARG F 33 -1.67 -32.82 10.14
CA ARG F 33 -2.71 -32.69 11.17
C ARG F 33 -2.30 -31.70 12.25
N ASP F 34 -1.02 -31.70 12.61
CA ASP F 34 -0.55 -30.78 13.65
C ASP F 34 -0.38 -29.32 13.26
N ASP F 35 -0.33 -29.03 11.96
CA ASP F 35 -0.48 -27.68 11.40
C ASP F 35 -1.88 -27.09 11.62
N THR F 36 -2.86 -27.95 11.79
CA THR F 36 -4.25 -27.53 11.72
C THR F 36 -4.83 -27.25 13.10
N ILE F 37 -4.14 -27.68 14.16
CA ILE F 37 -4.59 -27.56 15.56
C ILE F 37 -4.94 -26.12 15.94
N HIS F 38 -6.07 -25.92 16.62
CA HIS F 38 -6.39 -24.64 17.29
C HIS F 38 -5.27 -24.17 18.24
N GLU F 39 -4.77 -22.96 18.04
CA GLU F 39 -3.83 -22.37 18.99
C GLU F 39 -4.53 -21.87 20.26
N ASN F 40 -4.48 -22.65 21.34
CA ASN F 40 -4.63 -22.12 22.68
C ASN F 40 -3.29 -22.04 23.43
N ASP F 41 -3.34 -21.60 24.69
CA ASP F 41 -2.15 -21.44 25.49
C ASP F 41 -1.33 -22.71 25.52
N ASP F 42 -1.97 -23.85 25.80
CA ASP F 42 -1.29 -25.16 25.75
C ASP F 42 -0.61 -25.42 24.40
N VAL F 43 -1.33 -25.19 23.31
CA VAL F 43 -0.75 -25.30 21.98
C VAL F 43 0.37 -24.30 21.71
N LYS F 44 0.12 -23.03 22.01
CA LYS F 44 1.07 -21.93 21.79
C LYS F 44 2.44 -22.24 22.36
N GLU F 45 2.47 -22.82 23.56
CA GLU F 45 3.71 -23.12 24.26
C GLU F 45 4.46 -24.26 23.59
N ALA F 46 3.73 -25.29 23.17
CA ALA F 46 4.31 -26.41 22.48
C ALA F 46 4.95 -26.03 21.15
N ILE F 47 4.36 -25.07 20.42
CA ILE F 47 5.07 -24.42 19.29
C ILE F 47 6.36 -23.69 19.69
N ARG F 48 6.31 -23.01 20.83
CA ARG F 48 7.48 -22.43 21.48
C ARG F 48 8.56 -23.50 21.69
N ARG F 49 8.12 -24.67 22.17
CA ARG F 49 9.05 -25.73 22.51
C ARG F 49 9.59 -26.48 21.31
N LEU F 50 9.10 -26.22 20.11
CA LEU F 50 9.51 -27.04 18.96
C LEU F 50 10.93 -26.67 18.60
N PRO F 51 11.75 -27.66 18.23
CA PRO F 51 13.11 -27.39 17.75
C PRO F 51 13.10 -26.61 16.45
N GLU F 52 14.25 -26.05 16.12
CA GLU F 52 14.38 -25.05 15.06
C GLU F 52 13.78 -25.53 13.73
N ASN F 53 14.21 -26.71 13.33
CA ASN F 53 13.82 -27.29 12.05
C ASN F 53 12.30 -27.57 11.96
N LEU F 54 11.74 -28.17 13.01
CA LEU F 54 10.33 -28.51 12.98
C LEU F 54 9.48 -27.26 12.90
N TYR F 55 9.84 -26.29 13.74
CA TYR F 55 9.30 -24.92 13.65
C TYR F 55 9.45 -24.32 12.23
N ASP F 56 10.64 -24.35 11.66
CA ASP F 56 10.80 -23.74 10.34
C ASP F 56 10.00 -24.45 9.26
N ASP F 57 9.81 -25.77 9.45
CA ASP F 57 9.07 -26.62 8.50
C ASP F 57 7.59 -26.36 8.62
N ARG F 58 7.11 -26.34 9.87
CA ARG F 58 5.77 -25.88 10.22
C ARG F 58 5.37 -24.53 9.66
N VAL F 59 6.22 -23.50 9.78
CA VAL F 59 5.89 -22.17 9.24
C VAL F 59 5.79 -22.19 7.73
N PHE F 60 6.64 -23.00 7.10
CA PHE F 60 6.57 -23.12 5.65
C PHE F 60 5.34 -23.82 5.15
N ARG F 61 5.00 -24.97 5.72
CA ARG F 61 3.74 -25.65 5.42
C ARG F 61 2.53 -24.71 5.51
N ILE F 62 2.33 -24.10 6.67
CA ILE F 62 1.27 -23.11 6.80
C ILE F 62 1.35 -21.95 5.78
N LYS F 63 2.56 -21.46 5.51
CA LYS F 63 2.73 -20.36 4.54
C LYS F 63 2.32 -20.74 3.13
N ARG F 64 2.65 -21.97 2.77
CA ARG F 64 2.32 -22.56 1.46
C ARG F 64 0.82 -22.76 1.30
N ALA F 65 0.20 -23.16 2.40
CA ALA F 65 -1.22 -23.49 2.46
C ALA F 65 -2.13 -22.27 2.41
N LEU F 66 -1.83 -21.27 3.24
CA LEU F 66 -2.52 -19.99 3.22
C LEU F 66 -2.40 -19.28 1.89
N ASP F 67 -1.24 -19.45 1.24
CA ASP F 67 -1.05 -19.03 -0.15
C ASP F 67 -2.01 -19.71 -1.12
N LEU F 68 -2.12 -21.03 -1.05
CA LEU F 68 -3.05 -21.79 -1.86
C LEU F 68 -4.48 -21.37 -1.54
N SER F 69 -4.78 -21.31 -0.24
CA SER F 69 -6.09 -20.92 0.25
C SER F 69 -6.52 -19.56 -0.26
N MET F 70 -5.57 -18.63 -0.31
CA MET F 70 -5.76 -17.36 -0.98
C MET F 70 -6.13 -17.51 -2.47
N ARG F 71 -5.31 -18.27 -3.23
CA ARG F 71 -5.57 -18.45 -4.65
C ARG F 71 -6.58 -19.54 -5.02
N GLN F 72 -7.27 -20.02 -3.98
CA GLN F 72 -8.35 -21.03 -4.07
C GLN F 72 -7.98 -22.36 -4.73
N GLN F 73 -6.70 -22.71 -4.58
CA GLN F 73 -6.13 -23.87 -5.25
C GLN F 73 -5.73 -24.95 -4.25
N ILE F 74 -5.04 -25.95 -4.78
CA ILE F 74 -4.80 -27.22 -4.13
C ILE F 74 -3.53 -27.73 -4.80
N LEU F 75 -2.81 -28.62 -4.11
CA LEU F 75 -1.61 -29.19 -4.68
C LEU F 75 -1.90 -30.21 -5.80
N PRO F 76 -0.92 -30.52 -6.64
CA PRO F 76 -0.89 -31.82 -7.32
C PRO F 76 -1.10 -32.98 -6.33
N LYS F 77 -1.89 -33.97 -6.74
CA LYS F 77 -2.20 -35.14 -5.93
C LYS F 77 -0.94 -35.86 -5.42
N GLU F 78 0.09 -35.90 -6.27
CA GLU F 78 1.45 -36.34 -5.93
C GLU F 78 1.99 -35.69 -4.65
N GLN F 79 1.81 -34.38 -4.57
CA GLN F 79 2.38 -33.50 -3.55
C GLN F 79 1.52 -33.38 -2.27
N TRP F 80 0.32 -33.98 -2.26
CA TRP F 80 -0.51 -34.09 -1.05
C TRP F 80 0.18 -34.92 0.03
N THR F 81 -0.28 -34.75 1.27
CA THR F 81 0.25 -35.50 2.40
C THR F 81 -0.45 -36.82 2.66
N LYS F 82 0.25 -37.88 2.26
CA LYS F 82 -0.11 -39.27 2.54
C LYS F 82 -0.35 -39.49 4.02
N TYR F 83 -1.51 -40.09 4.31
CA TYR F 83 -2.01 -40.35 5.67
C TYR F 83 -0.98 -41.03 6.57
N GLU F 84 -0.36 -42.07 6.03
CA GLU F 84 0.75 -42.81 6.64
C GLU F 84 2.00 -41.94 6.83
N GLU F 85 2.25 -41.04 5.88
CA GLU F 85 3.41 -40.18 5.94
C GLU F 85 3.28 -38.96 6.88
N ASP F 86 2.22 -38.96 7.71
CA ASP F 86 1.81 -37.80 8.50
C ASP F 86 2.27 -37.92 9.94
N LYS F 87 3.24 -37.07 10.31
CA LYS F 87 3.95 -37.13 11.60
C LYS F 87 3.35 -36.17 12.63
N SER F 88 3.01 -36.70 13.81
CA SER F 88 2.39 -35.93 14.87
C SER F 88 3.50 -35.30 15.67
N TYR F 89 4.19 -34.35 15.02
CA TYR F 89 5.45 -33.78 15.49
C TYR F 89 5.23 -32.97 16.75
N LEU F 90 3.99 -32.51 16.90
CA LEU F 90 3.58 -31.70 18.01
C LEU F 90 3.10 -32.52 19.20
N GLU F 91 2.25 -33.52 18.93
CA GLU F 91 1.76 -34.46 19.94
C GLU F 91 2.60 -34.53 21.24
N PRO F 92 3.86 -35.01 21.23
CA PRO F 92 4.59 -35.23 22.48
C PRO F 92 4.78 -33.95 23.32
N TYR F 93 5.11 -32.84 22.65
CA TYR F 93 5.18 -31.50 23.26
C TYR F 93 3.85 -31.08 23.88
N LEU F 94 2.80 -31.15 23.07
CA LEU F 94 1.47 -30.79 23.53
C LEU F 94 1.07 -31.57 24.77
N LYS F 95 1.45 -32.86 24.79
CA LYS F 95 1.09 -33.77 25.86
C LYS F 95 1.87 -33.37 27.13
N GLU F 96 3.17 -33.11 26.96
CA GLU F 96 4.03 -32.65 28.04
C GLU F 96 3.58 -31.33 28.66
N VAL F 97 3.18 -30.38 27.81
CA VAL F 97 2.57 -29.12 28.29
C VAL F 97 1.33 -29.38 29.17
N ILE F 98 0.30 -30.04 28.62
CA ILE F 98 -0.91 -30.37 29.37
C ILE F 98 -0.58 -31.12 30.64
N ARG F 99 0.39 -32.03 30.54
CA ARG F 99 0.87 -32.76 31.69
C ARG F 99 1.35 -31.84 32.80
N GLU F 100 2.15 -30.83 32.42
CA GLU F 100 2.71 -29.83 33.36
C GLU F 100 1.62 -28.92 33.95
N ARG F 101 0.67 -28.53 33.10
CA ARG F 101 -0.46 -27.72 33.52
C ARG F 101 -1.34 -28.43 34.53
N LYS F 102 -1.59 -29.72 34.30
CA LYS F 102 -2.48 -30.48 35.15
C LYS F 102 -1.87 -30.67 36.55
N GLU F 103 -0.54 -30.76 36.60
CA GLU F 103 0.22 -30.76 37.85
C GLU F 103 -0.03 -29.48 38.67
N ARG F 104 0.12 -28.33 37.99
CA ARG F 104 -0.05 -27.02 38.59
C ARG F 104 -1.47 -26.93 39.10
N GLU F 105 -2.40 -27.53 38.35
CA GLU F 105 -3.82 -27.56 38.67
C GLU F 105 -4.14 -28.41 39.90
N GLU F 106 -3.46 -29.55 40.07
CA GLU F 106 -3.63 -30.35 41.28
C GLU F 106 -3.06 -29.66 42.50
N TRP F 107 -1.96 -28.94 42.29
CA TRP F 107 -1.27 -28.27 43.38
C TRP F 107 -2.14 -27.10 43.86
N ALA F 108 -2.77 -26.44 42.90
CA ALA F 108 -3.70 -25.34 43.21
C ALA F 108 -4.94 -25.76 43.99
N LYS F 109 -5.17 -27.06 44.11
CA LYS F 109 -6.39 -27.61 44.72
C LYS F 109 -6.25 -27.81 46.21
N LYS F 110 -5.04 -28.19 46.66
CA LYS F 110 -4.79 -28.50 48.08
C LYS F 110 -4.77 -27.24 48.93
N GLY G 1 -3.45 -3.16 19.17
CA GLY G 1 -3.38 -3.98 17.93
C GLY G 1 -2.04 -4.65 17.75
N ARG G 2 -1.72 -5.07 16.52
CA ARG G 2 -0.43 -5.72 16.22
C ARG G 2 0.13 -5.28 14.87
N GLN G 3 1.45 -5.14 14.81
CA GLN G 3 2.12 -4.35 13.77
C GLN G 3 3.16 -5.18 13.03
N PHE G 4 3.35 -4.93 11.74
CA PHE G 4 4.38 -5.59 10.95
C PHE G 4 5.73 -5.25 11.55
N GLY G 5 6.58 -6.27 11.59
CA GLY G 5 7.87 -6.19 12.22
C GLY G 5 7.82 -6.92 13.54
N HIS G 6 6.60 -7.04 14.08
CA HIS G 6 6.36 -7.57 15.41
C HIS G 6 5.29 -8.66 15.43
N LEU G 7 5.15 -9.38 14.32
CA LEU G 7 4.07 -10.33 14.16
C LEU G 7 4.49 -11.72 14.62
N THR G 8 5.38 -12.35 13.86
CA THR G 8 5.96 -13.67 14.16
C THR G 8 7.35 -13.90 13.51
N ARG G 9 7.97 -15.06 13.77
CA ARG G 9 9.35 -15.35 13.42
C ARG G 9 9.39 -16.30 12.23
N VAL G 10 10.16 -15.95 11.19
CA VAL G 10 10.13 -16.68 9.94
C VAL G 10 11.52 -16.67 9.33
N ARG G 11 11.99 -17.85 8.95
CA ARG G 11 13.37 -18.07 8.56
C ARG G 11 13.32 -18.93 7.31
N HIS G 12 14.16 -18.57 6.36
CA HIS G 12 14.52 -19.40 5.19
C HIS G 12 13.56 -19.46 4.01
N VAL G 13 12.73 -18.43 3.84
CA VAL G 13 11.62 -18.44 2.89
C VAL G 13 11.76 -17.30 1.89
N ILE G 14 11.96 -17.64 0.62
CA ILE G 14 12.14 -16.66 -0.44
C ILE G 14 10.79 -16.43 -1.14
N THR G 15 10.26 -15.20 -1.12
CA THR G 15 9.10 -14.87 -1.96
C THR G 15 9.57 -14.17 -3.23
N TYR G 16 9.23 -14.72 -4.39
CA TYR G 16 9.44 -14.04 -5.67
C TYR G 16 8.14 -13.34 -6.06
N SER G 17 8.22 -12.06 -6.43
CA SER G 17 7.05 -11.29 -6.87
C SER G 17 7.16 -10.59 -8.24
N LEU G 18 6.02 -10.13 -8.74
CA LEU G 18 5.95 -9.38 -9.99
C LEU G 18 5.05 -8.13 -9.97
N SER G 19 5.48 -7.07 -10.65
CA SER G 19 4.75 -5.81 -10.68
C SER G 19 3.51 -6.00 -11.56
N PRO G 20 2.36 -5.39 -11.19
CA PRO G 20 1.11 -5.63 -11.92
C PRO G 20 1.10 -5.00 -13.30
N PHE G 21 2.08 -4.14 -13.53
CA PHE G 21 2.27 -3.51 -14.81
C PHE G 21 3.18 -4.40 -15.66
N GLU G 22 3.62 -5.53 -15.10
CA GLU G 22 4.42 -6.54 -15.82
C GLU G 22 3.67 -7.82 -16.24
N GLN G 23 2.41 -7.92 -15.82
CA GLN G 23 1.65 -9.17 -15.84
C GLN G 23 0.15 -8.98 -16.08
N ARG G 24 -0.52 -10.06 -16.48
CA ARG G 24 -1.97 -10.05 -16.73
C ARG G 24 -2.75 -10.03 -15.43
N ALA G 25 -3.78 -9.18 -15.41
CA ALA G 25 -4.82 -9.21 -14.39
C ALA G 25 -5.73 -10.42 -14.58
N PHE G 26 -6.15 -10.65 -15.82
CA PHE G 26 -6.92 -11.84 -16.20
C PHE G 26 -6.03 -12.75 -17.04
N PRO G 27 -5.41 -13.75 -16.39
CA PRO G 27 -4.60 -14.74 -17.11
C PRO G 27 -5.27 -16.12 -17.10
N HIS G 28 -5.52 -16.65 -18.30
CA HIS G 28 -6.18 -17.94 -18.46
C HIS G 28 -7.46 -18.01 -17.60
N TYR G 29 -8.28 -16.97 -17.74
CA TYR G 29 -9.45 -16.75 -16.89
C TYR G 29 -10.50 -17.83 -17.08
N PHE G 30 -10.70 -18.25 -18.33
CA PHE G 30 -11.62 -19.33 -18.61
C PHE G 30 -10.89 -20.67 -18.85
N SER G 31 -9.73 -20.60 -19.50
CA SER G 31 -8.78 -21.72 -19.62
C SER G 31 -8.52 -22.47 -18.30
N LYS G 32 -8.26 -21.71 -17.22
CA LYS G 32 -7.95 -22.27 -15.91
C LYS G 32 -9.05 -22.07 -14.87
N GLY G 33 -9.87 -21.04 -15.04
CA GLY G 33 -10.91 -20.68 -14.08
C GLY G 33 -12.04 -21.69 -14.00
N ILE G 34 -12.69 -21.97 -15.13
CA ILE G 34 -13.77 -22.97 -15.20
C ILE G 34 -13.42 -24.37 -14.66
N PRO G 35 -12.25 -24.93 -15.00
CA PRO G 35 -11.77 -26.15 -14.36
C PRO G 35 -11.71 -26.11 -12.82
N ASN G 36 -11.40 -24.95 -12.25
CA ASN G 36 -11.30 -24.79 -10.80
C ASN G 36 -12.64 -24.77 -10.07
N VAL G 37 -13.59 -23.97 -10.56
CA VAL G 37 -14.92 -23.83 -9.96
C VAL G 37 -15.73 -25.13 -9.95
N LEU G 38 -15.68 -25.87 -11.06
CA LEU G 38 -16.13 -27.26 -11.13
C LEU G 38 -15.54 -28.11 -10.00
N ARG G 39 -14.20 -28.16 -9.94
CA ARG G 39 -13.42 -28.86 -8.92
C ARG G 39 -13.80 -28.48 -7.48
N ARG G 40 -14.12 -27.21 -7.28
CA ARG G 40 -14.47 -26.67 -5.97
C ARG G 40 -15.89 -27.06 -5.56
N THR G 41 -16.75 -27.21 -6.57
CA THR G 41 -18.15 -27.55 -6.36
C THR G 41 -18.27 -29.05 -6.06
N ARG G 42 -17.73 -29.83 -6.99
CA ARG G 42 -17.39 -31.24 -6.82
C ARG G 42 -16.87 -31.50 -5.41
N ALA G 43 -15.92 -30.66 -4.98
CA ALA G 43 -15.37 -30.72 -3.63
C ALA G 43 -16.39 -30.60 -2.50
N CYS G 44 -17.45 -29.82 -2.72
CA CYS G 44 -18.32 -29.37 -1.62
C CYS G 44 -19.78 -29.80 -1.67
N ILE G 45 -20.26 -30.24 -2.83
CA ILE G 45 -21.68 -30.60 -3.04
C ILE G 45 -22.31 -31.46 -1.93
N LEU G 46 -21.64 -32.54 -1.56
CA LEU G 46 -22.19 -33.53 -0.64
C LEU G 46 -22.34 -33.06 0.82
N ARG G 47 -21.80 -31.88 1.09
CA ARG G 47 -21.91 -31.24 2.40
C ARG G 47 -22.95 -30.13 2.39
N VAL G 48 -23.05 -29.45 1.24
CA VAL G 48 -23.82 -28.20 1.08
C VAL G 48 -25.22 -28.50 0.51
N ALA G 49 -25.27 -29.30 -0.57
CA ALA G 49 -26.52 -29.60 -1.29
C ALA G 49 -27.59 -30.44 -0.56
N PRO G 50 -27.24 -31.58 0.04
CA PRO G 50 -28.26 -32.42 0.69
C PRO G 50 -29.21 -31.77 1.71
N PRO G 51 -28.82 -30.82 2.57
CA PRO G 51 -29.81 -30.18 3.46
C PRO G 51 -30.82 -29.32 2.74
N PHE G 52 -30.45 -28.81 1.56
CA PHE G 52 -31.28 -27.88 0.80
C PHE G 52 -32.27 -28.56 -0.13
N VAL G 53 -31.86 -29.71 -0.68
CA VAL G 53 -32.79 -30.69 -1.24
C VAL G 53 -33.71 -31.34 -0.19
N ALA G 54 -33.17 -31.66 0.98
CA ALA G 54 -33.99 -32.02 2.14
C ALA G 54 -35.07 -30.98 2.46
N PHE G 55 -34.69 -29.69 2.46
CA PHE G 55 -35.64 -28.59 2.55
C PHE G 55 -36.59 -28.58 1.36
N TYR G 56 -36.03 -28.71 0.15
CA TYR G 56 -36.82 -28.68 -1.09
C TYR G 56 -38.02 -29.65 -1.04
N LEU G 57 -37.76 -30.92 -0.72
CA LEU G 57 -38.80 -31.94 -0.69
C LEU G 57 -39.82 -31.75 0.43
N VAL G 58 -39.38 -31.26 1.60
CA VAL G 58 -40.29 -30.87 2.69
C VAL G 58 -41.12 -29.62 2.38
N TYR G 59 -40.60 -28.70 1.56
CA TYR G 59 -41.40 -27.57 1.07
C TYR G 59 -42.47 -27.94 0.03
N THR G 60 -42.10 -28.72 -1.00
CA THR G 60 -43.03 -29.11 -2.06
C THR G 60 -44.05 -30.16 -1.63
N TRP G 61 -43.70 -30.96 -0.62
CA TRP G 61 -44.66 -31.84 0.02
C TRP G 61 -45.66 -31.08 0.88
N GLY G 62 -45.16 -30.18 1.74
CA GLY G 62 -45.96 -29.45 2.71
C GLY G 62 -46.96 -28.52 2.04
N THR G 63 -46.55 -27.98 0.90
CA THR G 63 -47.43 -27.25 -0.02
C THR G 63 -48.52 -28.17 -0.57
N GLN G 64 -48.11 -29.24 -1.26
CA GLN G 64 -49.02 -30.24 -1.85
C GLN G 64 -50.04 -30.73 -0.84
N GLU G 65 -49.57 -31.16 0.33
CA GLU G 65 -50.38 -31.67 1.43
C GLU G 65 -51.33 -30.67 2.10
N PHE G 66 -50.91 -29.43 2.29
CA PHE G 66 -51.71 -28.43 3.02
C PHE G 66 -53.05 -28.14 2.35
N GLU G 67 -53.02 -27.99 1.02
CA GLU G 67 -54.18 -27.54 0.24
C GLU G 67 -55.10 -28.69 -0.19
N LYS G 68 -54.51 -29.86 -0.36
CA LYS G 68 -55.22 -31.13 -0.40
C LYS G 68 -55.92 -31.50 0.91
N SER G 69 -55.38 -31.02 2.04
CA SER G 69 -56.01 -31.20 3.35
C SER G 69 -57.30 -30.41 3.59
N LYS G 70 -57.48 -29.33 2.84
CA LYS G 70 -58.64 -28.46 2.97
C LYS G 70 -59.73 -28.84 1.96
N ARG G 71 -59.94 -30.15 1.86
CA ARG G 71 -60.84 -30.77 0.88
C ARG G 71 -61.56 -31.91 1.58
N LYS G 72 -62.76 -32.23 1.10
CA LYS G 72 -63.42 -33.50 1.35
C LYS G 72 -63.57 -34.27 0.02
N ASN G 73 -64.09 -35.49 0.08
CA ASN G 73 -64.63 -36.20 -1.08
C ASN G 73 -65.97 -36.94 -0.89
N PRO G 74 -66.10 -37.88 0.07
CA PRO G 74 -67.43 -38.33 0.51
C PRO G 74 -67.94 -37.70 1.81
N ALA G 75 -69.26 -37.54 1.90
CA ALA G 75 -69.98 -36.94 3.04
C ALA G 75 -69.54 -35.53 3.49
N GLU H 12 -75.79 -6.31 -30.33
CA GLU H 12 -74.63 -5.49 -30.79
C GLU H 12 -73.92 -4.82 -29.61
N LEU H 13 -73.32 -5.64 -28.75
CA LEU H 13 -72.28 -5.20 -27.82
C LEU H 13 -71.04 -6.10 -27.85
N VAL H 14 -70.11 -5.77 -28.75
CA VAL H 14 -69.11 -6.70 -29.27
C VAL H 14 -67.93 -6.85 -28.31
N ASP H 15 -68.14 -7.64 -27.25
CA ASP H 15 -67.20 -7.78 -26.13
C ASP H 15 -66.03 -8.70 -26.51
N PRO H 16 -64.78 -8.26 -26.29
CA PRO H 16 -63.61 -9.14 -26.41
C PRO H 16 -63.57 -10.24 -25.33
N LEU H 17 -64.13 -9.98 -24.16
CA LEU H 17 -64.06 -10.89 -23.02
C LEU H 17 -64.84 -12.18 -23.24
N THR H 18 -65.95 -12.09 -23.97
CA THR H 18 -66.74 -13.27 -24.36
C THR H 18 -66.52 -13.82 -25.78
N THR H 19 -65.92 -13.00 -26.65
CA THR H 19 -65.09 -13.49 -27.76
C THR H 19 -64.04 -14.50 -27.29
N VAL H 20 -63.32 -14.14 -26.22
CA VAL H 20 -62.26 -14.97 -25.64
C VAL H 20 -62.83 -16.13 -24.81
N ARG H 21 -63.63 -15.80 -23.78
CA ARG H 21 -64.12 -16.76 -22.78
C ARG H 21 -64.69 -18.06 -23.37
N GLU H 22 -65.50 -17.93 -24.43
CA GLU H 22 -66.11 -19.05 -25.15
C GLU H 22 -65.08 -20.05 -25.69
N GLN H 23 -64.18 -19.55 -26.54
CA GLN H 23 -63.09 -20.35 -27.11
C GLN H 23 -61.99 -20.71 -26.11
N CYS H 24 -62.05 -20.08 -24.94
CA CYS H 24 -61.26 -20.47 -23.77
C CYS H 24 -61.95 -21.56 -22.93
N GLU H 25 -63.27 -21.41 -22.71
CA GLU H 25 -64.13 -22.45 -22.11
C GLU H 25 -64.21 -23.74 -22.95
N GLN H 26 -63.64 -23.70 -24.16
CA GLN H 26 -63.48 -24.84 -25.05
C GLN H 26 -62.58 -25.94 -24.47
N LEU H 27 -61.28 -25.91 -24.80
CA LEU H 27 -60.45 -27.11 -24.93
C LEU H 27 -60.02 -27.80 -23.61
N GLU H 28 -59.10 -28.77 -23.72
CA GLU H 28 -59.11 -30.05 -22.99
C GLU H 28 -59.38 -30.05 -21.48
N LYS H 29 -58.76 -29.09 -20.77
CA LYS H 29 -58.66 -29.14 -19.31
C LYS H 29 -59.83 -28.52 -18.57
N CYS H 30 -60.47 -27.52 -19.18
CA CYS H 30 -61.62 -26.84 -18.58
C CYS H 30 -62.94 -27.63 -18.72
N VAL H 31 -62.98 -28.55 -19.68
CA VAL H 31 -64.13 -29.43 -19.94
C VAL H 31 -64.47 -30.25 -18.70
N LYS H 32 -63.43 -30.79 -18.06
CA LYS H 32 -63.52 -31.73 -16.94
C LYS H 32 -63.87 -31.06 -15.61
N ALA H 33 -63.37 -29.83 -15.44
CA ALA H 33 -63.68 -28.99 -14.28
C ALA H 33 -65.01 -28.24 -14.46
N ARG H 34 -65.53 -28.24 -15.69
CA ARG H 34 -66.95 -28.01 -15.96
C ARG H 34 -67.78 -29.25 -15.64
N GLU H 35 -67.32 -30.41 -16.12
CA GLU H 35 -67.99 -31.70 -15.95
C GLU H 35 -68.23 -32.03 -14.48
N ARG H 36 -67.21 -31.84 -13.65
CA ARG H 36 -67.27 -32.13 -12.21
C ARG H 36 -67.92 -31.00 -11.40
N LEU H 37 -68.14 -29.86 -12.07
CA LEU H 37 -69.01 -28.80 -11.62
C LEU H 37 -70.47 -29.03 -12.03
N GLU H 38 -70.68 -29.50 -13.26
CA GLU H 38 -71.99 -29.88 -13.79
C GLU H 38 -72.59 -31.06 -13.02
N LEU H 39 -71.76 -32.05 -12.71
CA LEU H 39 -72.12 -33.17 -11.84
C LEU H 39 -72.01 -32.81 -10.37
N CYS H 40 -71.80 -31.52 -10.11
CA CYS H 40 -72.03 -30.91 -8.80
C CYS H 40 -73.28 -30.00 -8.84
N ASP H 41 -73.64 -29.51 -10.03
CA ASP H 41 -74.97 -28.96 -10.29
C ASP H 41 -76.07 -30.02 -10.17
N GLU H 42 -75.89 -31.13 -10.88
CA GLU H 42 -76.76 -32.30 -10.83
C GLU H 42 -76.85 -33.00 -9.46
N ARG H 43 -75.84 -32.75 -8.62
CA ARG H 43 -75.58 -33.54 -7.41
C ARG H 43 -76.34 -33.06 -6.16
N VAL H 44 -76.57 -31.74 -6.09
CA VAL H 44 -76.64 -31.04 -4.80
C VAL H 44 -78.08 -30.75 -4.33
N SER H 45 -78.90 -30.17 -5.21
CA SER H 45 -80.34 -30.04 -4.95
C SER H 45 -81.10 -31.36 -5.12
N SER H 46 -80.35 -32.45 -5.28
CA SER H 46 -80.82 -33.82 -5.03
C SER H 46 -81.02 -34.16 -3.54
N ARG H 47 -80.84 -33.19 -2.66
CA ARG H 47 -81.48 -33.15 -1.33
C ARG H 47 -81.70 -31.76 -0.74
N SER H 48 -82.36 -31.72 0.41
CA SER H 48 -82.43 -30.55 1.27
C SER H 48 -82.28 -30.93 2.75
N GLN H 49 -81.96 -29.92 3.56
CA GLN H 49 -81.09 -30.02 4.76
C GLN H 49 -79.65 -30.47 4.45
N THR H 50 -79.13 -30.00 3.30
CA THR H 50 -77.70 -30.13 2.96
C THR H 50 -76.88 -28.87 3.25
N GLU H 51 -75.63 -29.06 3.66
CA GLU H 51 -74.60 -28.03 3.65
C GLU H 51 -73.26 -28.56 3.11
N GLU H 52 -73.34 -29.12 1.90
CA GLU H 52 -72.15 -29.61 1.18
C GLU H 52 -71.87 -28.74 -0.04
N ASP H 53 -71.17 -27.65 0.20
CA ASP H 53 -71.50 -26.34 -0.38
C ASP H 53 -70.87 -25.99 -1.74
N CYS H 54 -70.13 -26.94 -2.33
CA CYS H 54 -69.89 -27.02 -3.78
C CYS H 54 -69.23 -25.79 -4.44
N THR H 55 -68.60 -24.96 -3.62
CA THR H 55 -67.73 -23.88 -4.10
C THR H 55 -66.48 -24.43 -4.79
N GLU H 56 -65.99 -25.57 -4.28
CA GLU H 56 -64.71 -26.19 -4.63
C GLU H 56 -64.50 -26.36 -6.14
N GLU H 57 -65.53 -26.91 -6.80
CA GLU H 57 -65.44 -27.36 -8.19
C GLU H 57 -65.58 -26.17 -9.14
N LEU H 58 -66.24 -25.11 -8.65
CA LEU H 58 -66.41 -23.85 -9.37
C LEU H 58 -65.07 -23.19 -9.65
N LEU H 59 -64.19 -23.22 -8.65
CA LEU H 59 -62.91 -22.52 -8.66
C LEU H 59 -61.90 -23.08 -9.66
N ASP H 60 -61.77 -24.41 -9.75
CA ASP H 60 -60.83 -25.05 -10.68
C ASP H 60 -61.20 -24.87 -12.15
N PHE H 61 -62.50 -24.75 -12.43
CA PHE H 61 -62.96 -24.29 -13.75
C PHE H 61 -62.48 -22.87 -14.01
N LEU H 62 -62.68 -21.98 -13.05
CA LEU H 62 -62.25 -20.57 -13.17
C LEU H 62 -60.72 -20.39 -13.27
N HIS H 63 -59.96 -21.23 -12.57
CA HIS H 63 -58.51 -21.29 -12.67
C HIS H 63 -58.04 -21.60 -14.10
N ALA H 64 -58.50 -22.74 -14.63
CA ALA H 64 -58.06 -23.27 -15.93
C ALA H 64 -58.67 -22.51 -17.09
N ARG H 65 -59.84 -21.90 -16.86
CA ARG H 65 -60.35 -20.83 -17.71
C ARG H 65 -59.39 -19.65 -17.68
N ASP H 66 -59.28 -19.00 -16.52
CA ASP H 66 -58.72 -17.65 -16.44
C ASP H 66 -57.22 -17.55 -16.66
N HIS H 67 -56.51 -18.66 -16.48
CA HIS H 67 -55.18 -18.89 -17.07
C HIS H 67 -55.16 -18.55 -18.56
N CYS H 68 -55.93 -19.31 -19.34
CA CYS H 68 -55.93 -19.22 -20.81
C CYS H 68 -56.55 -17.92 -21.32
N VAL H 69 -57.48 -17.37 -20.54
CA VAL H 69 -57.98 -16.01 -20.68
C VAL H 69 -56.83 -14.98 -20.87
N ALA H 70 -55.84 -15.03 -19.98
CA ALA H 70 -54.77 -14.05 -19.89
C ALA H 70 -53.77 -14.12 -21.06
N HIS H 71 -53.45 -15.36 -21.45
CA HIS H 71 -52.67 -15.69 -22.65
C HIS H 71 -53.33 -15.25 -23.97
N LYS H 72 -54.61 -14.91 -23.90
CA LYS H 72 -55.42 -14.55 -25.06
C LYS H 72 -55.92 -13.10 -25.06
N LEU H 73 -56.49 -12.67 -23.93
CA LEU H 73 -57.30 -11.45 -23.81
C LEU H 73 -56.68 -10.16 -24.37
N PHE H 74 -55.41 -9.92 -24.05
CA PHE H 74 -54.84 -8.58 -24.18
C PHE H 74 -54.59 -8.12 -25.61
N ASN H 75 -54.51 -9.06 -26.56
CA ASN H 75 -54.25 -8.76 -27.96
C ASN H 75 -55.36 -7.97 -28.67
N SER H 76 -56.59 -8.13 -28.18
CA SER H 76 -57.77 -7.48 -28.76
C SER H 76 -57.99 -6.04 -28.28
N LEU H 77 -57.43 -5.73 -27.12
CA LEU H 77 -57.75 -4.51 -26.38
C LEU H 77 -56.92 -3.33 -26.88
N LYS H 78 -57.55 -2.16 -26.98
CA LYS H 78 -57.03 -1.02 -27.75
C LYS H 78 -57.06 0.29 -26.95
N MET I 1 61.83 7.17 5.41
CA MET I 1 60.58 6.39 5.11
C MET I 1 59.68 6.28 6.35
N LEU I 2 59.16 7.42 6.78
CA LEU I 2 58.39 7.45 8.01
C LEU I 2 56.92 7.13 7.71
N SER I 3 55.97 7.68 8.46
CA SER I 3 54.58 7.22 8.40
C SER I 3 54.45 5.70 8.63
N VAL I 4 55.06 5.27 9.74
CA VAL I 4 54.50 4.33 10.73
C VAL I 4 53.17 3.68 10.31
N ALA I 5 52.12 4.50 10.23
CA ALA I 5 51.03 4.34 9.26
C ALA I 5 51.24 3.25 8.15
N ALA I 6 51.83 3.61 7.01
CA ALA I 6 52.23 2.63 5.98
C ALA I 6 53.73 2.32 6.03
N ARG I 7 54.20 2.05 7.24
CA ARG I 7 55.20 1.00 7.51
C ARG I 7 54.55 -0.37 7.62
N SER I 8 53.22 -0.40 7.51
CA SER I 8 52.38 -1.59 7.37
C SER I 8 52.47 -2.50 8.59
N GLY I 9 51.96 -1.97 9.69
CA GLY I 9 52.02 -2.67 10.96
C GLY I 9 50.97 -2.14 11.93
N PRO I 10 51.30 -1.05 12.62
CA PRO I 10 50.50 -0.56 13.76
C PRO I 10 49.18 -0.01 13.28
N PHE I 11 48.24 0.26 14.17
CA PHE I 11 46.95 0.72 13.70
C PHE I 11 46.77 2.22 13.54
N ALA I 12 46.09 2.60 12.46
CA ALA I 12 45.59 3.94 12.22
C ALA I 12 44.06 3.95 12.07
N PRO I 13 43.34 4.52 13.02
CA PRO I 13 41.97 5.02 12.78
C PRO I 13 41.82 6.35 12.08
N VAL I 14 40.83 6.41 11.19
CA VAL I 14 40.34 7.60 10.53
C VAL I 14 38.87 7.76 10.93
N LEU I 15 38.52 8.96 11.38
CA LEU I 15 37.16 9.46 11.37
C LEU I 15 37.00 10.49 10.27
N SER I 16 35.75 10.75 9.86
CA SER I 16 35.44 11.78 8.87
C SER I 16 34.05 12.35 9.09
N ALA I 17 33.87 13.62 8.74
CA ALA I 17 32.58 14.20 8.31
C ALA I 17 31.83 13.43 7.20
N THR I 18 32.45 13.30 6.02
CA THR I 18 31.80 12.66 4.86
C THR I 18 31.84 11.13 4.80
N SER I 19 32.90 10.52 5.33
CA SER I 19 33.39 9.19 4.96
C SER I 19 33.54 8.26 6.16
N ARG I 20 33.18 6.99 5.93
CA ARG I 20 33.11 5.93 6.96
C ARG I 20 34.46 5.66 7.61
N GLY I 21 34.42 5.40 8.93
CA GLY I 21 35.57 5.15 9.78
C GLY I 21 36.47 4.00 9.33
N VAL I 22 37.77 4.28 9.24
CA VAL I 22 38.77 3.28 8.85
C VAL I 22 39.55 2.76 10.08
N ALA I 23 40.04 1.52 9.93
CA ALA I 23 41.09 0.93 10.76
C ALA I 23 42.17 0.45 9.78
N GLY I 24 43.43 0.52 10.22
CA GLY I 24 44.51 0.91 9.35
C GLY I 24 45.31 -0.23 8.79
N ALA I 25 46.45 -0.48 9.43
CA ALA I 25 47.55 -1.24 8.82
C ALA I 25 47.75 -2.69 9.34
N LEU I 26 48.97 -3.21 9.34
CA LEU I 26 49.20 -4.56 8.84
C LEU I 26 49.70 -5.70 9.78
N ARG I 27 49.66 -6.92 9.27
CA ARG I 27 48.92 -8.08 9.81
C ARG I 27 48.28 -8.85 8.63
N PRO I 28 48.17 -10.17 8.74
CA PRO I 28 47.12 -10.92 8.05
C PRO I 28 45.70 -10.46 8.35
N LEU I 29 45.05 -9.92 7.31
CA LEU I 29 43.65 -10.18 7.01
C LEU I 29 43.60 -11.05 5.77
N VAL I 30 44.79 -11.30 5.20
CA VAL I 30 45.11 -10.96 3.80
C VAL I 30 45.41 -12.11 2.81
N GLN I 31 46.53 -12.80 3.01
CA GLN I 31 46.80 -14.11 2.37
C GLN I 31 45.88 -15.20 2.95
N ALA I 32 44.66 -14.78 3.33
CA ALA I 32 43.89 -15.36 4.44
C ALA I 32 42.39 -15.41 4.19
N ALA I 33 41.93 -14.67 3.19
CA ALA I 33 40.71 -15.00 2.46
C ALA I 33 41.02 -15.86 1.24
N VAL I 34 42.30 -16.21 1.08
CA VAL I 34 42.79 -17.04 -0.02
C VAL I 34 42.66 -18.56 0.25
N PRO I 35 43.23 -19.10 1.35
CA PRO I 35 42.66 -20.32 1.93
C PRO I 35 41.60 -19.99 2.96
N ALA I 36 40.46 -20.66 2.83
CA ALA I 36 39.17 -19.99 2.78
C ALA I 36 38.23 -20.39 3.92
N THR I 37 36.96 -20.01 3.80
CA THR I 37 36.04 -19.72 4.93
C THR I 37 36.61 -18.78 6.02
N SER I 38 37.13 -17.65 5.57
CA SER I 38 36.98 -16.37 6.26
C SER I 38 35.57 -15.79 6.03
N GLU I 39 34.68 -16.03 6.99
CA GLU I 39 33.23 -15.92 6.82
C GLU I 39 32.69 -14.48 6.76
N SER I 40 33.42 -13.53 7.35
CA SER I 40 33.26 -12.08 7.14
C SER I 40 32.14 -11.41 7.94
N PRO I 41 32.36 -10.19 8.47
CA PRO I 41 31.39 -9.56 9.36
C PRO I 41 30.33 -8.73 8.63
N VAL I 42 29.92 -9.17 7.43
CA VAL I 42 29.44 -8.25 6.40
C VAL I 42 28.02 -7.67 6.54
N LEU I 43 28.01 -6.59 7.34
CA LEU I 43 26.86 -5.75 7.71
C LEU I 43 25.97 -6.16 8.90
N ASP I 44 26.63 -6.35 10.06
CA ASP I 44 26.04 -6.59 11.40
C ASP I 44 26.52 -5.55 12.45
N LEU I 45 25.60 -5.03 13.30
CA LEU I 45 25.60 -3.62 13.76
C LEU I 45 26.75 -2.65 13.37
N LYS I 46 26.70 -2.16 12.12
CA LYS I 46 27.90 -1.86 11.29
C LYS I 46 27.80 -0.70 10.28
N ARG I 47 28.85 0.13 10.24
CA ARG I 47 29.59 0.61 9.06
C ARG I 47 29.35 -0.08 7.70
N SER I 48 30.04 0.43 6.65
CA SER I 48 30.32 -0.33 5.43
C SER I 48 31.74 -0.13 4.87
N VAL I 49 32.40 -1.26 4.58
CA VAL I 49 33.73 -1.28 3.94
C VAL I 49 33.64 -0.83 2.48
N LEU I 50 34.75 -0.90 1.74
CA LEU I 50 34.98 -0.18 0.50
C LEU I 50 34.94 1.35 0.69
N CYS I 51 33.75 1.86 0.99
CA CYS I 51 33.42 3.28 1.14
C CYS I 51 33.44 4.14 -0.14
N ARG I 52 32.64 5.22 -0.08
CA ARG I 52 32.32 6.05 -1.25
C ARG I 52 32.71 7.54 -1.04
N GLU I 53 32.20 8.43 -1.90
CA GLU I 53 33.00 9.37 -2.70
C GLU I 53 34.07 8.70 -3.61
N SER I 54 33.60 7.72 -4.39
CA SER I 54 34.37 7.06 -5.46
C SER I 54 33.57 6.61 -6.72
N LEU I 55 32.68 7.51 -7.17
CA LEU I 55 31.96 7.32 -8.44
C LEU I 55 32.59 8.03 -9.65
N ARG I 56 31.81 8.29 -10.70
CA ARG I 56 32.32 8.33 -12.07
C ARG I 56 31.61 9.40 -12.93
N GLY I 57 31.46 9.14 -14.23
CA GLY I 57 30.62 9.95 -15.11
C GLY I 57 29.15 9.66 -14.91
N VAL J 1 -0.51 4.40 -33.98
CA VAL J 1 -1.94 4.85 -34.09
C VAL J 1 -2.91 3.88 -33.40
N ALA J 2 -2.79 2.58 -33.74
CA ALA J 2 -3.52 1.50 -33.06
C ALA J 2 -2.77 0.70 -31.96
N PRO J 3 -1.42 0.65 -31.98
CA PRO J 3 -0.65 0.33 -30.76
C PRO J 3 -0.16 1.48 -29.85
N THR J 4 0.53 2.47 -30.42
CA THR J 4 1.27 3.48 -29.65
C THR J 4 0.41 4.70 -29.26
N LEU J 5 -0.78 4.41 -28.72
CA LEU J 5 -1.82 5.41 -28.47
C LEU J 5 -2.21 5.42 -26.99
N THR J 6 -2.29 4.25 -26.37
CA THR J 6 -2.25 4.12 -24.92
C THR J 6 -1.01 4.80 -24.32
N ALA J 7 0.12 4.63 -25.01
CA ALA J 7 1.34 5.43 -24.82
C ALA J 7 1.09 6.93 -24.89
N ARG J 8 0.55 7.40 -26.03
CA ARG J 8 0.32 8.83 -26.28
C ARG J 8 -0.61 9.44 -25.23
N LEU J 9 -1.66 8.69 -24.88
CA LEU J 9 -2.54 8.98 -23.75
C LEU J 9 -1.76 9.21 -22.46
N TYR J 10 -0.84 8.29 -22.16
CA TYR J 10 -0.15 8.23 -20.87
C TYR J 10 0.81 9.39 -20.65
N SER J 11 1.64 9.68 -21.65
CA SER J 11 2.57 10.82 -21.67
C SER J 11 1.88 12.16 -21.39
N LEU J 12 0.78 12.40 -22.08
CA LEU J 12 0.19 13.72 -22.24
C LEU J 12 -0.82 14.01 -21.13
N LEU J 13 -1.36 12.95 -20.53
CA LEU J 13 -2.60 13.07 -19.76
C LEU J 13 -2.62 12.31 -18.44
N PHE J 14 -1.80 11.26 -18.34
CA PHE J 14 -1.89 10.27 -17.25
C PHE J 14 -0.70 10.27 -16.28
N ARG J 15 0.45 10.77 -16.72
CA ARG J 15 1.67 10.87 -15.91
C ARG J 15 1.44 11.75 -14.68
N ARG J 16 1.01 13.00 -14.95
CA ARG J 16 0.75 14.01 -13.92
C ARG J 16 -0.62 13.74 -13.32
N THR J 17 -0.66 13.67 -11.99
CA THR J 17 -1.91 13.43 -11.25
C THR J 17 -2.87 14.61 -11.33
N SER J 18 -2.35 15.78 -11.72
CA SER J 18 -3.18 16.93 -12.12
C SER J 18 -3.94 16.63 -13.39
N THR J 19 -3.20 16.41 -14.48
CA THR J 19 -3.76 16.15 -15.81
C THR J 19 -4.55 14.85 -15.82
N PHE J 20 -4.14 13.87 -15.01
CA PHE J 20 -4.98 12.72 -14.68
C PHE J 20 -6.34 13.13 -14.15
N ALA J 21 -6.37 13.91 -13.06
CA ALA J 21 -7.61 14.38 -12.45
C ALA J 21 -8.41 15.28 -13.39
N LEU J 22 -7.69 16.11 -14.14
CA LEU J 22 -8.29 17.00 -15.12
C LEU J 22 -8.97 16.19 -16.19
N THR J 23 -8.34 15.08 -16.60
CA THR J 23 -8.88 14.19 -17.63
C THR J 23 -10.13 13.51 -17.15
N ILE J 24 -10.12 12.98 -15.94
CA ILE J 24 -11.33 12.36 -15.39
C ILE J 24 -12.49 13.35 -15.20
N VAL J 25 -12.19 14.62 -14.96
CA VAL J 25 -13.20 15.64 -14.68
C VAL J 25 -13.77 16.22 -15.97
N VAL J 26 -12.87 16.57 -16.89
CA VAL J 26 -13.19 16.94 -18.28
C VAL J 26 -13.88 15.77 -19.01
N GLY J 27 -13.38 14.57 -18.77
CA GLY J 27 -13.95 13.35 -19.32
C GLY J 27 -15.32 12.98 -18.75
N ALA J 28 -15.64 13.45 -17.55
CA ALA J 28 -16.90 13.05 -16.91
C ALA J 28 -18.06 13.89 -17.38
N LEU J 29 -17.79 15.17 -17.64
CA LEU J 29 -18.77 16.11 -18.19
C LEU J 29 -19.32 15.68 -19.55
N PHE J 30 -18.40 15.35 -20.44
CA PHE J 30 -18.67 14.81 -21.76
C PHE J 30 -19.38 13.45 -21.73
N PHE J 31 -19.07 12.63 -20.73
CA PHE J 31 -19.72 11.35 -20.51
C PHE J 31 -21.15 11.49 -19.98
N GLU J 32 -21.39 12.49 -19.14
CA GLU J 32 -22.71 12.65 -18.54
C GLU J 32 -23.72 13.10 -19.58
N ARG J 33 -23.27 13.91 -20.53
CA ARG J 33 -24.06 14.29 -21.69
C ARG J 33 -24.45 13.06 -22.51
N ALA J 34 -23.43 12.30 -22.91
CA ALA J 34 -23.54 11.26 -23.93
C ALA J 34 -24.35 10.08 -23.42
N PHE J 35 -24.30 9.87 -22.11
CA PHE J 35 -25.04 8.83 -21.41
C PHE J 35 -26.52 9.18 -21.15
N ASP J 36 -26.79 10.32 -20.52
CA ASP J 36 -28.16 10.81 -20.35
C ASP J 36 -28.89 11.10 -21.68
N GLN J 37 -28.12 11.28 -22.76
CA GLN J 37 -28.63 11.29 -24.13
C GLN J 37 -28.98 9.86 -24.54
N GLY J 38 -27.95 9.08 -24.90
CA GLY J 38 -28.08 7.71 -25.38
C GLY J 38 -29.08 6.85 -24.65
N ALA J 39 -29.01 6.83 -23.32
CA ALA J 39 -29.81 5.95 -22.48
C ALA J 39 -31.27 6.36 -22.37
N ASP J 40 -31.51 7.65 -22.23
CA ASP J 40 -32.85 8.24 -22.39
C ASP J 40 -33.47 7.90 -23.74
N ALA J 41 -32.65 7.97 -24.80
CA ALA J 41 -33.05 7.61 -26.16
C ALA J 41 -33.25 6.11 -26.37
N ILE J 42 -32.50 5.29 -25.61
CA ILE J 42 -32.74 3.85 -25.54
C ILE J 42 -34.08 3.59 -24.84
N TYR J 43 -34.37 4.40 -23.83
CA TYR J 43 -35.57 4.26 -23.00
C TYR J 43 -36.83 4.75 -23.70
N GLU J 44 -36.68 5.83 -24.47
CA GLU J 44 -37.62 6.25 -25.50
C GLU J 44 -38.00 5.09 -26.42
N HIS J 45 -37.02 4.57 -27.16
CA HIS J 45 -37.23 3.55 -28.21
C HIS J 45 -37.92 2.25 -27.77
N ILE J 46 -37.83 1.94 -26.47
CA ILE J 46 -38.47 0.76 -25.89
C ILE J 46 -39.92 0.99 -25.43
N ASN J 47 -40.41 2.21 -25.58
CA ASN J 47 -41.83 2.53 -25.32
C ASN J 47 -42.62 3.16 -26.47
N GLU J 48 -42.02 4.13 -27.16
CA GLU J 48 -42.35 4.56 -28.53
C GLU J 48 -43.73 5.20 -28.75
N GLY J 49 -44.52 5.30 -27.67
CA GLY J 49 -45.92 5.70 -27.74
C GLY J 49 -46.69 5.42 -26.47
N LYS J 50 -45.97 5.01 -25.42
CA LYS J 50 -46.52 4.87 -24.08
C LYS J 50 -46.45 6.17 -23.27
N LEU J 51 -45.60 7.09 -23.71
CA LEU J 51 -45.21 8.23 -22.89
C LEU J 51 -45.66 9.57 -23.45
N TRP J 52 -45.98 10.49 -22.53
CA TRP J 52 -46.52 11.83 -22.79
C TRP J 52 -45.63 12.70 -23.70
N LYS J 53 -44.35 12.33 -23.82
CA LYS J 53 -43.40 12.91 -24.77
C LYS J 53 -43.74 12.61 -26.24
N HIS J 54 -44.45 11.50 -26.46
CA HIS J 54 -44.90 11.09 -27.80
C HIS J 54 -46.36 11.51 -28.06
N ILE J 55 -47.20 11.40 -27.03
CA ILE J 55 -48.58 11.87 -27.02
C ILE J 55 -48.73 13.37 -27.29
N LYS J 56 -47.78 14.16 -26.75
CA LYS J 56 -47.70 15.63 -26.81
C LYS J 56 -48.47 16.36 -27.92
N HIS J 57 -48.33 15.87 -29.16
CA HIS J 57 -48.97 16.43 -30.34
C HIS J 57 -50.51 16.35 -30.39
N LYS J 58 -51.08 15.52 -29.53
CA LYS J 58 -52.52 15.24 -29.48
C LYS J 58 -53.35 16.42 -28.96
N TYR J 59 -52.94 16.96 -27.82
CA TYR J 59 -53.68 18.04 -27.15
C TYR J 59 -52.85 19.31 -27.09
N GLU J 60 -53.24 20.28 -27.93
CA GLU J 60 -52.29 21.13 -28.66
C GLU J 60 -51.58 22.19 -27.81
N ASN J 61 -52.32 23.18 -27.30
CA ASN J 61 -51.76 24.46 -26.89
C ASN J 61 -52.37 25.02 -25.60
N MET K 1 4.55 35.46 11.32
CA MET K 1 6.03 35.56 11.49
C MET K 1 6.75 34.70 10.45
N LEU K 2 6.78 35.21 9.22
CA LEU K 2 7.02 34.42 8.00
C LEU K 2 8.19 34.95 7.14
N THR K 3 9.25 35.39 7.81
CA THR K 3 10.37 36.03 7.13
C THR K 3 11.41 35.04 6.59
N ARG K 4 11.73 34.05 7.43
CA ARG K 4 12.00 32.64 7.07
C ARG K 4 11.85 32.24 5.60
N PHE K 5 10.65 32.43 5.04
CA PHE K 5 10.30 31.85 3.75
C PHE K 5 10.61 32.73 2.55
N LEU K 6 11.40 33.77 2.75
CA LEU K 6 11.78 34.69 1.66
C LEU K 6 13.27 34.60 1.31
N GLY K 7 13.56 33.81 0.29
CA GLY K 7 14.92 33.65 -0.24
C GLY K 7 14.94 32.96 -1.60
N PRO K 8 16.09 33.00 -2.30
CA PRO K 8 16.26 32.38 -3.62
C PRO K 8 15.65 30.99 -3.76
N ARG K 9 15.95 30.10 -2.83
CA ARG K 9 15.46 28.72 -2.87
C ARG K 9 13.94 28.66 -2.89
N TYR K 10 13.32 29.46 -2.03
CA TYR K 10 11.86 29.44 -1.87
C TYR K 10 11.16 29.87 -3.16
N ARG K 11 11.72 30.87 -3.84
CA ARG K 11 11.18 31.29 -5.12
C ARG K 11 11.38 30.32 -6.26
N GLN K 12 12.50 29.59 -6.24
CA GLN K 12 12.76 28.45 -7.15
C GLN K 12 11.70 27.38 -6.95
N LEU K 13 11.38 27.11 -5.69
CA LEU K 13 10.53 26.00 -5.28
C LEU K 13 9.04 26.29 -5.49
N ALA K 14 8.62 27.53 -5.24
CA ALA K 14 7.35 28.04 -5.75
C ALA K 14 7.22 27.98 -7.29
N ARG K 15 8.24 28.49 -8.00
CA ARG K 15 8.31 28.46 -9.47
C ARG K 15 8.26 27.04 -10.04
N ASN K 16 8.71 26.08 -9.23
CA ASN K 16 8.61 24.63 -9.48
C ASN K 16 7.19 24.08 -9.43
N TRP K 17 6.46 24.48 -8.38
CA TRP K 17 5.11 23.99 -8.10
C TRP K 17 4.02 24.88 -8.71
N VAL K 18 4.39 25.77 -9.63
CA VAL K 18 3.39 26.61 -10.28
C VAL K 18 2.50 26.02 -11.39
N PRO K 19 3.07 25.33 -12.40
CA PRO K 19 2.24 24.63 -13.39
C PRO K 19 1.30 23.62 -12.74
N THR K 20 1.76 22.92 -11.70
CA THR K 20 0.91 22.01 -10.96
C THR K 20 -0.28 22.71 -10.31
N ALA K 21 -0.01 23.82 -9.61
CA ALA K 21 -1.03 24.54 -8.84
C ALA K 21 -2.07 25.22 -9.75
N SER K 22 -1.58 25.75 -10.87
CA SER K 22 -2.38 26.12 -12.04
C SER K 22 -3.42 25.05 -12.40
N LEU K 23 -2.97 23.85 -12.73
CA LEU K 23 -3.85 22.73 -13.11
C LEU K 23 -4.81 22.25 -12.02
N TRP K 24 -4.47 22.47 -10.76
CA TRP K 24 -5.27 22.02 -9.64
C TRP K 24 -6.53 22.86 -9.42
N GLY K 25 -6.44 24.14 -9.75
CA GLY K 25 -7.60 25.01 -9.88
C GLY K 25 -8.43 24.76 -11.13
N ALA K 26 -7.79 24.43 -12.24
CA ALA K 26 -8.48 23.86 -13.41
C ALA K 26 -9.35 22.63 -13.08
N VAL K 27 -8.77 21.65 -12.39
CA VAL K 27 -9.49 20.51 -11.82
C VAL K 27 -10.68 20.93 -10.92
N GLY K 28 -10.42 21.87 -10.02
CA GLY K 28 -11.34 22.15 -8.93
C GLY K 28 -12.57 22.92 -9.35
N ALA K 29 -12.38 23.87 -10.27
CA ALA K 29 -13.44 24.74 -10.79
C ALA K 29 -14.36 23.99 -11.76
N VAL K 30 -13.74 23.32 -12.73
CA VAL K 30 -14.42 22.55 -13.76
C VAL K 30 -15.27 21.44 -13.14
N GLY K 31 -14.77 20.86 -12.05
CA GLY K 31 -15.54 19.99 -11.17
C GLY K 31 -16.74 20.66 -10.52
N LEU K 32 -16.54 21.86 -9.97
CA LEU K 32 -17.64 22.67 -9.42
C LEU K 32 -18.63 23.11 -10.50
N VAL K 33 -18.12 23.41 -11.70
CA VAL K 33 -18.92 23.76 -12.88
C VAL K 33 -19.87 22.61 -13.23
N TRP K 34 -19.29 21.43 -13.42
CA TRP K 34 -19.99 20.18 -13.68
C TRP K 34 -20.93 19.75 -12.55
N ALA K 35 -20.49 19.83 -11.30
CA ALA K 35 -21.31 19.37 -10.17
C ALA K 35 -22.52 20.24 -9.85
N THR K 36 -22.44 21.54 -10.14
CA THR K 36 -23.58 22.45 -9.95
C THR K 36 -24.40 22.68 -11.24
N ASP K 37 -23.87 22.16 -12.35
CA ASP K 37 -24.31 22.47 -13.72
C ASP K 37 -24.42 23.97 -13.92
N TRP K 38 -23.29 24.67 -13.79
CA TRP K 38 -23.27 26.13 -13.86
C TRP K 38 -23.47 26.61 -15.30
N ARG K 39 -24.70 26.37 -15.76
CA ARG K 39 -25.54 27.32 -16.49
C ARG K 39 -24.81 28.48 -17.14
N LEU K 40 -24.41 29.46 -16.34
CA LEU K 40 -23.70 30.66 -16.80
C LEU K 40 -22.46 30.34 -17.62
N ILE K 41 -21.63 29.41 -17.13
CA ILE K 41 -20.41 28.98 -17.84
C ILE K 41 -20.72 28.02 -19.00
N LEU K 42 -21.51 26.99 -18.72
CA LEU K 42 -21.65 25.83 -19.60
C LEU K 42 -22.31 26.06 -20.97
N ASP K 43 -23.13 27.11 -21.08
CA ASP K 43 -23.63 27.66 -22.36
C ASP K 43 -22.55 27.89 -23.42
N TRP K 44 -21.34 28.26 -22.96
CA TRP K 44 -20.16 28.44 -23.82
C TRP K 44 -19.64 27.16 -24.47
N VAL K 45 -19.85 26.02 -23.80
CA VAL K 45 -19.30 24.71 -24.21
C VAL K 45 -20.17 24.06 -25.30
N PRO K 46 -19.62 23.88 -26.51
CA PRO K 46 -20.31 23.11 -27.56
C PRO K 46 -20.45 21.62 -27.19
N TYR K 47 -21.49 20.97 -27.72
CA TYR K 47 -22.05 19.71 -27.22
C TYR K 47 -22.88 19.82 -25.93
N ILE K 48 -22.33 20.46 -24.89
CA ILE K 48 -22.78 20.27 -23.51
C ILE K 48 -24.00 21.11 -23.08
N ASN K 49 -24.24 22.21 -23.76
CA ASN K 49 -25.52 22.94 -23.68
C ASN K 49 -26.73 22.16 -24.20
N GLY K 50 -27.32 21.35 -23.31
CA GLY K 50 -28.46 20.50 -23.61
C GLY K 50 -29.72 20.95 -22.89
N LYS K 51 -30.61 21.60 -23.64
CA LYS K 51 -31.42 22.72 -23.14
C LYS K 51 -32.93 22.48 -23.26
#